data_4ODE
# 
_entry.id   4ODE 
# 
_audit_conform.dict_name       mmcif_pdbx.dic 
_audit_conform.dict_version    5.379 
_audit_conform.dict_location   http://mmcif.pdb.org/dictionaries/ascii/mmcif_pdbx.dic 
# 
loop_
_database_2.database_id 
_database_2.database_code 
_database_2.pdbx_database_accession 
_database_2.pdbx_DOI 
PDB   4ODE         pdb_00004ode 10.2210/pdb4ode/pdb 
RCSB  RCSB084351   ?            ?                   
WWPDB D_1000084351 ?            ?                   
# 
_pdbx_database_status.entry_id                        4ODE 
_pdbx_database_status.status_code                     REL 
_pdbx_database_status.deposit_site                    RCSB 
_pdbx_database_status.process_site                    RCSB 
_pdbx_database_status.recvd_initial_deposition_date   2014-01-10 
_pdbx_database_status.status_code_sf                  REL 
_pdbx_database_status.status_code_mr                  ? 
_pdbx_database_status.SG_entry                        ? 
_pdbx_database_status.status_code_cs                  ? 
_pdbx_database_status.pdb_format_compatible           Y 
_pdbx_database_status.methods_development_category    ? 
_pdbx_database_status.status_code_nmr_data            ? 
# 
loop_
_audit_author.name 
_audit_author.pdbx_ordinal 
'Shaffer, P.L.' 1 
'Huang, X.'     2 
'Yakowec, P.'   3 
'Long, A.M.'    4 
# 
_citation.id                        primary 
_citation.title                     
'Novel Inhibitors of the MDM2-p53 Interaction Featuring Hydrogen Bond Acceptors as Carboxylic Acid Isosteres.' 
_citation.journal_abbrev            J.Med.Chem. 
_citation.journal_volume            57 
_citation.page_first                2963 
_citation.page_last                 2988 
_citation.year                      2014 
_citation.journal_id_ASTM           JMCMAR 
_citation.country                   US 
_citation.journal_id_ISSN           0022-2623 
_citation.journal_id_CSD            0151 
_citation.book_publisher            ? 
_citation.pdbx_database_id_PubMed   24601644 
_citation.pdbx_database_id_DOI      10.1021/jm401911v 
# 
loop_
_citation_author.citation_id 
_citation_author.name 
_citation_author.ordinal 
_citation_author.identifier_ORCID 
primary 'Gonzalez, A.Z.'  1  ? 
primary 'Li, Z.'          2  ? 
primary 'Beck, H.P.'      3  ? 
primary 'Canon, J.'       4  ? 
primary 'Chen, A.'        5  ? 
primary 'Chow, D.'        6  ? 
primary 'Duquette, J.'    7  ? 
primary 'Eksterowicz, J.' 8  ? 
primary 'Fox, B.M.'       9  ? 
primary 'Fu, J.'          10 ? 
primary 'Huang, X.'       11 ? 
primary 'Houze, J.'       12 ? 
primary 'Jin, L.'         13 ? 
primary 'Li, Y.'          14 ? 
primary 'Ling, Y.'        15 ? 
primary 'Lo, M.C.'        16 ? 
primary 'Long, A.M.'      17 ? 
primary 'McGee, L.R.'     18 ? 
primary 'McIntosh, J.'    19 ? 
primary 'Oliner, J.D.'    20 ? 
primary 'Osgood, T.'      21 ? 
primary 'Rew, Y.'         22 ? 
primary 'Saiki, A.Y.'     23 ? 
primary 'Shaffer, P.'     24 ? 
primary 'Wortman, S.'     25 ? 
primary 'Yakowec, P.'     26 ? 
primary 'Yan, X.'         27 ? 
primary 'Ye, Q.'          28 ? 
primary 'Yu, D.'          29 ? 
primary 'Zhao, X.'        30 ? 
primary 'Zhou, J.'        31 ? 
primary 'Olson, S.H.'     32 ? 
primary 'Sun, D.'         33 ? 
primary 'Medina, J.C.'    34 ? 
# 
_cell.length_a           45.517 
_cell.length_b           45.517 
_cell.length_c           208.624 
_cell.angle_alpha        90.000 
_cell.angle_beta         90.000 
_cell.angle_gamma        120.000 
_cell.entry_id           4ODE 
_cell.pdbx_unique_axis   ? 
_cell.Z_PDB              12 
_cell.length_a_esd       ? 
_cell.length_b_esd       ? 
_cell.length_c_esd       ? 
_cell.angle_alpha_esd    ? 
_cell.angle_beta_esd     ? 
_cell.angle_gamma_esd    ? 
# 
_symmetry.space_group_name_H-M             'P 61 2 2' 
_symmetry.entry_id                         4ODE 
_symmetry.Int_Tables_number                178 
_symmetry.pdbx_full_space_group_name_H-M   ? 
_symmetry.cell_setting                     ? 
_symmetry.space_group_name_Hall            ? 
# 
loop_
_entity.id 
_entity.type 
_entity.src_method 
_entity.pdbx_description 
_entity.formula_weight 
_entity.pdbx_number_of_molecules 
_entity.pdbx_ec 
_entity.pdbx_mutation 
_entity.pdbx_fragment 
_entity.details 
1 polymer     man 'E3 ubiquitin-protein ligase Mdm2' 12045.075 1  6.3.2.- ? 'UNP Residues 6-110' ? 
2 non-polymer syn 
;(2-{[(3R,5R,6S)-1-[(1S)-2-(tert-butylsulfonyl)-1-cyclopropylethyl]-6-(4-chloro-3-fluorophenyl)-5-(3-chlorophenyl)-3-methyl-2-oxopiperidin-3-yl]methyl}-1,3-thiazol-5-yl)acetic acid
;
695.692   1  ?       ? ?                    ? 
3 non-polymer syn 'SULFATE ION' 96.063    2  ?       ? ?                    ? 
4 water       nat water 18.015    84 ?       ? ?                    ? 
# 
_entity_name_com.entity_id   1 
_entity_name_com.name        'Double minute 2 protein, Hdm2, Oncoprotein Mdm2, p53-binding protein Mdm2' 
# 
_entity_poly.entity_id                      1 
_entity_poly.type                           'polypeptide(L)' 
_entity_poly.nstd_linkage                   no 
_entity_poly.nstd_monomer                   no 
_entity_poly.pdbx_seq_one_letter_code       
;MSVPTDGAVTTSQIPASEQETLVRPKPLLLKLLKSVGAQKDTYTMKEVLFYLGQYIMTKRLYDEKQQHIVYCSNDLLGDL
FGVPSFSVKEHRKIYTMIYRNLVVV
;
_entity_poly.pdbx_seq_one_letter_code_can   
;MSVPTDGAVTTSQIPASEQETLVRPKPLLLKLLKSVGAQKDTYTMKEVLFYLGQYIMTKRLYDEKQQHIVYCSNDLLGDL
FGVPSFSVKEHRKIYTMIYRNLVVV
;
_entity_poly.pdbx_strand_id                 A 
_entity_poly.pdbx_target_identifier         ? 
# 
loop_
_entity_poly_seq.entity_id 
_entity_poly_seq.num 
_entity_poly_seq.mon_id 
_entity_poly_seq.hetero 
1 1   MET n 
1 2   SER n 
1 3   VAL n 
1 4   PRO n 
1 5   THR n 
1 6   ASP n 
1 7   GLY n 
1 8   ALA n 
1 9   VAL n 
1 10  THR n 
1 11  THR n 
1 12  SER n 
1 13  GLN n 
1 14  ILE n 
1 15  PRO n 
1 16  ALA n 
1 17  SER n 
1 18  GLU n 
1 19  GLN n 
1 20  GLU n 
1 21  THR n 
1 22  LEU n 
1 23  VAL n 
1 24  ARG n 
1 25  PRO n 
1 26  LYS n 
1 27  PRO n 
1 28  LEU n 
1 29  LEU n 
1 30  LEU n 
1 31  LYS n 
1 32  LEU n 
1 33  LEU n 
1 34  LYS n 
1 35  SER n 
1 36  VAL n 
1 37  GLY n 
1 38  ALA n 
1 39  GLN n 
1 40  LYS n 
1 41  ASP n 
1 42  THR n 
1 43  TYR n 
1 44  THR n 
1 45  MET n 
1 46  LYS n 
1 47  GLU n 
1 48  VAL n 
1 49  LEU n 
1 50  PHE n 
1 51  TYR n 
1 52  LEU n 
1 53  GLY n 
1 54  GLN n 
1 55  TYR n 
1 56  ILE n 
1 57  MET n 
1 58  THR n 
1 59  LYS n 
1 60  ARG n 
1 61  LEU n 
1 62  TYR n 
1 63  ASP n 
1 64  GLU n 
1 65  LYS n 
1 66  GLN n 
1 67  GLN n 
1 68  HIS n 
1 69  ILE n 
1 70  VAL n 
1 71  TYR n 
1 72  CYS n 
1 73  SER n 
1 74  ASN n 
1 75  ASP n 
1 76  LEU n 
1 77  LEU n 
1 78  GLY n 
1 79  ASP n 
1 80  LEU n 
1 81  PHE n 
1 82  GLY n 
1 83  VAL n 
1 84  PRO n 
1 85  SER n 
1 86  PHE n 
1 87  SER n 
1 88  VAL n 
1 89  LYS n 
1 90  GLU n 
1 91  HIS n 
1 92  ARG n 
1 93  LYS n 
1 94  ILE n 
1 95  TYR n 
1 96  THR n 
1 97  MET n 
1 98  ILE n 
1 99  TYR n 
1 100 ARG n 
1 101 ASN n 
1 102 LEU n 
1 103 VAL n 
1 104 VAL n 
1 105 VAL n 
# 
_entity_src_gen.entity_id                          1 
_entity_src_gen.pdbx_src_id                        1 
_entity_src_gen.pdbx_alt_source_flag               sample 
_entity_src_gen.pdbx_seq_type                      ? 
_entity_src_gen.pdbx_beg_seq_num                   ? 
_entity_src_gen.pdbx_end_seq_num                   ? 
_entity_src_gen.gene_src_common_name               human 
_entity_src_gen.gene_src_genus                     ? 
_entity_src_gen.pdbx_gene_src_gene                 MDM2 
_entity_src_gen.gene_src_species                   ? 
_entity_src_gen.gene_src_strain                    ? 
_entity_src_gen.gene_src_tissue                    ? 
_entity_src_gen.gene_src_tissue_fraction           ? 
_entity_src_gen.gene_src_details                   ? 
_entity_src_gen.pdbx_gene_src_fragment             ? 
_entity_src_gen.pdbx_gene_src_scientific_name      'Homo sapiens' 
_entity_src_gen.pdbx_gene_src_ncbi_taxonomy_id     9606 
_entity_src_gen.pdbx_gene_src_variant              ? 
_entity_src_gen.pdbx_gene_src_cell_line            ? 
_entity_src_gen.pdbx_gene_src_atcc                 ? 
_entity_src_gen.pdbx_gene_src_organ                ? 
_entity_src_gen.pdbx_gene_src_organelle            ? 
_entity_src_gen.pdbx_gene_src_cell                 ? 
_entity_src_gen.pdbx_gene_src_cellular_location    ? 
_entity_src_gen.host_org_common_name               ? 
_entity_src_gen.pdbx_host_org_scientific_name      'Escherichia coli' 
_entity_src_gen.pdbx_host_org_ncbi_taxonomy_id     562 
_entity_src_gen.host_org_genus                     ? 
_entity_src_gen.pdbx_host_org_gene                 ? 
_entity_src_gen.pdbx_host_org_organ                ? 
_entity_src_gen.host_org_species                   ? 
_entity_src_gen.pdbx_host_org_tissue               ? 
_entity_src_gen.pdbx_host_org_tissue_fraction      ? 
_entity_src_gen.pdbx_host_org_strain               ? 
_entity_src_gen.pdbx_host_org_variant              ? 
_entity_src_gen.pdbx_host_org_cell_line            ? 
_entity_src_gen.pdbx_host_org_atcc                 ? 
_entity_src_gen.pdbx_host_org_culture_collection   ? 
_entity_src_gen.pdbx_host_org_cell                 ? 
_entity_src_gen.pdbx_host_org_organelle            ? 
_entity_src_gen.pdbx_host_org_cellular_location    ? 
_entity_src_gen.pdbx_host_org_vector_type          ? 
_entity_src_gen.pdbx_host_org_vector               ? 
_entity_src_gen.host_org_details                   ? 
_entity_src_gen.expression_system_id               ? 
_entity_src_gen.plasmid_name                       ? 
_entity_src_gen.plasmid_details                    ? 
_entity_src_gen.pdbx_description                   ? 
# 
_struct_ref.id                         1 
_struct_ref.db_name                    UNP 
_struct_ref.db_code                    MDM2_HUMAN 
_struct_ref.pdbx_db_accession          Q00987 
_struct_ref.entity_id                  1 
_struct_ref.pdbx_seq_one_letter_code   
;MSVPTDGAVTTSQIPASEQETLVRPKPLLLKLLKSVGAQKDTYTMKEVLFYLGQYIMTKRLYDEKQQHIVYCSNDLLGDL
FGVPSFSVKEHRKIYTMIYRNLVVV
;
_struct_ref.pdbx_align_begin           6 
_struct_ref.pdbx_db_isoform            ? 
# 
_struct_ref_seq.align_id                      1 
_struct_ref_seq.ref_id                        1 
_struct_ref_seq.pdbx_PDB_id_code              4ODE 
_struct_ref_seq.pdbx_strand_id                A 
_struct_ref_seq.seq_align_beg                 1 
_struct_ref_seq.pdbx_seq_align_beg_ins_code   ? 
_struct_ref_seq.seq_align_end                 105 
_struct_ref_seq.pdbx_seq_align_end_ins_code   ? 
_struct_ref_seq.pdbx_db_accession             Q00987 
_struct_ref_seq.db_align_beg                  6 
_struct_ref_seq.pdbx_db_align_beg_ins_code    ? 
_struct_ref_seq.db_align_end                  110 
_struct_ref_seq.pdbx_db_align_end_ins_code    ? 
_struct_ref_seq.pdbx_auth_seq_align_beg       6 
_struct_ref_seq.pdbx_auth_seq_align_end       110 
# 
loop_
_chem_comp.id 
_chem_comp.type 
_chem_comp.mon_nstd_flag 
_chem_comp.name 
_chem_comp.pdbx_synonyms 
_chem_comp.formula 
_chem_comp.formula_weight 
2U0 non-polymer         . 
;(2-{[(3R,5R,6S)-1-[(1S)-2-(tert-butylsulfonyl)-1-cyclopropylethyl]-6-(4-chloro-3-fluorophenyl)-5-(3-chlorophenyl)-3-methyl-2-oxopiperidin-3-yl]methyl}-1,3-thiazol-5-yl)acetic acid
;
? 'C33 H37 Cl2 F N2 O5 S2' 695.692 
ALA 'L-peptide linking' y ALANINE ? 'C3 H7 N O2'             89.093  
ARG 'L-peptide linking' y ARGININE ? 'C6 H15 N4 O2 1'         175.209 
ASN 'L-peptide linking' y ASPARAGINE ? 'C4 H8 N2 O3'            132.118 
ASP 'L-peptide linking' y 'ASPARTIC ACID' ? 'C4 H7 N O4'             133.103 
CYS 'L-peptide linking' y CYSTEINE ? 'C3 H7 N O2 S'           121.158 
GLN 'L-peptide linking' y GLUTAMINE ? 'C5 H10 N2 O3'           146.144 
GLU 'L-peptide linking' y 'GLUTAMIC ACID' ? 'C5 H9 N O4'             147.129 
GLY 'peptide linking'   y GLYCINE ? 'C2 H5 N O2'             75.067  
HIS 'L-peptide linking' y HISTIDINE ? 'C6 H10 N3 O2 1'         156.162 
HOH non-polymer         . WATER ? 'H2 O'                   18.015  
ILE 'L-peptide linking' y ISOLEUCINE ? 'C6 H13 N O2'            131.173 
LEU 'L-peptide linking' y LEUCINE ? 'C6 H13 N O2'            131.173 
LYS 'L-peptide linking' y LYSINE ? 'C6 H15 N2 O2 1'         147.195 
MET 'L-peptide linking' y METHIONINE ? 'C5 H11 N O2 S'          149.211 
PHE 'L-peptide linking' y PHENYLALANINE ? 'C9 H11 N O2'            165.189 
PRO 'L-peptide linking' y PROLINE ? 'C5 H9 N O2'             115.130 
SER 'L-peptide linking' y SERINE ? 'C3 H7 N O3'             105.093 
SO4 non-polymer         . 'SULFATE ION' ? 'O4 S -2'                96.063  
THR 'L-peptide linking' y THREONINE ? 'C4 H9 N O3'             119.119 
TYR 'L-peptide linking' y TYROSINE ? 'C9 H11 N O3'            181.189 
VAL 'L-peptide linking' y VALINE ? 'C5 H11 N O2'            117.146 
# 
_exptl.crystals_number   1 
_exptl.entry_id          4ODE 
_exptl.method            'X-RAY DIFFRACTION' 
# 
_exptl_crystal.id                    1 
_exptl_crystal.density_Matthews      2.59 
_exptl_crystal.density_meas          ? 
_exptl_crystal.density_percent_sol   52.50 
_exptl_crystal.description           ? 
_exptl_crystal.F_000                 ? 
_exptl_crystal.preparation           ? 
# 
_exptl_crystal_grow.crystal_id      1 
_exptl_crystal_grow.method          'VAPOR DIFFUSION, HANGING DROP' 
_exptl_crystal_grow.pH              5.0 
_exptl_crystal_grow.temp            277 
_exptl_crystal_grow.pdbx_details    
'0.8-1.8M Ammonium Sulfate, 0.1M sodium citrate, pH 5.0, VAPOR DIFFUSION, HANGING DROP, temperature 277K' 
_exptl_crystal_grow.temp_details    ? 
_exptl_crystal_grow.pdbx_pH_range   ? 
# 
_diffrn.id                     1 
_diffrn.ambient_temp           100 
_diffrn.ambient_temp_details   ? 
_diffrn.crystal_id             1 
# 
_diffrn_detector.diffrn_id              1 
_diffrn_detector.detector               CCD 
_diffrn_detector.type                   'MARMOSAIC 300 mm CCD' 
_diffrn_detector.pdbx_collection_date   2012-10-20 
_diffrn_detector.details                ? 
# 
_diffrn_radiation.diffrn_id                        1 
_diffrn_radiation.pdbx_diffrn_protocol             'SINGLE WAVELENGTH' 
_diffrn_radiation.monochromator                    ? 
_diffrn_radiation.wavelength_id                    1 
_diffrn_radiation.pdbx_monochromatic_or_laue_m_l   M 
_diffrn_radiation.pdbx_scattering_type             x-ray 
# 
_diffrn_radiation_wavelength.id           1 
_diffrn_radiation_wavelength.wavelength   1 
_diffrn_radiation_wavelength.wt           1.0 
# 
_diffrn_source.diffrn_id                   1 
_diffrn_source.source                      SYNCHROTRON 
_diffrn_source.type                        'APS BEAMLINE 22-ID' 
_diffrn_source.pdbx_wavelength_list        1 
_diffrn_source.pdbx_wavelength             ? 
_diffrn_source.pdbx_synchrotron_site       APS 
_diffrn_source.pdbx_synchrotron_beamline   22-ID 
# 
_reflns.entry_id                     4ODE 
_reflns.d_resolution_high            1.800 
_reflns.d_resolution_low             50.000 
_reflns.number_obs                   12861 
_reflns.pdbx_Rmerge_I_obs            0.091 
_reflns.pdbx_netI_over_sigmaI        7.400 
_reflns.pdbx_chi_squared             1.105 
_reflns.pdbx_redundancy              10.600 
_reflns.percent_possible_obs         100.000 
_reflns.observed_criterion_sigma_F   ? 
_reflns.observed_criterion_sigma_I   ? 
_reflns.number_all                   ? 
_reflns.pdbx_Rsym_value              ? 
_reflns.B_iso_Wilson_estimate        ? 
_reflns.R_free_details               ? 
_reflns.limit_h_max                  ? 
_reflns.limit_h_min                  ? 
_reflns.limit_k_max                  ? 
_reflns.limit_k_min                  ? 
_reflns.limit_l_max                  ? 
_reflns.limit_l_min                  ? 
_reflns.observed_criterion_F_max     ? 
_reflns.observed_criterion_F_min     ? 
_reflns.pdbx_scaling_rejects         ? 
_reflns.pdbx_ordinal                 1 
_reflns.pdbx_diffrn_id               1 
# 
loop_
_reflns_shell.d_res_high 
_reflns_shell.d_res_low 
_reflns_shell.number_measured_obs 
_reflns_shell.number_measured_all 
_reflns_shell.number_unique_obs 
_reflns_shell.Rmerge_I_obs 
_reflns_shell.meanI_over_sigI_obs 
_reflns_shell.pdbx_Rsym_value 
_reflns_shell.pdbx_chi_squared 
_reflns_shell.pdbx_redundancy 
_reflns_shell.percent_possible_obs 
_reflns_shell.number_unique_all 
_reflns_shell.percent_possible_all 
_reflns_shell.pdbx_ordinal 
_reflns_shell.pdbx_diffrn_id 
1.800 1.860  ? ? ? 0.954 ? ? 0.631 10.200 ? 1218 100.000 1  1 
1.860 1.940  ? ? ? 0.686 ? ? 0.689 10.600 ? 1234 100.000 2  1 
1.940 2.030  ? ? ? 0.493 ? ? 0.722 10.800 ? 1232 100.000 3  1 
2.030 2.130  ? ? ? 0.301 ? ? 0.775 10.600 ? 1263 100.000 4  1 
2.130 2.270  ? ? ? 0.215 ? ? 0.896 10.400 ? 1266 100.000 5  1 
2.270 2.440  ? ? ? 0.163 ? ? 1.011 10.500 ? 1248 100.000 6  1 
2.440 2.690  ? ? ? 0.121 ? ? 1.063 10.400 ? 1280 100.000 7  1 
2.690 3.080  ? ? ? 0.086 ? ? 1.346 10.700 ? 1291 100.000 8  1 
3.080 3.880  ? ? ? 0.058 ? ? 1.894 11.000 ? 1337 99.900  9  1 
3.880 50.000 ? ? ? 0.042 ? ? 1.760 10.600 ? 1492 99.800  10 1 
# 
_refine.entry_id                                 4ODE 
_refine.ls_d_res_high                            1.8000 
_refine.ls_d_res_low                             34.7710 
_refine.pdbx_ls_sigma_F                          1.350 
_refine.pdbx_data_cutoff_high_absF               ? 
_refine.pdbx_data_cutoff_low_absF                ? 
_refine.ls_percent_reflns_obs                    99.5800 
_refine.ls_number_reflns_obs                     12743 
_refine.ls_number_reflns_all                     ? 
_refine.pdbx_ls_cross_valid_method               THROUGHOUT 
_refine.pdbx_R_Free_selection_details            Random 
_refine.details                                  ? 
_refine.ls_R_factor_all                          ? 
_refine.ls_R_factor_obs                          0.1991 
_refine.ls_R_factor_R_work                       0.1982 
_refine.ls_wR_factor_R_work                      ? 
_refine.ls_R_factor_R_free                       0.2157 
_refine.ls_wR_factor_R_free                      ? 
_refine.ls_percent_reflns_R_free                 4.8400 
_refine.ls_number_reflns_R_free                  617 
_refine.ls_R_factor_R_free_error                 ? 
_refine.B_iso_mean                               17.0518 
_refine.solvent_model_param_bsol                 ? 
_refine.solvent_model_param_ksol                 ? 
_refine.pdbx_isotropic_thermal_model             ? 
_refine.aniso_B[1][1]                            ? 
_refine.aniso_B[2][2]                            ? 
_refine.aniso_B[3][3]                            ? 
_refine.aniso_B[1][2]                            ? 
_refine.aniso_B[1][3]                            ? 
_refine.aniso_B[2][3]                            ? 
_refine.correlation_coeff_Fo_to_Fc               ? 
_refine.correlation_coeff_Fo_to_Fc_free          ? 
_refine.overall_SU_R_Cruickshank_DPI             ? 
_refine.overall_SU_R_free                        ? 
_refine.pdbx_overall_ESU_R                       ? 
_refine.pdbx_overall_ESU_R_Free                  ? 
_refine.overall_SU_ML                            0.1600 
_refine.overall_SU_B                             ? 
_refine.solvent_model_details                    'FLAT BULK SOLVENT MODEL' 
_refine.pdbx_solvent_vdw_probe_radii             1.1100 
_refine.pdbx_solvent_ion_probe_radii             ? 
_refine.pdbx_solvent_shrinkage_radii             0.9000 
_refine.ls_number_parameters                     ? 
_refine.ls_number_restraints                     ? 
_refine.pdbx_starting_model                      'PDB Entry 4ERF' 
_refine.pdbx_method_to_determine_struct          'MOLECULAR REPLACEMENT' 
_refine.pdbx_stereochemistry_target_values       ML 
_refine.pdbx_stereochem_target_val_spec_case     ? 
_refine.overall_FOM_work_R_set                   ? 
_refine.B_iso_max                                46.150 
_refine.B_iso_min                                7.690 
_refine.pdbx_overall_phase_error                 21.4400 
_refine.occupancy_max                            1.000 
_refine.occupancy_min                            0.330 
_refine.pdbx_ls_sigma_I                          ? 
_refine.ls_redundancy_reflns_obs                 ? 
_refine.ls_R_factor_R_free_error_details         ? 
_refine.pdbx_data_cutoff_high_rms_absF           ? 
_refine.overall_FOM_free_R_set                   ? 
_refine.pdbx_diffrn_id                           1 
_refine.pdbx_refine_id                           'X-RAY DIFFRACTION' 
_refine.pdbx_TLS_residual_ADP_flag               ? 
_refine.pdbx_overall_SU_R_free_Cruickshank_DPI   ? 
_refine.pdbx_overall_SU_R_Blow_DPI               ? 
_refine.pdbx_overall_SU_R_free_Blow_DPI          ? 
# 
_refine_hist.pdbx_refine_id                   'X-RAY DIFFRACTION' 
_refine_hist.cycle_id                         LAST 
_refine_hist.pdbx_number_atoms_protein        828 
_refine_hist.pdbx_number_atoms_nucleic_acid   0 
_refine_hist.pdbx_number_atoms_ligand         55 
_refine_hist.number_atoms_solvent             84 
_refine_hist.number_atoms_total               967 
_refine_hist.d_res_high                       1.8000 
_refine_hist.d_res_low                        34.7710 
# 
_struct.entry_id                  4ODE 
_struct.title                     'Co-Crystal Structure of MDM2 with Inhibitor Compound 4' 
_struct.pdbx_model_details        ? 
_struct.pdbx_CASP_flag            ? 
_struct.pdbx_model_type_details   ? 
# 
_struct_keywords.entry_id        4ODE 
_struct_keywords.text            'P53, PROTEIN-PROTEIN INTERACTION, LIGASE-LIGASE INHIBITOR COMPLEX' 
_struct_keywords.pdbx_keywords   'LIGASE/LIGASE INHIBITOR' 
# 
loop_
_struct_asym.id 
_struct_asym.pdbx_blank_PDB_chainid_flag 
_struct_asym.pdbx_modified 
_struct_asym.entity_id 
_struct_asym.details 
A N N 1 ? 
B N N 2 ? 
C N N 3 ? 
D N N 3 ? 
E N N 4 ? 
# 
_struct_biol.id        1 
_struct_biol.details   ? 
# 
loop_
_struct_conf.conf_type_id 
_struct_conf.id 
_struct_conf.pdbx_PDB_helix_id 
_struct_conf.beg_label_comp_id 
_struct_conf.beg_label_asym_id 
_struct_conf.beg_label_seq_id 
_struct_conf.pdbx_beg_PDB_ins_code 
_struct_conf.end_label_comp_id 
_struct_conf.end_label_asym_id 
_struct_conf.end_label_seq_id 
_struct_conf.pdbx_end_PDB_ins_code 
_struct_conf.beg_auth_comp_id 
_struct_conf.beg_auth_asym_id 
_struct_conf.beg_auth_seq_id 
_struct_conf.end_auth_comp_id 
_struct_conf.end_auth_asym_id 
_struct_conf.end_auth_seq_id 
_struct_conf.pdbx_PDB_helix_class 
_struct_conf.details 
_struct_conf.pdbx_PDB_helix_length 
HELX_P HELX_P1 1 ALA A 16 ? GLU A 20  ? ALA A 21 GLU A 25  5 ? 5  
HELX_P HELX_P2 2 LYS A 26 ? VAL A 36  ? LYS A 31 VAL A 41  1 ? 11 
HELX_P HELX_P3 3 MET A 45 ? LYS A 59  ? MET A 50 LYS A 64  1 ? 15 
HELX_P HELX_P4 4 ASP A 75 ? GLY A 82  ? ASP A 80 GLY A 87  1 ? 8  
HELX_P HELX_P5 5 GLU A 90 ? ARG A 100 ? GLU A 95 ARG A 105 1 ? 11 
# 
_struct_conf_type.id          HELX_P 
_struct_conf_type.criteria    ? 
_struct_conf_type.reference   ? 
# 
loop_
_struct_sheet.id 
_struct_sheet.type 
_struct_sheet.number_strands 
_struct_sheet.details 
A ? 3 ? 
B ? 2 ? 
# 
loop_
_struct_sheet_order.sheet_id 
_struct_sheet_order.range_id_1 
_struct_sheet_order.range_id_2 
_struct_sheet_order.offset 
_struct_sheet_order.sense 
A 1 2 ? anti-parallel 
A 2 3 ? anti-parallel 
B 1 2 ? anti-parallel 
# 
loop_
_struct_sheet_range.sheet_id 
_struct_sheet_range.id 
_struct_sheet_range.beg_label_comp_id 
_struct_sheet_range.beg_label_asym_id 
_struct_sheet_range.beg_label_seq_id 
_struct_sheet_range.pdbx_beg_PDB_ins_code 
_struct_sheet_range.end_label_comp_id 
_struct_sheet_range.end_label_asym_id 
_struct_sheet_range.end_label_seq_id 
_struct_sheet_range.pdbx_end_PDB_ins_code 
_struct_sheet_range.beg_auth_comp_id 
_struct_sheet_range.beg_auth_asym_id 
_struct_sheet_range.beg_auth_seq_id 
_struct_sheet_range.end_auth_comp_id 
_struct_sheet_range.end_auth_asym_id 
_struct_sheet_range.end_auth_seq_id 
A 1 TYR A 43  ? THR A 44  ? TYR A 48  THR A 49  
A 2 LEU A 22  ? PRO A 25  ? LEU A 27  PRO A 30  
A 3 LEU A 102 ? VAL A 104 ? LEU A 107 VAL A 109 
B 1 ILE A 69  ? TYR A 71  ? ILE A 74  TYR A 76  
B 2 SER A 85  ? SER A 87  ? SER A 90  SER A 92  
# 
loop_
_pdbx_struct_sheet_hbond.sheet_id 
_pdbx_struct_sheet_hbond.range_id_1 
_pdbx_struct_sheet_hbond.range_id_2 
_pdbx_struct_sheet_hbond.range_1_label_atom_id 
_pdbx_struct_sheet_hbond.range_1_label_comp_id 
_pdbx_struct_sheet_hbond.range_1_label_asym_id 
_pdbx_struct_sheet_hbond.range_1_label_seq_id 
_pdbx_struct_sheet_hbond.range_1_PDB_ins_code 
_pdbx_struct_sheet_hbond.range_1_auth_atom_id 
_pdbx_struct_sheet_hbond.range_1_auth_comp_id 
_pdbx_struct_sheet_hbond.range_1_auth_asym_id 
_pdbx_struct_sheet_hbond.range_1_auth_seq_id 
_pdbx_struct_sheet_hbond.range_2_label_atom_id 
_pdbx_struct_sheet_hbond.range_2_label_comp_id 
_pdbx_struct_sheet_hbond.range_2_label_asym_id 
_pdbx_struct_sheet_hbond.range_2_label_seq_id 
_pdbx_struct_sheet_hbond.range_2_PDB_ins_code 
_pdbx_struct_sheet_hbond.range_2_auth_atom_id 
_pdbx_struct_sheet_hbond.range_2_auth_comp_id 
_pdbx_struct_sheet_hbond.range_2_auth_asym_id 
_pdbx_struct_sheet_hbond.range_2_auth_seq_id 
A 1 2 O TYR A 43 ? O TYR A 48 N VAL A 23  ? N VAL A 28  
A 2 3 N ARG A 24 ? N ARG A 29 O VAL A 103 ? O VAL A 108 
B 1 2 N VAL A 70 ? N VAL A 75 O PHE A 86  ? O PHE A 91  
# 
loop_
_struct_site.id 
_struct_site.pdbx_evidence_code 
_struct_site.pdbx_auth_asym_id 
_struct_site.pdbx_auth_comp_id 
_struct_site.pdbx_auth_seq_id 
_struct_site.pdbx_auth_ins_code 
_struct_site.pdbx_num_residues 
_struct_site.details 
AC1 Software A 2U0 201 ? 16 'BINDING SITE FOR RESIDUE 2U0 A 201' 
AC2 Software A SO4 202 ? 7  'BINDING SITE FOR RESIDUE SO4 A 202' 
AC3 Software A SO4 203 ? 6  'BINDING SITE FOR RESIDUE SO4 A 203' 
# 
loop_
_struct_site_gen.id 
_struct_site_gen.site_id 
_struct_site_gen.pdbx_num_res 
_struct_site_gen.label_comp_id 
_struct_site_gen.label_asym_id 
_struct_site_gen.label_seq_id 
_struct_site_gen.pdbx_auth_ins_code 
_struct_site_gen.auth_comp_id 
_struct_site_gen.auth_asym_id 
_struct_site_gen.auth_seq_id 
_struct_site_gen.label_atom_id 
_struct_site_gen.label_alt_id 
_struct_site_gen.symmetry 
_struct_site_gen.details 
1  AC1 16 VAL A 9   ? VAL A 14  . ? 1_555 ? 
2  AC1 16 THR A 11  ? THR A 16  . ? 1_555 ? 
3  AC1 16 GLU A 18  ? GLU A 23  . ? 8_445 ? 
4  AC1 16 LEU A 49  ? LEU A 54  . ? 1_555 ? 
5  AC1 16 LEU A 52  ? LEU A 57  . ? 1_555 ? 
6  AC1 16 ILE A 56  ? ILE A 61  . ? 1_555 ? 
7  AC1 16 MET A 57  ? MET A 62  . ? 1_555 ? 
8  AC1 16 PHE A 86  ? PHE A 91  . ? 1_555 ? 
9  AC1 16 VAL A 88  ? VAL A 93  . ? 1_555 ? 
10 AC1 16 LYS A 89  ? LYS A 94  . ? 1_555 ? 
11 AC1 16 HIS A 91  ? HIS A 96  . ? 1_555 ? 
12 AC1 16 ILE A 94  ? ILE A 99  . ? 1_555 ? 
13 AC1 16 VAL A 104 ? VAL A 109 . ? 8_445 ? 
14 AC1 16 HOH E .   ? HOH A 312 . ? 1_555 ? 
15 AC1 16 HOH E .   ? HOH A 326 . ? 1_555 ? 
16 AC1 16 HOH E .   ? HOH A 345 . ? 1_555 ? 
17 AC2 7  PRO A 15  ? PRO A 20  . ? 1_555 ? 
18 AC2 7  ALA A 16  ? ALA A 21  . ? 1_555 ? 
19 AC2 7  THR A 58  ? THR A 63  . ? 8_545 ? 
20 AC2 7  HOH E .   ? HOH A 302 . ? 8_545 ? 
21 AC2 7  HOH E .   ? HOH A 316 . ? 1_555 ? 
22 AC2 7  HOH E .   ? HOH A 352 . ? 1_555 ? 
23 AC2 7  HOH E .   ? HOH A 374 . ? 1_555 ? 
24 AC3 6  MET A 1   ? MET A 6   . ? 1_555 ? 
25 AC3 6  SER A 2   ? SER A 7   . ? 1_555 ? 
26 AC3 6  THR A 11  ? THR A 16  . ? 1_555 ? 
27 AC3 6  SER A 12  ? SER A 17  . ? 1_555 ? 
28 AC3 6  HOH E .   ? HOH A 340 . ? 1_555 ? 
29 AC3 6  HOH E .   ? HOH A 346 . ? 1_555 ? 
# 
_atom_sites.entry_id                    4ODE 
_atom_sites.fract_transf_matrix[1][1]   -0.01740622 
_atom_sites.fract_transf_matrix[1][2]   -0.00493434 
_atom_sites.fract_transf_matrix[1][3]   0.01778315 
_atom_sites.fract_transf_matrix[2][1]   -0.02267244 
_atom_sites.fract_transf_matrix[2][2]   0.01134214 
_atom_sites.fract_transf_matrix[2][3]   -0.00095007 
_atom_sites.fract_transf_matrix[3][1]   -0.00169420 
_atom_sites.fract_transf_matrix[3][2]   -0.00360943 
_atom_sites.fract_transf_matrix[3][3]   -0.00265981 
_atom_sites.fract_transf_vector[1]      0.078699 
_atom_sites.fract_transf_vector[2]      -0.443312 
_atom_sites.fract_transf_vector[3]      -0.026320 
# 
loop_
_atom_type.symbol 
C  
CL 
F  
N  
O  
S  
# 
loop_
_atom_site.group_PDB 
_atom_site.id 
_atom_site.type_symbol 
_atom_site.label_atom_id 
_atom_site.label_alt_id 
_atom_site.label_comp_id 
_atom_site.label_asym_id 
_atom_site.label_entity_id 
_atom_site.label_seq_id 
_atom_site.pdbx_PDB_ins_code 
_atom_site.Cartn_x 
_atom_site.Cartn_y 
_atom_site.Cartn_z 
_atom_site.occupancy 
_atom_site.B_iso_or_equiv 
_atom_site.pdbx_formal_charge 
_atom_site.auth_seq_id 
_atom_site.auth_comp_id 
_atom_site.auth_asym_id 
_atom_site.auth_atom_id 
_atom_site.pdbx_PDB_model_num 
ATOM   1   N  N   . MET A 1 1   ? 6.750   -8.626  -9.040  1.00 22.18 ? 6   MET A N   1 
ATOM   2   C  CA  A MET A 1 1   ? 5.333   -8.374  -8.796  0.61 23.16 ? 6   MET A CA  1 
ATOM   3   C  CA  B MET A 1 1   ? 5.328   -8.451  -8.772  0.39 22.87 ? 6   MET A CA  1 
ATOM   4   C  C   . MET A 1 1   ? 4.515   -8.712  -10.037 1.00 22.66 ? 6   MET A C   1 
ATOM   5   O  O   . MET A 1 1   ? 5.076   -8.908  -11.120 1.00 22.90 ? 6   MET A O   1 
ATOM   6   C  CB  A MET A 1 1   ? 5.110   -6.911  -8.388  0.61 24.41 ? 6   MET A CB  1 
ATOM   7   C  CB  B MET A 1 1   ? 5.046   -7.049  -8.214  0.39 23.78 ? 6   MET A CB  1 
ATOM   8   C  CG  A MET A 1 1   ? 5.514   -5.880  -9.447  0.61 26.14 ? 6   MET A CG  1 
ATOM   9   C  CG  B MET A 1 1   ? 4.827   -5.980  -9.270  0.39 25.29 ? 6   MET A CG  1 
ATOM   10  S  SD  A MET A 1 1   ? 4.262   -5.622  -10.727 0.61 21.96 ? 6   MET A SD  1 
ATOM   11  S  SD  B MET A 1 1   ? 6.236   -5.771  -10.365 0.39 27.47 ? 6   MET A SD  1 
ATOM   12  C  CE  A MET A 1 1   ? 5.256   -4.978  -12.067 0.61 18.57 ? 6   MET A CE  1 
ATOM   13  C  CE  B MET A 1 1   ? 5.399   -5.436  -11.914 0.39 18.47 ? 6   MET A CE  1 
ATOM   14  N  N   . SER A 1 2   ? 3.194   -8.753  -9.891  1.00 20.51 ? 7   SER A N   1 
ATOM   15  C  CA  . SER A 1 2   ? 2.303   -8.969  -11.030 1.00 20.28 ? 7   SER A CA  1 
ATOM   16  C  C   . SER A 1 2   ? 1.213   -7.903  -11.048 1.00 19.23 ? 7   SER A C   1 
ATOM   17  O  O   . SER A 1 2   ? 0.899   -7.310  -10.015 1.00 18.43 ? 7   SER A O   1 
ATOM   18  C  CB  . SER A 1 2   ? 1.676   -10.367 -10.990 1.00 20.96 ? 7   SER A CB  1 
ATOM   19  O  OG  . SER A 1 2   ? 2.655   -11.385 -11.147 1.00 21.23 ? 7   SER A OG  1 
ATOM   20  N  N   . VAL A 1 3   ? 0.643   -7.652  -12.222 1.00 18.14 ? 8   VAL A N   1 
ATOM   21  C  CA  . VAL A 1 3   ? -0.423  -6.662  -12.348 1.00 19.33 ? 8   VAL A CA  1 
ATOM   22  C  C   . VAL A 1 3   ? -1.644  -7.249  -13.074 1.00 19.70 ? 8   VAL A C   1 
ATOM   23  O  O   . VAL A 1 3   ? -1.806  -7.072  -14.281 1.00 19.40 ? 8   VAL A O   1 
ATOM   24  C  CB  . VAL A 1 3   ? 0.082   -5.355  -13.024 1.00 15.33 ? 8   VAL A CB  1 
ATOM   25  C  CG1 . VAL A 1 3   ? 0.989   -4.581  -12.070 1.00 16.78 ? 8   VAL A CG1 1 
ATOM   26  C  CG2 . VAL A 1 3   ? 0.827   -5.659  -14.328 1.00 14.11 ? 8   VAL A CG2 1 
ATOM   27  N  N   . PRO A 1 4   ? -2.507  -7.959  -12.326 1.00 20.20 ? 9   PRO A N   1 
ATOM   28  C  CA  . PRO A 1 4   ? -3.674  -8.656  -12.893 1.00 20.14 ? 9   PRO A CA  1 
ATOM   29  C  C   . PRO A 1 4   ? -4.705  -7.706  -13.519 1.00 20.15 ? 9   PRO A C   1 
ATOM   30  O  O   . PRO A 1 4   ? -5.442  -8.110  -14.417 1.00 20.81 ? 9   PRO A O   1 
ATOM   31  C  CB  . PRO A 1 4   ? -4.274  -9.379  -11.679 1.00 19.41 ? 9   PRO A CB  1 
ATOM   32  C  CG  . PRO A 1 4   ? -3.812  -8.571  -10.489 1.00 19.33 ? 9   PRO A CG  1 
ATOM   33  C  CD  . PRO A 1 4   ? -2.428  -8.110  -10.861 1.00 18.43 ? 9   PRO A CD  1 
ATOM   34  N  N   . THR A 1 5   ? -4.765  -6.465  -13.038 1.00 18.27 ? 10  THR A N   1 
ATOM   35  C  CA  . THR A 1 5   ? -5.653  -5.447  -13.602 1.00 19.96 ? 10  THR A CA  1 
ATOM   36  C  C   . THR A 1 5   ? -4.914  -4.109  -13.666 1.00 20.47 ? 10  THR A C   1 
ATOM   37  O  O   . THR A 1 5   ? -3.791  -3.998  -13.174 1.00 20.03 ? 10  THR A O   1 
ATOM   38  C  CB  . THR A 1 5   ? -6.932  -5.241  -12.748 1.00 22.06 ? 10  THR A CB  1 
ATOM   39  O  OG1 . THR A 1 5   ? -6.629  -4.416  -11.617 1.00 21.70 ? 10  THR A OG1 1 
ATOM   40  C  CG2 . THR A 1 5   ? -7.507  -6.573  -12.266 1.00 22.02 ? 10  THR A CG2 1 
ATOM   41  N  N   . ASP A 1 6   ? -5.557  -3.095  -14.244 1.00 22.19 ? 11  ASP A N   1 
ATOM   42  C  CA  . ASP A 1 6   ? -4.963  -1.757  -14.352 1.00 23.10 ? 11  ASP A CA  1 
ATOM   43  C  C   . ASP A 1 6   ? -4.944  -0.999  -13.033 1.00 20.36 ? 11  ASP A C   1 
ATOM   44  O  O   . ASP A 1 6   ? -4.426  0.115   -12.970 1.00 20.79 ? 11  ASP A O   1 
ATOM   45  C  CB  . ASP A 1 6   ? -5.718  -0.899  -15.370 1.00 27.29 ? 11  ASP A CB  1 
ATOM   46  C  CG  . ASP A 1 6   ? -5.637  -1.446  -16.775 1.00 33.20 ? 11  ASP A CG  1 
ATOM   47  O  OD1 . ASP A 1 6   ? -4.757  -2.292  -17.045 1.00 34.41 ? 11  ASP A OD1 1 
ATOM   48  O  OD2 . ASP A 1 6   ? -6.458  -1.021  -17.615 1.00 36.91 ? 11  ASP A OD2 1 
ATOM   49  N  N   . GLY A 1 7   ? -5.524  -1.584  -11.989 1.00 17.29 ? 12  GLY A N   1 
ATOM   50  C  CA  . GLY A 1 7   ? -5.616  -0.916  -10.702 1.00 13.78 ? 12  GLY A CA  1 
ATOM   51  C  C   . GLY A 1 7   ? -5.331  -1.849  -9.541  1.00 11.89 ? 12  GLY A C   1 
ATOM   52  O  O   . GLY A 1 7   ? -5.925  -1.735  -8.471  1.00 12.39 ? 12  GLY A O   1 
ATOM   53  N  N   . ALA A 1 8   ? -4.414  -2.780  -9.754  1.00 12.20 ? 13  ALA A N   1 
ATOM   54  C  CA  . ALA A 1 8   ? -4.071  -3.747  -8.724  1.00 12.10 ? 13  ALA A CA  1 
ATOM   55  C  C   . ALA A 1 8   ? -2.650  -4.231  -8.921  1.00 12.85 ? 13  ALA A C   1 
ATOM   56  O  O   . ALA A 1 8   ? -2.166  -4.334  -10.053 1.00 16.03 ? 13  ALA A O   1 
ATOM   57  C  CB  . ALA A 1 8   ? -5.036  -4.925  -8.766  1.00 12.97 ? 13  ALA A CB  1 
ATOM   58  N  N   . VAL A 1 9   ? -1.971  -4.521  -7.821  1.00 10.24 ? 14  VAL A N   1 
ATOM   59  C  CA  A VAL A 1 9   ? -0.633  -5.092  -7.880  0.33 11.15 ? 14  VAL A CA  1 
ATOM   60  C  CA  B VAL A 1 9   ? -0.643  -5.104  -7.892  0.67 11.21 ? 14  VAL A CA  1 
ATOM   61  C  C   . VAL A 1 9   ? -0.528  -6.262  -6.906  1.00 12.10 ? 14  VAL A C   1 
ATOM   62  O  O   . VAL A 1 9   ? -0.975  -6.169  -5.759  1.00 13.56 ? 14  VAL A O   1 
ATOM   63  C  CB  A VAL A 1 9   ? 0.466   -4.042  -7.591  0.33 11.11 ? 14  VAL A CB  1 
ATOM   64  C  CB  B VAL A 1 9   ? 0.464   -4.054  -7.661  0.67 11.00 ? 14  VAL A CB  1 
ATOM   65  C  CG1 A VAL A 1 9   ? 0.513   -2.994  -8.698  0.33 11.25 ? 14  VAL A CG1 1 
ATOM   66  C  CG1 B VAL A 1 9   ? 0.319   -3.391  -6.300  0.67 11.33 ? 14  VAL A CG1 1 
ATOM   67  C  CG2 A VAL A 1 9   ? 0.248   -3.377  -6.243  0.33 11.31 ? 14  VAL A CG2 1 
ATOM   68  C  CG2 B VAL A 1 9   ? 1.836   -4.688  -7.816  0.67 11.23 ? 14  VAL A CG2 1 
ATOM   69  N  N   . THR A 1 10  ? 0.043   -7.370  -7.371  1.00 12.70 ? 15  THR A N   1 
ATOM   70  C  CA  . THR A 1 10  ? 0.171   -8.559  -6.539  1.00 11.11 ? 15  THR A CA  1 
ATOM   71  C  C   . THR A 1 10  ? 1.612   -9.024  -6.400  1.00 11.51 ? 15  THR A C   1 
ATOM   72  O  O   . THR A 1 10  ? 2.490   -8.608  -7.156  1.00 12.17 ? 15  THR A O   1 
ATOM   73  C  CB  . THR A 1 10  ? -0.660  -9.731  -7.086  1.00 13.16 ? 15  THR A CB  1 
ATOM   74  O  OG1 . THR A 1 10  ? -0.226  -10.036 -8.417  1.00 15.56 ? 15  THR A OG1 1 
ATOM   75  C  CG2 . THR A 1 10  ? -2.144  -9.369  -7.099  1.00 12.82 ? 15  THR A CG2 1 
ATOM   76  N  N   . THR A 1 11  ? 1.841   -9.901  -5.429  1.00 9.99  ? 16  THR A N   1 
ATOM   77  C  CA  . THR A 1 11  ? 3.175   -10.410 -5.138  1.00 10.13 ? 16  THR A CA  1 
ATOM   78  C  C   . THR A 1 11  ? 3.134   -11.897 -4.780  1.00 11.12 ? 16  THR A C   1 
ATOM   79  O  O   . THR A 1 11  ? 2.174   -12.371 -4.174  1.00 11.00 ? 16  THR A O   1 
ATOM   80  C  CB  . THR A 1 11  ? 3.817   -9.640  -3.968  1.00 11.20 ? 16  THR A CB  1 
ATOM   81  O  OG1 . THR A 1 11  ? 5.009   -10.310 -3.551  1.00 11.69 ? 16  THR A OG1 1 
ATOM   82  C  CG2 . THR A 1 11  ? 2.865   -9.564  -2.780  1.00 12.88 ? 16  THR A CG2 1 
ATOM   83  N  N   . SER A 1 12  ? 4.187   -12.626 -5.142  1.00 11.83 ? 17  SER A N   1 
ATOM   84  C  CA  . SER A 1 12  ? 4.280   -14.045 -4.814  1.00 12.28 ? 17  SER A CA  1 
ATOM   85  C  C   . SER A 1 12  ? 4.665   -14.275 -3.353  1.00 11.62 ? 17  SER A C   1 
ATOM   86  O  O   . SER A 1 12  ? 4.648   -15.411 -2.874  1.00 11.96 ? 17  SER A O   1 
ATOM   87  C  CB  . SER A 1 12  ? 5.279   -14.748 -5.738  1.00 15.40 ? 17  SER A CB  1 
ATOM   88  O  OG  . SER A 1 12  ? 6.559   -14.147 -5.657  1.00 17.57 ? 17  SER A OG  1 
ATOM   89  N  N   . GLN A 1 13  ? 5.008   -13.199 -2.644  1.00 10.46 ? 18  GLN A N   1 
ATOM   90  C  CA  . GLN A 1 13  ? 5.389   -13.303 -1.237  1.00 9.71  ? 18  GLN A CA  1 
ATOM   91  C  C   . GLN A 1 13  ? 4.193   -13.548 -0.322  1.00 10.73 ? 18  GLN A C   1 
ATOM   92  O  O   . GLN A 1 13  ? 4.353   -13.965 0.823   1.00 13.85 ? 18  GLN A O   1 
ATOM   93  C  CB  . GLN A 1 13  ? 6.126   -12.040 -0.780  1.00 9.36  ? 18  GLN A CB  1 
ATOM   94  C  CG  . GLN A 1 13  ? 7.509   -11.875 -1.385  1.00 10.97 ? 18  GLN A CG  1 
ATOM   95  C  CD  . GLN A 1 13  ? 8.287   -10.743 -0.743  1.00 10.79 ? 18  GLN A CD  1 
ATOM   96  O  OE1 . GLN A 1 13  ? 8.127   -10.463 0.443   1.00 10.97 ? 18  GLN A OE1 1 
ATOM   97  N  NE2 . GLN A 1 13  ? 9.129   -10.079 -1.532  1.00 11.41 ? 18  GLN A NE2 1 
ATOM   98  N  N   . ILE A 1 14  ? 3.002   -13.271 -0.836  1.00 8.60  ? 19  ILE A N   1 
ATOM   99  C  CA  . ILE A 1 14  ? 1.765   -13.363 -0.069  1.00 11.21 ? 19  ILE A CA  1 
ATOM   100 C  C   . ILE A 1 14  ? 0.838   -14.306 -0.828  1.00 10.11 ? 19  ILE A C   1 
ATOM   101 O  O   . ILE A 1 14  ? 0.845   -14.306 -2.056  1.00 9.97  ? 19  ILE A O   1 
ATOM   102 C  CB  . ILE A 1 14  ? 1.095   -11.966 0.018   1.00 8.41  ? 19  ILE A CB  1 
ATOM   103 C  CG1 . ILE A 1 14  ? 2.063   -10.924 0.585   1.00 10.82 ? 19  ILE A CG1 1 
ATOM   104 C  CG2 . ILE A 1 14  ? -0.173  -12.008 0.844   1.00 8.21  ? 19  ILE A CG2 1 
ATOM   105 C  CD1 . ILE A 1 14  ? 2.339   -11.088 2.052   1.00 10.31 ? 19  ILE A CD1 1 
ATOM   106 N  N   . PRO A 1 15  ? 0.048   -15.129 -0.116  1.00 10.87 ? 20  PRO A N   1 
ATOM   107 C  CA  . PRO A 1 15  ? -0.878  -16.002 -0.854  1.00 10.86 ? 20  PRO A CA  1 
ATOM   108 C  C   . PRO A 1 15  ? -1.823  -15.197 -1.745  1.00 11.62 ? 20  PRO A C   1 
ATOM   109 O  O   . PRO A 1 15  ? -2.279  -14.120 -1.354  1.00 10.48 ? 20  PRO A O   1 
ATOM   110 C  CB  . PRO A 1 15  ? -1.667  -16.696 0.261   1.00 10.40 ? 20  PRO A CB  1 
ATOM   111 C  CG  . PRO A 1 15  ? -0.739  -16.709 1.424   1.00 10.60 ? 20  PRO A CG  1 
ATOM   112 C  CD  . PRO A 1 15  ? 0.033   -15.406 1.332   1.00 10.59 ? 20  PRO A CD  1 
ATOM   113 N  N   . ALA A 1 16  ? -2.106  -15.719 -2.935  1.00 10.22 ? 21  ALA A N   1 
ATOM   114 C  CA  . ALA A 1 16  ? -2.959  -15.030 -3.892  1.00 10.71 ? 21  ALA A CA  1 
ATOM   115 C  C   . ALA A 1 16  ? -4.307  -14.674 -3.277  1.00 10.73 ? 21  ALA A C   1 
ATOM   116 O  O   . ALA A 1 16  ? -4.796  -13.554 -3.429  1.00 11.96 ? 21  ALA A O   1 
ATOM   117 C  CB  . ALA A 1 16  ? -3.150  -15.887 -5.145  1.00 11.32 ? 21  ALA A CB  1 
ATOM   118 N  N   . SER A 1 17  ? -4.901  -15.623 -2.564  1.00 9.13  ? 22  SER A N   1 
ATOM   119 C  CA  . SER A 1 17  ? -6.218  -15.396 -1.981  1.00 12.15 ? 22  SER A CA  1 
ATOM   120 C  C   . SER A 1 17  ? -6.200  -14.275 -0.943  1.00 11.15 ? 22  SER A C   1 
ATOM   121 O  O   . SER A 1 17  ? -7.174  -13.529 -0.794  1.00 10.50 ? 22  SER A O   1 
ATOM   122 C  CB  . SER A 1 17  ? -6.761  -16.677 -1.356  1.00 12.77 ? 22  SER A CB  1 
ATOM   123 O  OG  . SER A 1 17  ? -8.051  -16.456 -0.826  1.00 14.46 ? 22  SER A OG  1 
ATOM   124 N  N   . GLU A 1 18  ? -5.094  -14.150 -0.222  1.00 8.78  ? 23  GLU A N   1 
ATOM   125 C  CA  . GLU A 1 18  ? -5.007  -13.101 0.792   1.00 9.35  ? 23  GLU A CA  1 
ATOM   126 C  C   . GLU A 1 18  ? -5.082  -11.723 0.145   1.00 9.87  ? 23  GLU A C   1 
ATOM   127 O  O   . GLU A 1 18  ? -5.596  -10.764 0.728   1.00 11.09 ? 23  GLU A O   1 
ATOM   128 C  CB  . GLU A 1 18  ? -3.734  -13.229 1.632   1.00 8.50  ? 23  GLU A CB  1 
ATOM   129 C  CG  . GLU A 1 18  ? -3.650  -12.144 2.712   1.00 8.34  ? 23  GLU A CG  1 
ATOM   130 C  CD  . GLU A 1 18  ? -2.503  -12.321 3.687   1.00 12.87 ? 23  GLU A CD  1 
ATOM   131 O  OE1 . GLU A 1 18  ? -1.813  -13.355 3.619   1.00 12.27 ? 23  GLU A OE1 1 
ATOM   132 O  OE2 . GLU A 1 18  ? -2.292  -11.408 4.524   1.00 11.64 ? 23  GLU A OE2 1 
ATOM   133 N  N   . GLN A 1 19  ? -4.588  -11.626 -1.080  1.00 9.23  ? 24  GLN A N   1 
ATOM   134 C  CA  . GLN A 1 19  ? -4.562  -10.345 -1.761  1.00 10.61 ? 24  GLN A CA  1 
ATOM   135 C  C   . GLN A 1 19  ? -5.935  -9.979  -2.328  1.00 10.43 ? 24  GLN A C   1 
ATOM   136 O  O   . GLN A 1 19  ? -6.127  -8.881  -2.850  1.00 10.73 ? 24  GLN A O   1 
ATOM   137 C  CB  . GLN A 1 19  ? -3.456  -10.350 -2.820  1.00 10.35 ? 24  GLN A CB  1 
ATOM   138 C  CG  . GLN A 1 19  ? -2.103  -10.721 -2.203  1.00 8.57  ? 24  GLN A CG  1 
ATOM   139 C  CD  . GLN A 1 19  ? -0.993  -10.880 -3.211  1.00 10.24 ? 24  GLN A CD  1 
ATOM   140 O  OE1 . GLN A 1 19  ? -0.547  -9.909  -3.817  1.00 11.68 ? 24  GLN A OE1 1 
ATOM   141 N  NE2 . GLN A 1 19  ? -0.535  -12.113 -3.396  1.00 10.86 ? 24  GLN A NE2 1 
ATOM   142 N  N   . GLU A 1 20  ? -6.891  -10.896 -2.189  1.00 10.88 ? 25  GLU A N   1 
ATOM   143 C  CA  . GLU A 1 20  ? -8.277  -10.652 -2.586  1.00 11.60 ? 25  GLU A CA  1 
ATOM   144 C  C   . GLU A 1 20  ? -9.150  -10.280 -1.390  1.00 11.52 ? 25  GLU A C   1 
ATOM   145 O  O   . GLU A 1 20  ? -10.353 -10.056 -1.539  1.00 11.90 ? 25  GLU A O   1 
ATOM   146 C  CB  . GLU A 1 20  ? -8.860  -11.885 -3.292  1.00 12.86 ? 25  GLU A CB  1 
ATOM   147 C  CG  . GLU A 1 20  ? -8.062  -12.333 -4.493  1.00 15.92 ? 25  GLU A CG  1 
ATOM   148 C  CD  . GLU A 1 20  ? -8.128  -11.342 -5.635  1.00 21.39 ? 25  GLU A CD  1 
ATOM   149 O  OE1 . GLU A 1 20  ? -9.152  -10.632 -5.746  1.00 24.06 ? 25  GLU A OE1 1 
ATOM   150 O  OE2 . GLU A 1 20  ? -7.155  -11.273 -6.417  1.00 24.75 ? 25  GLU A OE2 1 
ATOM   151 N  N   . THR A 1 21  ? -8.538  -10.216 -0.208  1.00 10.41 ? 26  THR A N   1 
ATOM   152 C  CA  . THR A 1 21  ? -9.238  -9.851  1.022   1.00 11.70 ? 26  THR A CA  1 
ATOM   153 C  C   . THR A 1 21  ? -9.924  -8.487  0.903   1.00 11.38 ? 26  THR A C   1 
ATOM   154 O  O   . THR A 1 21  ? -9.293  -7.505  0.522   1.00 9.88  ? 26  THR A O   1 
ATOM   155 C  CB  . THR A 1 21  ? -8.258  -9.789  2.217   1.00 11.78 ? 26  THR A CB  1 
ATOM   156 O  OG1 . THR A 1 21  ? -7.633  -11.066 2.386   1.00 11.65 ? 26  THR A OG1 1 
ATOM   157 C  CG2 . THR A 1 21  ? -8.992  -9.408  3.505   1.00 11.44 ? 26  THR A CG2 1 
ATOM   158 N  N   . LEU A 1 22  ? -11.215 -8.440  1.230   1.00 11.58 ? 27  LEU A N   1 
ATOM   159 C  CA  . LEU A 1 22  ? -12.001 -7.211  1.170   1.00 11.99 ? 27  LEU A CA  1 
ATOM   160 C  C   . LEU A 1 22  ? -11.808 -6.415  2.445   1.00 10.73 ? 27  LEU A C   1 
ATOM   161 O  O   . LEU A 1 22  ? -11.939 -6.950  3.538   1.00 10.03 ? 27  LEU A O   1 
ATOM   162 C  CB  . LEU A 1 22  ? -13.479 -7.516  1.019   1.00 15.85 ? 27  LEU A CB  1 
ATOM   163 C  CG  . LEU A 1 22  ? -13.873 -8.040  -0.346  1.00 18.97 ? 27  LEU A CG  1 
ATOM   164 C  CD1 . LEU A 1 22  ? -15.298 -8.555  -0.300  1.00 20.46 ? 27  LEU A CD1 1 
ATOM   165 C  CD2 . LEU A 1 22  ? -13.725 -6.894  -1.348  1.00 20.28 ? 27  LEU A CD2 1 
ATOM   166 N  N   . VAL A 1 23  ? -11.517 -5.129  2.285   1.00 9.66  ? 28  VAL A N   1 
ATOM   167 C  CA  . VAL A 1 23  ? -11.171 -4.287  3.416   1.00 8.35  ? 28  VAL A CA  1 
ATOM   168 C  C   . VAL A 1 23  ? -11.799 -2.904  3.301   1.00 9.14  ? 28  VAL A C   1 
ATOM   169 O  O   . VAL A 1 23  ? -12.067 -2.428  2.201   1.00 9.03  ? 28  VAL A O   1 
ATOM   170 C  CB  . VAL A 1 23  ? -9.637  -4.134  3.569   1.00 11.01 ? 28  VAL A CB  1 
ATOM   171 C  CG1 . VAL A 1 23  ? -8.963  -5.484  3.802   1.00 8.03  ? 28  VAL A CG1 1 
ATOM   172 C  CG2 . VAL A 1 23  ? -9.042  -3.448  2.338   1.00 11.73 ? 28  VAL A CG2 1 
ATOM   173 N  N   . ARG A 1 24  ? -12.036 -2.272  4.448   1.00 10.06 ? 29  ARG A N   1 
ATOM   174 C  CA  . ARG A 1 24  ? -12.524 -0.900  4.488   1.00 11.50 ? 29  ARG A CA  1 
ATOM   175 C  C   . ARG A 1 24  ? -11.500 -0.042  5.206   1.00 10.04 ? 29  ARG A C   1 
ATOM   176 O  O   . ARG A 1 24  ? -11.393 -0.099  6.432   1.00 10.07 ? 29  ARG A O   1 
ATOM   177 C  CB  . ARG A 1 24  ? -13.874 -0.826  5.203   1.00 15.50 ? 29  ARG A CB  1 
ATOM   178 C  CG  . ARG A 1 24  ? -14.957 -1.650  4.525   1.00 21.40 ? 29  ARG A CG  1 
ATOM   179 C  CD  . ARG A 1 24  ? -16.352 -1.297  5.012   1.00 26.54 ? 29  ARG A CD  1 
ATOM   180 N  NE  . ARG A 1 24  ? -17.371 -1.931  4.176   1.00 32.15 ? 29  ARG A NE  1 
ATOM   181 C  CZ  . ARG A 1 24  ? -18.074 -3.004  4.529   1.00 35.46 ? 29  ARG A CZ  1 
ATOM   182 N  NH1 . ARG A 1 24  ? -17.888 -3.563  5.719   1.00 36.83 ? 29  ARG A NH1 1 
ATOM   183 N  NH2 . ARG A 1 24  ? -18.977 -3.512  3.698   1.00 36.12 ? 29  ARG A NH2 1 
ATOM   184 N  N   . PRO A 1 25  ? -10.720 0.735   4.441   1.00 10.29 ? 30  PRO A N   1 
ATOM   185 C  CA  . PRO A 1 25  ? -9.693  1.596   5.028   1.00 8.10  ? 30  PRO A CA  1 
ATOM   186 C  C   . PRO A 1 25  ? -10.285 2.549   6.042   1.00 8.87  ? 30  PRO A C   1 
ATOM   187 O  O   . PRO A 1 25  ? -11.386 3.072   5.864   1.00 10.82 ? 30  PRO A O   1 
ATOM   188 C  CB  . PRO A 1 25  ? -9.172  2.386   3.829   1.00 10.17 ? 30  PRO A CB  1 
ATOM   189 C  CG  . PRO A 1 25  ? -9.400  1.456   2.653   1.00 9.93  ? 30  PRO A CG  1 
ATOM   190 C  CD  . PRO A 1 25  ? -10.709 0.782   2.970   1.00 9.95  ? 30  PRO A CD  1 
ATOM   191 N  N   . LYS A 1 26  ? -9.537  2.759   7.116   1.00 8.59  ? 31  LYS A N   1 
ATOM   192 C  CA  . LYS A 1 26  ? -9.877  3.769   8.099   1.00 9.71  ? 31  LYS A CA  1 
ATOM   193 C  C   . LYS A 1 26  ? -9.568  5.141   7.499   1.00 10.47 ? 31  LYS A C   1 
ATOM   194 O  O   . LYS A 1 26  ? -9.023  5.212   6.398   1.00 10.64 ? 31  LYS A O   1 
ATOM   195 C  CB  . LYS A 1 26  ? -9.111  3.484   9.383   1.00 10.81 ? 31  LYS A CB  1 
ATOM   196 C  CG  . LYS A 1 26  ? -9.790  2.418   10.209  1.00 14.08 ? 31  LYS A CG  1 
ATOM   197 C  CD  . LYS A 1 26  ? -8.886  1.952   11.323  1.00 18.74 ? 31  LYS A CD  1 
ATOM   198 C  CE  . LYS A 1 26  ? -9.620  1.005   12.240  1.00 23.21 ? 31  LYS A CE  1 
ATOM   199 N  NZ  . LYS A 1 26  ? -8.739  0.536   13.332  1.00 25.63 ? 31  LYS A NZ  1 
ATOM   200 N  N   . PRO A 1 27  ? -9.944  6.236   8.189   1.00 11.72 ? 32  PRO A N   1 
ATOM   201 C  CA  . PRO A 1 27  ? -9.875  7.549   7.529   1.00 11.29 ? 32  PRO A CA  1 
ATOM   202 C  C   . PRO A 1 27  ? -8.538  7.968   6.897   1.00 8.90  ? 32  PRO A C   1 
ATOM   203 O  O   . PRO A 1 27  ? -8.576  8.483   5.782   1.00 9.10  ? 32  PRO A O   1 
ATOM   204 C  CB  . PRO A 1 27  ? -10.292 8.513   8.637   1.00 10.76 ? 32  PRO A CB  1 
ATOM   205 C  CG  . PRO A 1 27  ? -11.275 7.706   9.430   1.00 8.95  ? 32  PRO A CG  1 
ATOM   206 C  CD  . PRO A 1 27  ? -10.702 6.313   9.455   1.00 11.76 ? 32  PRO A CD  1 
ATOM   207 N  N   . LEU A 1 28  ? -7.401  7.766   7.559   1.00 9.04  ? 33  LEU A N   1 
ATOM   208 C  CA  . LEU A 1 28  ? -6.136  8.220   6.978   1.00 9.61  ? 33  LEU A CA  1 
ATOM   209 C  C   . LEU A 1 28  ? -5.762  7.420   5.737   1.00 9.25  ? 33  LEU A C   1 
ATOM   210 O  O   . LEU A 1 28  ? -5.386  7.986   4.715   1.00 9.13  ? 33  LEU A O   1 
ATOM   211 C  CB  . LEU A 1 28  ? -4.990  8.186   7.994   1.00 10.12 ? 33  LEU A CB  1 
ATOM   212 C  CG  . LEU A 1 28  ? -3.627  8.660   7.471   1.00 11.04 ? 33  LEU A CG  1 
ATOM   213 C  CD1 . LEU A 1 28  ? -3.715  10.021  6.783   1.00 12.04 ? 33  LEU A CD1 1 
ATOM   214 C  CD2 . LEU A 1 28  ? -2.594  8.702   8.594   1.00 12.85 ? 33  LEU A CD2 1 
ATOM   215 N  N   . LEU A 1 29  ? -5.865  6.102   5.829   1.00 10.07 ? 34  LEU A N   1 
ATOM   216 C  CA  . LEU A 1 29  ? -5.563  5.268   4.674   1.00 9.43  ? 34  LEU A CA  1 
ATOM   217 C  C   . LEU A 1 29  ? -6.491  5.636   3.517   1.00 8.98  ? 34  LEU A C   1 
ATOM   218 O  O   . LEU A 1 29  ? -6.052  5.784   2.378   1.00 9.73  ? 34  LEU A O   1 
ATOM   219 C  CB  . LEU A 1 29  ? -5.696  3.787   5.033   1.00 8.19  ? 34  LEU A CB  1 
ATOM   220 C  CG  . LEU A 1 29  ? -5.482  2.800   3.887   1.00 9.03  ? 34  LEU A CG  1 
ATOM   221 C  CD1 . LEU A 1 29  ? -4.156  3.054   3.191   1.00 9.50  ? 34  LEU A CD1 1 
ATOM   222 C  CD2 . LEU A 1 29  ? -5.546  1.380   4.406   1.00 8.58  ? 34  LEU A CD2 1 
ATOM   223 N  N   . LEU A 1 30  ? -7.773  5.807   3.817   1.00 9.27  ? 35  LEU A N   1 
ATOM   224 C  CA  . LEU A 1 30  ? -8.753  6.124   2.786   1.00 9.46  ? 35  LEU A CA  1 
ATOM   225 C  C   . LEU A 1 30  ? -8.427  7.443   2.099   1.00 10.08 ? 35  LEU A C   1 
ATOM   226 O  O   . LEU A 1 30  ? -8.537  7.564   0.877   1.00 10.99 ? 35  LEU A O   1 
ATOM   227 C  CB  . LEU A 1 30  ? -10.166 6.154   3.367   1.00 10.33 ? 35  LEU A CB  1 
ATOM   228 C  CG  . LEU A 1 30  ? -11.303 6.207   2.348   1.00 13.22 ? 35  LEU A CG  1 
ATOM   229 C  CD1 . LEU A 1 30  ? -11.261 4.982   1.436   1.00 13.20 ? 35  LEU A CD1 1 
ATOM   230 C  CD2 . LEU A 1 30  ? -12.645 6.303   3.050   1.00 14.46 ? 35  LEU A CD2 1 
ATOM   231 N  N   . LYS A 1 31  ? -8.003  8.428   2.888   1.00 11.01 ? 36  LYS A N   1 
ATOM   232 C  CA  . LYS A 1 31  ? -7.641  9.729   2.347   1.00 10.81 ? 36  LYS A CA  1 
ATOM   233 C  C   . LYS A 1 31  ? -6.494  9.611   1.354   1.00 11.30 ? 36  LYS A C   1 
ATOM   234 O  O   . LYS A 1 31  ? -6.517  10.239  0.300   1.00 12.99 ? 36  LYS A O   1 
ATOM   235 C  CB  . LYS A 1 31  ? -7.259  10.696  3.477   1.00 10.00 ? 36  LYS A CB  1 
ATOM   236 C  CG  . LYS A 1 31  ? -6.721  12.042  2.997   1.00 16.30 ? 36  LYS A CG  1 
ATOM   237 C  CD  . LYS A 1 31  ? -7.799  13.115  3.009   1.00 20.26 ? 36  LYS A CD  1 
ATOM   238 N  N   . LEU A 1 32  ? -5.495  8.797   1.684   1.00 9.74  ? 37  LEU A N   1 
ATOM   239 C  CA  . LEU A 1 32  ? -4.340  8.637   0.808   1.00 9.92  ? 37  LEU A CA  1 
ATOM   240 C  C   . LEU A 1 32  ? -4.761  8.005   -0.520  1.00 10.65 ? 37  LEU A C   1 
ATOM   241 O  O   . LEU A 1 32  ? -4.322  8.427   -1.589  1.00 12.12 ? 37  LEU A O   1 
ATOM   242 C  CB  . LEU A 1 32  ? -3.257  7.787   1.475   1.00 11.09 ? 37  LEU A CB  1 
ATOM   243 C  CG  . LEU A 1 32  ? -2.709  8.275   2.821   1.00 10.81 ? 37  LEU A CG  1 
ATOM   244 C  CD1 . LEU A 1 32  ? -1.501  7.443   3.226   1.00 10.88 ? 37  LEU A CD1 1 
ATOM   245 C  CD2 . LEU A 1 32  ? -2.357  9.746   2.784   1.00 12.70 ? 37  LEU A CD2 1 
ATOM   246 N  N   . LEU A 1 33  ? -5.636  7.009   -0.445  1.00 10.73 ? 38  LEU A N   1 
ATOM   247 C  CA  . LEU A 1 33  ? -6.089  6.314   -1.644  1.00 11.79 ? 38  LEU A CA  1 
ATOM   248 C  C   . LEU A 1 33  ? -6.879  7.252   -2.556  1.00 12.10 ? 38  LEU A C   1 
ATOM   249 O  O   . LEU A 1 33  ? -6.695  7.255   -3.772  1.00 11.13 ? 38  LEU A O   1 
ATOM   250 C  CB  . LEU A 1 33  ? -6.922  5.076   -1.279  1.00 12.76 ? 38  LEU A CB  1 
ATOM   251 C  CG  . LEU A 1 33  ? -6.267  4.063   -0.328  1.00 13.02 ? 38  LEU A CG  1 
ATOM   252 C  CD1 . LEU A 1 33  ? -7.111  2.807   -0.196  1.00 14.50 ? 38  LEU A CD1 1 
ATOM   253 C  CD2 . LEU A 1 33  ? -4.851  3.710   -0.752  1.00 12.71 ? 38  LEU A CD2 1 
ATOM   254 N  N   . LYS A 1 34  ? -7.748  8.061   -1.968  1.00 13.44 ? 39  LYS A N   1 
ATOM   255 C  CA  . LYS A 1 34  ? -8.568  8.961   -2.768  1.00 14.76 ? 39  LYS A CA  1 
ATOM   256 C  C   . LYS A 1 34  ? -7.761  10.102  -3.381  1.00 15.94 ? 39  LYS A C   1 
ATOM   257 O  O   . LYS A 1 34  ? -8.147  10.660  -4.407  1.00 17.04 ? 39  LYS A O   1 
ATOM   258 C  CB  . LYS A 1 34  ? -9.737  9.496   -1.945  1.00 17.67 ? 39  LYS A CB  1 
ATOM   259 C  CG  . LYS A 1 34  ? -10.671 8.395   -1.479  1.00 19.24 ? 39  LYS A CG  1 
ATOM   260 C  CD  . LYS A 1 34  ? -12.022 8.934   -1.068  1.00 22.52 ? 39  LYS A CD  1 
ATOM   261 C  CE  . LYS A 1 34  ? -13.002 7.797   -0.822  1.00 24.96 ? 39  LYS A CE  1 
ATOM   262 N  NZ  . LYS A 1 34  ? -14.325 8.316   -0.379  1.00 27.02 ? 39  LYS A NZ  1 
ATOM   263 N  N   . SER A 1 35  ? -6.633  10.434  -2.759  1.00 14.17 ? 40  SER A N   1 
ATOM   264 C  CA  . SER A 1 35  ? -5.770  11.494  -3.266  1.00 16.42 ? 40  SER A CA  1 
ATOM   265 C  C   . SER A 1 35  ? -5.132  11.113  -4.598  1.00 16.47 ? 40  SER A C   1 
ATOM   266 O  O   . SER A 1 35  ? -4.701  11.982  -5.351  1.00 18.28 ? 40  SER A O   1 
ATOM   267 C  CB  . SER A 1 35  ? -4.678  11.838  -2.251  1.00 18.46 ? 40  SER A CB  1 
ATOM   268 O  OG  . SER A 1 35  ? -3.640  10.873  -2.278  1.00 19.01 ? 40  SER A OG  1 
ATOM   269 N  N   . VAL A 1 36  ? -5.055  9.818   -4.886  1.00 15.58 ? 41  VAL A N   1 
ATOM   270 C  CA  . VAL A 1 36  ? -4.557  9.377   -6.187  1.00 16.96 ? 41  VAL A CA  1 
ATOM   271 C  C   . VAL A 1 36  ? -5.650  8.740   -7.033  1.00 19.05 ? 41  VAL A C   1 
ATOM   272 O  O   . VAL A 1 36  ? -5.373  7.920   -7.904  1.00 20.65 ? 41  VAL A O   1 
ATOM   273 C  CB  . VAL A 1 36  ? -3.348  8.429   -6.062  1.00 16.06 ? 41  VAL A CB  1 
ATOM   274 C  CG1 . VAL A 1 36  ? -2.131  9.202   -5.580  1.00 17.50 ? 41  VAL A CG1 1 
ATOM   275 C  CG2 . VAL A 1 36  ? -3.666  7.286   -5.123  1.00 14.02 ? 41  VAL A CG2 1 
ATOM   276 N  N   . GLY A 1 37  ? -6.897  9.111   -6.766  1.00 20.96 ? 42  GLY A N   1 
ATOM   277 C  CA  . GLY A 1 37  ? -7.981  8.772   -7.669  1.00 22.98 ? 42  GLY A CA  1 
ATOM   278 C  C   . GLY A 1 37  ? -8.920  7.643   -7.296  1.00 23.22 ? 42  GLY A C   1 
ATOM   279 O  O   . GLY A 1 37  ? -9.846  7.347   -8.053  1.00 25.21 ? 42  GLY A O   1 
ATOM   280 N  N   . ALA A 1 38  ? -8.698  6.997   -6.156  1.00 20.73 ? 43  ALA A N   1 
ATOM   281 C  CA  . ALA A 1 38  ? -9.620  5.954   -5.720  1.00 20.75 ? 43  ALA A CA  1 
ATOM   282 C  C   . ALA A 1 38  ? -10.984 6.574   -5.423  1.00 23.10 ? 43  ALA A C   1 
ATOM   283 O  O   . ALA A 1 38  ? -11.067 7.692   -4.912  1.00 23.54 ? 43  ALA A O   1 
ATOM   284 C  CB  . ALA A 1 38  ? -9.076  5.220   -4.511  1.00 20.70 ? 43  ALA A CB  1 
ATOM   285 N  N   . GLN A 1 39  ? -12.054 5.860   -5.755  1.00 25.58 ? 44  GLN A N   1 
ATOM   286 C  CA  . GLN A 1 39  ? -13.389 6.437   -5.652  1.00 28.29 ? 44  GLN A CA  1 
ATOM   287 C  C   . GLN A 1 39  ? -14.361 5.618   -4.804  1.00 30.99 ? 44  GLN A C   1 
ATOM   288 O  O   . GLN A 1 39  ? -15.576 5.793   -4.917  1.00 34.19 ? 44  GLN A O   1 
ATOM   289 C  CB  . GLN A 1 39  ? -13.974 6.669   -7.051  1.00 27.78 ? 44  GLN A CB  1 
ATOM   290 N  N   . LYS A 1 40  ? -13.845 4.732   -3.959  1.00 29.14 ? 45  LYS A N   1 
ATOM   291 C  CA  . LYS A 1 40  ? -14.728 3.909   -3.135  1.00 28.05 ? 45  LYS A CA  1 
ATOM   292 C  C   . LYS A 1 40  ? -14.266 3.739   -1.691  1.00 25.25 ? 45  LYS A C   1 
ATOM   293 O  O   . LYS A 1 40  ? -13.223 4.259   -1.301  1.00 25.71 ? 45  LYS A O   1 
ATOM   294 C  CB  . LYS A 1 40  ? -14.954 2.545   -3.781  1.00 30.46 ? 45  LYS A CB  1 
ATOM   295 C  CG  . LYS A 1 40  ? -13.704 1.900   -4.331  1.00 32.51 ? 45  LYS A CG  1 
ATOM   296 C  CD  . LYS A 1 40  ? -14.058 0.638   -5.112  1.00 35.21 ? 45  LYS A CD  1 
ATOM   297 C  CE  . LYS A 1 40  ? -13.063 0.381   -6.227  1.00 36.91 ? 45  LYS A CE  1 
ATOM   298 N  NZ  . LYS A 1 40  ? -13.021 -1.059  -6.592  1.00 38.21 ? 45  LYS A NZ  1 
ATOM   299 N  N   . ASP A 1 41  ? -15.056 3.010   -0.908  1.00 23.27 ? 46  ASP A N   1 
ATOM   300 C  CA  . ASP A 1 41  ? -14.783 2.821   0.511   1.00 21.62 ? 46  ASP A CA  1 
ATOM   301 C  C   . ASP A 1 41  ? -14.357 1.395   0.843   1.00 18.74 ? 46  ASP A C   1 
ATOM   302 O  O   . ASP A 1 41  ? -13.805 1.144   1.915   1.00 17.98 ? 46  ASP A O   1 
ATOM   303 C  CB  . ASP A 1 41  ? -16.009 3.203   1.336   1.00 25.72 ? 46  ASP A CB  1 
ATOM   304 C  CG  . ASP A 1 41  ? -16.264 4.697   1.341   1.00 30.84 ? 46  ASP A CG  1 
ATOM   305 O  OD1 . ASP A 1 41  ? -15.583 5.422   0.588   1.00 31.82 ? 46  ASP A OD1 1 
ATOM   306 O  OD2 . ASP A 1 41  ? -17.148 5.148   2.098   1.00 34.02 ? 46  ASP A OD2 1 
ATOM   307 N  N   . THR A 1 42  ? -14.625 0.464   -0.072  1.00 16.22 ? 47  THR A N   1 
ATOM   308 C  CA  . THR A 1 42  ? -14.224 -0.929  0.112   1.00 15.59 ? 47  THR A CA  1 
ATOM   309 C  C   . THR A 1 42  ? -13.334 -1.384  -1.048  1.00 14.67 ? 47  THR A C   1 
ATOM   310 O  O   . THR A 1 42  ? -13.628 -1.096  -2.205  1.00 14.56 ? 47  THR A O   1 
ATOM   311 C  CB  . THR A 1 42  ? -15.449 -1.850  0.225   1.00 17.84 ? 47  THR A CB  1 
ATOM   312 O  OG1 . THR A 1 42  ? -16.269 -1.413  1.316   1.00 20.67 ? 47  THR A OG1 1 
ATOM   313 C  CG2 . THR A 1 42  ? -15.022 -3.301  0.456   1.00 18.50 ? 47  THR A CG2 1 
ATOM   314 N  N   . TYR A 1 43  ? -12.240 -2.074  -0.730  1.00 13.04 ? 48  TYR A N   1 
ATOM   315 C  CA  . TYR A 1 43  ? -11.244 -2.470  -1.726  1.00 12.86 ? 48  TYR A CA  1 
ATOM   316 C  C   . TYR A 1 43  ? -10.774 -3.887  -1.458  1.00 11.14 ? 48  TYR A C   1 
ATOM   317 O  O   . TYR A 1 43  ? -10.881 -4.367  -0.336  1.00 11.92 ? 48  TYR A O   1 
ATOM   318 C  CB  . TYR A 1 43  ? -10.012 -1.565  -1.625  1.00 14.66 ? 48  TYR A CB  1 
ATOM   319 C  CG  . TYR A 1 43  ? -10.286 -0.103  -1.827  1.00 16.77 ? 48  TYR A CG  1 
ATOM   320 C  CD1 . TYR A 1 43  ? -10.092 0.487   -3.065  1.00 20.51 ? 48  TYR A CD1 1 
ATOM   321 C  CD2 . TYR A 1 43  ? -10.724 0.693   -0.778  1.00 18.32 ? 48  TYR A CD2 1 
ATOM   322 C  CE1 . TYR A 1 43  ? -10.333 1.830   -3.260  1.00 21.48 ? 48  TYR A CE1 1 
ATOM   323 C  CE2 . TYR A 1 43  ? -10.973 2.036   -0.961  1.00 19.05 ? 48  TYR A CE2 1 
ATOM   324 C  CZ  . TYR A 1 43  ? -10.776 2.599   -2.205  1.00 21.75 ? 48  TYR A CZ  1 
ATOM   325 O  OH  . TYR A 1 43  ? -11.023 3.938   -2.398  1.00 23.46 ? 48  TYR A OH  1 
ATOM   326 N  N   . THR A 1 44  ? -10.233 -4.553  -2.477  1.00 10.78 ? 49  THR A N   1 
ATOM   327 C  CA  . THR A 1 44  ? -9.425  -5.739  -2.224  1.00 9.72  ? 49  THR A CA  1 
ATOM   328 C  C   . THR A 1 44  ? -8.025  -5.249  -1.856  1.00 8.25  ? 49  THR A C   1 
ATOM   329 O  O   . THR A 1 44  ? -7.632  -4.151  -2.248  1.00 8.75  ? 49  THR A O   1 
ATOM   330 C  CB  . THR A 1 44  ? -9.363  -6.680  -3.446  1.00 10.75 ? 49  THR A CB  1 
ATOM   331 O  OG1 . THR A 1 44  ? -8.830  -5.968  -4.566  1.00 9.60  ? 49  THR A OG1 1 
ATOM   332 C  CG2 . THR A 1 44  ? -10.751 -7.193  -3.795  1.00 13.34 ? 49  THR A CG2 1 
ATOM   333 N  N   . MET A 1 45  ? -7.278  -6.040  -1.092  1.00 8.08  ? 50  MET A N   1 
ATOM   334 C  CA  . MET A 1 45  ? -5.921  -5.650  -0.709  1.00 7.89  ? 50  MET A CA  1 
ATOM   335 C  C   . MET A 1 45  ? -5.019  -5.324  -1.903  1.00 8.09  ? 50  MET A C   1 
ATOM   336 O  O   . MET A 1 45  ? -4.214  -4.397  -1.841  1.00 8.07  ? 50  MET A O   1 
ATOM   337 C  CB  . MET A 1 45  ? -5.268  -6.710  0.184   1.00 7.81  ? 50  MET A CB  1 
ATOM   338 C  CG  . MET A 1 45  ? -5.770  -6.703  1.626   1.00 7.78  ? 50  MET A CG  1 
ATOM   339 S  SD  . MET A 1 45  ? -5.332  -5.180  2.508   1.00 9.57  ? 50  MET A SD  1 
ATOM   340 C  CE  . MET A 1 45  ? -3.559  -5.347  2.652   1.00 11.86 ? 50  MET A CE  1 
ATOM   341 N  N   . LYS A 1 46  ? -5.162  -6.064  -3.001  1.00 8.10  ? 51  LYS A N   1 
ATOM   342 C  CA  . LYS A 1 46  ? -4.310  -5.812  -4.158  1.00 8.23  ? 51  LYS A CA  1 
ATOM   343 C  C   . LYS A 1 46  ? -4.579  -4.429  -4.766  1.00 9.35  ? 51  LYS A C   1 
ATOM   344 O  O   . LYS A 1 46  ? -3.691  -3.827  -5.370  1.00 9.88  ? 51  LYS A O   1 
ATOM   345 C  CB  . LYS A 1 46  ? -4.453  -6.921  -5.205  1.00 8.40  ? 51  LYS A CB  1 
ATOM   346 C  CG  . LYS A 1 46  ? -5.820  -7.008  -5.833  1.00 9.87  ? 51  LYS A CG  1 
ATOM   347 C  CD  . LYS A 1 46  ? -5.858  -8.164  -6.833  1.00 11.80 ? 51  LYS A CD  1 
ATOM   348 C  CE  . LYS A 1 46  ? -7.071  -8.060  -7.737  1.00 17.33 ? 51  LYS A CE  1 
ATOM   349 N  NZ  . LYS A 1 46  ? -8.337  -8.113  -6.957  1.00 20.99 ? 51  LYS A NZ  1 
ATOM   350 N  N   . GLU A 1 47  ? -5.798  -3.926  -4.596  1.00 8.92  ? 52  GLU A N   1 
ATOM   351 C  CA  . GLU A 1 47  ? -6.130  -2.572  -5.031  1.00 8.72  ? 52  GLU A CA  1 
ATOM   352 C  C   . GLU A 1 47  ? -5.518  -1.546  -4.088  1.00 9.07  ? 52  GLU A C   1 
ATOM   353 O  O   . GLU A 1 47  ? -4.995  -0.525  -4.529  1.00 8.88  ? 52  GLU A O   1 
ATOM   354 C  CB  . GLU A 1 47  ? -7.640  -2.365  -5.072  1.00 15.84 ? 52  GLU A CB  1 
ATOM   355 C  CG  . GLU A 1 47  ? -8.369  -3.194  -6.118  1.00 19.79 ? 52  GLU A CG  1 
ATOM   356 C  CD  . GLU A 1 47  ? -9.862  -2.975  -6.056  1.00 24.52 ? 52  GLU A CD  1 
ATOM   357 O  OE1 . GLU A 1 47  ? -10.502 -3.485  -5.110  1.00 25.37 ? 52  GLU A OE1 1 
ATOM   358 O  OE2 . GLU A 1 47  ? -10.394 -2.275  -6.943  1.00 26.87 ? 52  GLU A OE2 1 
ATOM   359 N  N   . VAL A 1 48  ? -5.611  -1.813  -2.787  1.00 8.31  ? 53  VAL A N   1 
ATOM   360 C  CA  . VAL A 1 48  ? -5.004  -0.938  -1.790  1.00 8.21  ? 53  VAL A CA  1 
ATOM   361 C  C   . VAL A 1 48  ? -3.519  -0.770  -2.070  1.00 8.28  ? 53  VAL A C   1 
ATOM   362 O  O   . VAL A 1 48  ? -3.004  0.343   -2.050  1.00 8.74  ? 53  VAL A O   1 
ATOM   363 C  CB  . VAL A 1 48  ? -5.201  -1.454  -0.353  1.00 7.97  ? 53  VAL A CB  1 
ATOM   364 C  CG1 . VAL A 1 48  ? -4.489  -0.528  0.640   1.00 8.72  ? 53  VAL A CG1 1 
ATOM   365 C  CG2 . VAL A 1 48  ? -6.683  -1.540  -0.026  1.00 8.58  ? 53  VAL A CG2 1 
ATOM   366 N  N   . LEU A 1 49  ? -2.836  -1.877  -2.346  1.00 8.20  ? 54  LEU A N   1 
ATOM   367 C  CA  . LEU A 1 49  ? -1.411  -1.824  -2.650  1.00 8.33  ? 54  LEU A CA  1 
ATOM   368 C  C   . LEU A 1 49  ? -1.114  -1.012  -3.913  1.00 10.34 ? 54  LEU A C   1 
ATOM   369 O  O   . LEU A 1 49  ? -0.135  -0.269  -3.952  1.00 10.18 ? 54  LEU A O   1 
ATOM   370 C  CB  . LEU A 1 49  ? -0.818  -3.236  -2.766  1.00 8.23  ? 54  LEU A CB  1 
ATOM   371 C  CG  . LEU A 1 49  ? -0.317  -3.896  -1.474  1.00 11.53 ? 54  LEU A CG  1 
ATOM   372 C  CD1 . LEU A 1 49  ? 0.889   -3.154  -0.898  1.00 8.20  ? 54  LEU A CD1 1 
ATOM   373 C  CD2 . LEU A 1 49  ? -1.414  -3.992  -0.425  1.00 10.58 ? 54  LEU A CD2 1 
ATOM   374 N  N   . PHE A 1 50  ? -1.945  -1.159  -4.947  1.00 8.83  ? 55  PHE A N   1 
ATOM   375 C  CA  . PHE A 1 50  ? -1.779  -0.345  -6.151  1.00 9.55  ? 55  PHE A CA  1 
ATOM   376 C  C   . PHE A 1 50  ? -1.857  1.140   -5.827  1.00 9.49  ? 55  PHE A C   1 
ATOM   377 O  O   . PHE A 1 50  ? -0.960  1.914   -6.172  1.00 9.85  ? 55  PHE A O   1 
ATOM   378 C  CB  . PHE A 1 50  ? -2.828  -0.685  -7.217  1.00 10.77 ? 55  PHE A CB  1 
ATOM   379 C  CG  . PHE A 1 50  ? -2.852  0.290   -8.364  1.00 11.25 ? 55  PHE A CG  1 
ATOM   380 C  CD1 . PHE A 1 50  ? -1.891  0.233   -9.357  1.00 12.28 ? 55  PHE A CD1 1 
ATOM   381 C  CD2 . PHE A 1 50  ? -3.826  1.273   -8.440  1.00 11.42 ? 55  PHE A CD2 1 
ATOM   382 C  CE1 . PHE A 1 50  ? -1.905  1.136   -10.411 1.00 12.64 ? 55  PHE A CE1 1 
ATOM   383 C  CE2 . PHE A 1 50  ? -3.845  2.172   -9.486  1.00 12.07 ? 55  PHE A CE2 1 
ATOM   384 C  CZ  . PHE A 1 50  ? -2.885  2.103   -10.473 1.00 12.31 ? 55  PHE A CZ  1 
ATOM   385 N  N   . TYR A 1 51  ? -2.936  1.537   -5.165  1.00 9.35  ? 56  TYR A N   1 
ATOM   386 C  CA  . TYR A 1 51  ? -3.158  2.946   -4.872  1.00 11.28 ? 56  TYR A CA  1 
ATOM   387 C  C   . TYR A 1 51  ? -2.109  3.520   -3.922  1.00 10.64 ? 56  TYR A C   1 
ATOM   388 O  O   . TYR A 1 51  ? -1.701  4.668   -4.073  1.00 12.07 ? 56  TYR A O   1 
ATOM   389 C  CB  . TYR A 1 51  ? -4.574  3.182   -4.341  1.00 12.45 ? 56  TYR A CB  1 
ATOM   390 C  CG  . TYR A 1 51  ? -5.632  3.173   -5.422  1.00 15.74 ? 56  TYR A CG  1 
ATOM   391 C  CD1 . TYR A 1 51  ? -5.578  4.077   -6.477  1.00 17.67 ? 56  TYR A CD1 1 
ATOM   392 C  CD2 . TYR A 1 51  ? -6.686  2.264   -5.388  1.00 17.84 ? 56  TYR A CD2 1 
ATOM   393 C  CE1 . TYR A 1 51  ? -6.534  4.076   -7.466  1.00 20.04 ? 56  TYR A CE1 1 
ATOM   394 C  CE2 . TYR A 1 51  ? -7.652  2.259   -6.376  1.00 19.82 ? 56  TYR A CE2 1 
ATOM   395 C  CZ  . TYR A 1 51  ? -7.568  3.168   -7.411  1.00 22.14 ? 56  TYR A CZ  1 
ATOM   396 O  OH  . TYR A 1 51  ? -8.523  3.174   -8.399  1.00 25.11 ? 56  TYR A OH  1 
ATOM   397 N  N   . LEU A 1 52  ? -1.663  2.726   -2.952  1.00 11.36 ? 57  LEU A N   1 
ATOM   398 C  CA  A LEU A 1 52  ? -0.624  3.168   -2.024  0.40 11.52 ? 57  LEU A CA  1 
ATOM   399 C  CA  B LEU A 1 52  ? -0.638  3.199   -2.030  0.60 11.34 ? 57  LEU A CA  1 
ATOM   400 C  C   . LEU A 1 52  ? 0.700   3.337   -2.754  1.00 11.87 ? 57  LEU A C   1 
ATOM   401 O  O   . LEU A 1 52  ? 1.482   4.242   -2.454  1.00 10.00 ? 57  LEU A O   1 
ATOM   402 C  CB  A LEU A 1 52  ? -0.462  2.177   -0.869  0.40 11.65 ? 57  LEU A CB  1 
ATOM   403 C  CB  B LEU A 1 52  ? -0.525  2.278   -0.811  0.60 11.58 ? 57  LEU A CB  1 
ATOM   404 C  CG  A LEU A 1 52  ? -1.433  2.323   0.300   0.40 11.23 ? 57  LEU A CG  1 
ATOM   405 C  CG  B LEU A 1 52  ? 0.057   2.909   0.453   0.60 12.08 ? 57  LEU A CG  1 
ATOM   406 C  CD1 A LEU A 1 52  ? -1.178  1.249   1.341   0.40 11.91 ? 57  LEU A CD1 1 
ATOM   407 C  CD1 B LEU A 1 52  ? -0.654  4.221   0.776   0.60 11.31 ? 57  LEU A CD1 1 
ATOM   408 C  CD2 A LEU A 1 52  ? -1.306  3.706   0.925   0.40 11.37 ? 57  LEU A CD2 1 
ATOM   409 C  CD2 B LEU A 1 52  ? -0.046  1.942   1.621   0.60 12.20 ? 57  LEU A CD2 1 
ATOM   410 N  N   . GLY A 1 53  ? 0.952   2.454   -3.715  1.00 11.19 ? 58  GLY A N   1 
ATOM   411 C  CA  . GLY A 1 53  ? 2.131   2.574   -4.552  1.00 11.52 ? 58  GLY A CA  1 
ATOM   412 C  C   . GLY A 1 53  ? 2.069   3.858   -5.364  1.00 10.67 ? 58  GLY A C   1 
ATOM   413 O  O   . GLY A 1 53  ? 3.068   4.567   -5.516  1.00 11.17 ? 58  GLY A O   1 
ATOM   414 N  N   . GLN A 1 54  ? 0.884   4.165   -5.882  1.00 10.68 ? 59  GLN A N   1 
ATOM   415 C  CA  . GLN A 1 54  ? 0.672   5.407   -6.623  1.00 11.29 ? 59  GLN A CA  1 
ATOM   416 C  C   . GLN A 1 54  ? 0.890   6.618   -5.734  1.00 11.50 ? 59  GLN A C   1 
ATOM   417 O  O   . GLN A 1 54  ? 1.466   7.623   -6.156  1.00 12.15 ? 59  GLN A O   1 
ATOM   418 C  CB  . GLN A 1 54  ? -0.736  5.446   -7.212  1.00 11.27 ? 59  GLN A CB  1 
ATOM   419 C  CG  . GLN A 1 54  ? -0.939  4.443   -8.331  1.00 11.28 ? 59  GLN A CG  1 
ATOM   420 C  CD  . GLN A 1 54  ? 0.099   4.588   -9.424  1.00 13.61 ? 59  GLN A CD  1 
ATOM   421 O  OE1 . GLN A 1 54  ? 0.954   3.719   -9.608  1.00 15.39 ? 59  GLN A OE1 1 
ATOM   422 N  NE2 . GLN A 1 54  ? 0.029   5.685   -10.158 1.00 12.54 ? 59  GLN A NE2 1 
ATOM   423 N  N   . TYR A 1 55  ? 0.421   6.522   -4.499  1.00 11.03 ? 60  TYR A N   1 
ATOM   424 C  CA  . TYR A 1 55  ? 0.629   7.598   -3.542  1.00 11.22 ? 60  TYR A CA  1 
ATOM   425 C  C   . TYR A 1 55  ? 2.121   7.804   -3.274  1.00 11.57 ? 60  TYR A C   1 
ATOM   426 O  O   . TYR A 1 55  ? 2.617   8.928   -3.297  1.00 12.17 ? 60  TYR A O   1 
ATOM   427 C  CB  . TYR A 1 55  ? -0.112  7.301   -2.242  1.00 10.65 ? 60  TYR A CB  1 
ATOM   428 C  CG  . TYR A 1 55  ? 0.172   8.323   -1.171  1.00 11.49 ? 60  TYR A CG  1 
ATOM   429 C  CD1 . TYR A 1 55  ? -0.540  9.509   -1.120  1.00 12.59 ? 60  TYR A CD1 1 
ATOM   430 C  CD2 . TYR A 1 55  ? 1.169   8.109   -0.228  1.00 11.81 ? 60  TYR A CD2 1 
ATOM   431 C  CE1 . TYR A 1 55  ? -0.273  10.452  -0.154  1.00 14.96 ? 60  TYR A CE1 1 
ATOM   432 C  CE2 . TYR A 1 55  ? 1.447   9.054   0.747   1.00 13.20 ? 60  TYR A CE2 1 
ATOM   433 C  CZ  . TYR A 1 55  ? 0.722   10.221  0.779   1.00 15.33 ? 60  TYR A CZ  1 
ATOM   434 O  OH  . TYR A 1 55  ? 0.982   11.171  1.744   1.00 15.76 ? 60  TYR A OH  1 
ATOM   435 N  N   . ILE A 1 56  ? 2.828   6.707   -3.019  1.00 14.20 ? 61  ILE A N   1 
ATOM   436 C  CA  . ILE A 1 56  ? 4.261   6.761   -2.743  1.00 11.64 ? 61  ILE A CA  1 
ATOM   437 C  C   . ILE A 1 56  ? 5.019   7.426   -3.887  1.00 12.41 ? 61  ILE A C   1 
ATOM   438 O  O   . ILE A 1 56  ? 5.877   8.286   -3.666  1.00 13.02 ? 61  ILE A O   1 
ATOM   439 C  CB  . ILE A 1 56  ? 4.825   5.350   -2.477  1.00 11.23 ? 61  ILE A CB  1 
ATOM   440 C  CG1 . ILE A 1 56  ? 4.369   4.852   -1.105  1.00 10.69 ? 61  ILE A CG1 1 
ATOM   441 C  CG2 . ILE A 1 56  ? 6.345   5.334   -2.576  1.00 11.76 ? 61  ILE A CG2 1 
ATOM   442 C  CD1 . ILE A 1 56  ? 4.694   3.385   -0.843  1.00 10.30 ? 61  ILE A CD1 1 
ATOM   443 N  N   . MET A 1 57  ? 4.690   7.048   -5.116  1.00 12.46 ? 62  MET A N   1 
ATOM   444 C  CA  . MET A 1 57  ? 5.402   7.596   -6.260  1.00 13.35 ? 62  MET A CA  1 
ATOM   445 C  C   . MET A 1 57  ? 5.013   9.049   -6.534  1.00 13.88 ? 62  MET A C   1 
ATOM   446 O  O   . MET A 1 57  ? 5.853   9.853   -6.929  1.00 15.44 ? 62  MET A O   1 
ATOM   447 C  CB  . MET A 1 57  ? 5.243   6.698   -7.493  1.00 13.94 ? 62  MET A CB  1 
ATOM   448 C  CG  . MET A 1 57  ? 6.077   5.411   -7.385  1.00 12.88 ? 62  MET A CG  1 
ATOM   449 S  SD  . MET A 1 57  ? 5.806   4.221   -8.693  1.00 21.97 ? 62  MET A SD  1 
ATOM   450 C  CE  . MET A 1 57  ? 4.033   4.000   -8.576  1.00 23.42 ? 62  MET A CE  1 
ATOM   451 N  N   . THR A 1 58  ? 3.748   9.388   -6.300  1.00 13.57 ? 63  THR A N   1 
ATOM   452 C  CA  . THR A 1 58  ? 3.268   10.751  -6.507  1.00 15.75 ? 63  THR A CA  1 
ATOM   453 C  C   . THR A 1 58  ? 3.908   11.714  -5.506  1.00 16.02 ? 63  THR A C   1 
ATOM   454 O  O   . THR A 1 58  ? 4.251   12.847  -5.851  1.00 15.38 ? 63  THR A O   1 
ATOM   455 C  CB  . THR A 1 58  ? 1.727   10.829  -6.415  1.00 17.69 ? 63  THR A CB  1 
ATOM   456 O  OG1 . THR A 1 58  ? 1.144   9.926   -7.368  1.00 19.95 ? 63  THR A OG1 1 
ATOM   457 C  CG2 . THR A 1 58  ? 1.236   12.234  -6.704  1.00 18.73 ? 63  THR A CG2 1 
ATOM   458 N  N   . LYS A 1 59  ? 4.086   11.250  -4.273  1.00 14.66 ? 64  LYS A N   1 
ATOM   459 C  CA  . LYS A 1 59  ? 4.696   12.060  -3.220  1.00 15.66 ? 64  LYS A CA  1 
ATOM   460 C  C   . LYS A 1 59  ? 6.211   12.034  -3.244  1.00 15.88 ? 64  LYS A C   1 
ATOM   461 O  O   . LYS A 1 59  ? 6.846   12.637  -2.380  1.00 15.23 ? 64  LYS A O   1 
ATOM   462 C  CB  . LYS A 1 59  ? 4.234   11.591  -1.844  1.00 17.60 ? 64  LYS A CB  1 
ATOM   463 C  CG  . LYS A 1 59  ? 2.748   11.708  -1.634  1.00 21.37 ? 64  LYS A CG  1 
ATOM   464 C  CD  . LYS A 1 59  ? 2.281   13.142  -1.768  1.00 26.42 ? 64  LYS A CD  1 
ATOM   465 C  CE  . LYS A 1 59  ? 2.575   13.931  -0.515  1.00 29.34 ? 64  LYS A CE  1 
ATOM   466 N  NZ  . LYS A 1 59  ? 1.971   15.289  -0.601  1.00 33.32 ? 64  LYS A NZ  1 
ATOM   467 N  N   . ARG A 1 60  ? 6.785   11.329  -4.213  1.00 15.46 ? 65  ARG A N   1 
ATOM   468 C  CA  . ARG A 1 60  ? 8.237   11.250  -4.367  1.00 19.75 ? 65  ARG A CA  1 
ATOM   469 C  C   . ARG A 1 60  ? 8.925   10.637  -3.147  1.00 19.28 ? 65  ARG A C   1 
ATOM   470 O  O   . ARG A 1 60  ? 10.000  11.087  -2.742  1.00 19.35 ? 65  ARG A O   1 
ATOM   471 C  CB  . ARG A 1 60  ? 8.826   12.636  -4.656  1.00 23.14 ? 65  ARG A CB  1 
ATOM   472 C  CG  . ARG A 1 60  ? 8.390   13.255  -5.970  1.00 27.85 ? 65  ARG A CG  1 
ATOM   473 C  CD  . ARG A 1 60  ? 9.140   12.635  -7.137  1.00 32.81 ? 65  ARG A CD  1 
ATOM   474 N  NE  . ARG A 1 60  ? 9.075   13.469  -8.333  1.00 38.02 ? 65  ARG A NE  1 
ATOM   475 C  CZ  . ARG A 1 60  ? 9.670   13.175  -9.487  1.00 41.11 ? 65  ARG A CZ  1 
ATOM   476 N  NH1 . ARG A 1 60  ? 10.381  12.060  -9.612  1.00 40.56 ? 65  ARG A NH1 1 
ATOM   477 N  NH2 . ARG A 1 60  ? 9.551   14.003  -10.517 1.00 44.09 ? 65  ARG A NH2 1 
ATOM   478 N  N   . LEU A 1 61  ? 8.306   9.616   -2.560  1.00 14.36 ? 66  LEU A N   1 
ATOM   479 C  CA  . LEU A 1 61  ? 8.860   8.969   -1.372  1.00 16.55 ? 66  LEU A CA  1 
ATOM   480 C  C   . LEU A 1 61  ? 9.779   7.797   -1.724  1.00 16.69 ? 66  LEU A C   1 
ATOM   481 O  O   . LEU A 1 61  ? 10.344  7.156   -0.841  1.00 16.28 ? 66  LEU A O   1 
ATOM   482 C  CB  . LEU A 1 61  ? 7.743   8.474   -0.449  1.00 13.19 ? 66  LEU A CB  1 
ATOM   483 C  CG  . LEU A 1 61  ? 6.712   9.500   0.015   1.00 13.13 ? 66  LEU A CG  1 
ATOM   484 C  CD1 . LEU A 1 61  ? 5.693   8.845   0.937   1.00 13.20 ? 66  LEU A CD1 1 
ATOM   485 C  CD2 . LEU A 1 61  ? 7.401   10.660  0.700   1.00 16.58 ? 66  LEU A CD2 1 
ATOM   486 N  N   . TYR A 1 62  ? 9.913   7.510   -3.013  1.00 16.69 ? 67  TYR A N   1 
ATOM   487 C  CA  . TYR A 1 62  ? 10.745  6.399   -3.456  1.00 15.85 ? 67  TYR A CA  1 
ATOM   488 C  C   . TYR A 1 62  ? 11.552  6.823   -4.683  1.00 18.24 ? 67  TYR A C   1 
ATOM   489 O  O   . TYR A 1 62  ? 11.454  6.224   -5.743  1.00 16.64 ? 67  TYR A O   1 
ATOM   490 C  CB  . TYR A 1 62  ? 9.868   5.180   -3.760  1.00 15.13 ? 67  TYR A CB  1 
ATOM   491 C  CG  . TYR A 1 62  ? 10.630  3.900   -4.037  1.00 15.66 ? 67  TYR A CG  1 
ATOM   492 C  CD1 . TYR A 1 62  ? 11.675  3.499   -3.214  1.00 16.68 ? 67  TYR A CD1 1 
ATOM   493 C  CD2 . TYR A 1 62  ? 10.292  3.082   -5.109  1.00 16.66 ? 67  TYR A CD2 1 
ATOM   494 C  CE1 . TYR A 1 62  ? 12.370  2.327   -3.455  1.00 16.88 ? 67  TYR A CE1 1 
ATOM   495 C  CE2 . TYR A 1 62  ? 10.986  1.910   -5.361  1.00 15.95 ? 67  TYR A CE2 1 
ATOM   496 C  CZ  . TYR A 1 62  ? 12.022  1.538   -4.530  1.00 15.45 ? 67  TYR A CZ  1 
ATOM   497 O  OH  . TYR A 1 62  ? 12.712  0.371   -4.770  1.00 16.08 ? 67  TYR A OH  1 
ATOM   498 N  N   . ASP A 1 63  ? 12.332  7.891   -4.538  1.00 21.52 ? 68  ASP A N   1 
ATOM   499 C  CA  . ASP A 1 63  ? 13.094  8.427   -5.665  1.00 25.00 ? 68  ASP A CA  1 
ATOM   500 C  C   . ASP A 1 63  ? 14.292  7.560   -5.981  1.00 27.25 ? 68  ASP A C   1 
ATOM   501 O  O   . ASP A 1 63  ? 14.749  7.500   -7.124  1.00 29.06 ? 68  ASP A O   1 
ATOM   502 C  CB  . ASP A 1 63  ? 13.571  9.854   -5.385  1.00 27.44 ? 68  ASP A CB  1 
ATOM   503 C  CG  . ASP A 1 63  ? 12.523  10.897  -5.709  1.00 29.82 ? 68  ASP A CG  1 
ATOM   504 O  OD1 . ASP A 1 63  ? 11.502  10.542  -6.330  1.00 28.89 ? 68  ASP A OD1 1 
ATOM   505 O  OD2 . ASP A 1 63  ? 12.732  12.078  -5.356  1.00 32.38 ? 68  ASP A OD2 1 
ATOM   506 N  N   . GLU A 1 64  ? 14.817  6.894   -4.965  1.00 27.85 ? 69  GLU A N   1 
ATOM   507 C  CA  . GLU A 1 64  ? 16.013  6.097   -5.173  1.00 31.87 ? 69  GLU A CA  1 
ATOM   508 C  C   . GLU A 1 64  ? 15.679  4.617   -5.339  1.00 29.59 ? 69  GLU A C   1 
ATOM   509 O  O   . GLU A 1 64  ? 15.626  3.852   -4.376  1.00 26.28 ? 69  GLU A O   1 
ATOM   510 C  CB  . GLU A 1 64  ? 17.050  6.361   -4.068  1.00 37.20 ? 69  GLU A CB  1 
ATOM   511 C  CG  . GLU A 1 64  ? 18.356  5.565   -4.193  1.00 41.28 ? 69  GLU A CG  1 
ATOM   512 C  CD  . GLU A 1 64  ? 18.806  5.265   -5.615  1.00 44.26 ? 69  GLU A CD  1 
ATOM   513 O  OE1 . GLU A 1 64  ? 18.629  6.116   -6.538  1.00 46.15 ? 69  GLU A OE1 1 
ATOM   514 O  OE2 . GLU A 1 64  ? 19.349  4.170   -5.844  1.00 44.22 ? 69  GLU A OE2 1 
ATOM   515 N  N   . LYS A 1 65  ? 15.467  4.240   -6.593  1.00 31.63 ? 70  LYS A N   1 
ATOM   516 C  CA  . LYS A 1 65  ? 14.905  2.945   -6.950  1.00 32.02 ? 70  LYS A CA  1 
ATOM   517 C  C   . LYS A 1 65  ? 15.839  1.764   -6.714  1.00 34.29 ? 70  LYS A C   1 
ATOM   518 O  O   . LYS A 1 65  ? 15.385  0.619   -6.646  1.00 34.93 ? 70  LYS A O   1 
ATOM   519 C  CB  . LYS A 1 65  ? 14.508  2.954   -8.423  1.00 31.05 ? 70  LYS A CB  1 
ATOM   520 C  CG  . LYS A 1 65  ? 13.732  4.183   -8.840  1.00 28.06 ? 70  LYS A CG  1 
ATOM   521 C  CD  . LYS A 1 65  ? 12.383  4.203   -8.172  1.00 23.64 ? 70  LYS A CD  1 
ATOM   522 C  CE  . LYS A 1 65  ? 11.432  5.085   -8.940  1.00 21.79 ? 70  LYS A CE  1 
ATOM   523 N  NZ  . LYS A 1 65  ? 10.147  5.223   -8.230  1.00 19.18 ? 70  LYS A NZ  1 
ATOM   524 N  N   . GLN A 1 66  ? 17.137  2.027   -6.607  1.00 35.01 ? 71  GLN A N   1 
ATOM   525 C  CA  . GLN A 1 66  ? 18.094  0.933   -6.482  1.00 35.34 ? 71  GLN A CA  1 
ATOM   526 C  C   . GLN A 1 66  ? 18.287  0.469   -5.036  1.00 34.61 ? 71  GLN A C   1 
ATOM   527 O  O   . GLN A 1 66  ? 18.920  -0.554  -4.793  1.00 35.70 ? 71  GLN A O   1 
ATOM   528 C  CB  . GLN A 1 66  ? 19.436  1.309   -7.112  1.00 36.45 ? 71  GLN A CB  1 
ATOM   529 N  N   . GLN A 1 67  ? 17.729  1.204   -4.081  1.00 32.60 ? 72  GLN A N   1 
ATOM   530 C  CA  . GLN A 1 67  ? 17.998  0.911   -2.674  1.00 31.74 ? 72  GLN A CA  1 
ATOM   531 C  C   . GLN A 1 67  ? 16.826  0.244   -1.943  1.00 28.22 ? 72  GLN A C   1 
ATOM   532 O  O   . GLN A 1 67  ? 17.000  -0.287  -0.845  1.00 28.63 ? 72  GLN A O   1 
ATOM   533 C  CB  . GLN A 1 67  ? 18.474  2.175   -1.943  1.00 33.11 ? 72  GLN A CB  1 
ATOM   534 C  CG  . GLN A 1 67  ? 17.476  2.804   -0.980  1.00 34.65 ? 72  GLN A CG  1 
ATOM   535 C  CD  . GLN A 1 67  ? 17.918  4.185   -0.509  1.00 38.77 ? 72  GLN A CD  1 
ATOM   536 O  OE1 . GLN A 1 67  ? 17.495  5.202   -1.060  1.00 40.03 ? 72  GLN A OE1 1 
ATOM   537 N  NE2 . GLN A 1 67  ? 18.774  4.225   0.513   1.00 39.65 ? 72  GLN A NE2 1 
ATOM   538 N  N   . HIS A 1 68  ? 15.644  0.282   -2.553  1.00 24.89 ? 73  HIS A N   1 
ATOM   539 C  CA  . HIS A 1 68  ? 14.452  -0.379  -2.010  1.00 22.94 ? 73  HIS A CA  1 
ATOM   540 C  C   . HIS A 1 68  ? 13.955  0.133   -0.664  1.00 21.14 ? 73  HIS A C   1 
ATOM   541 O  O   . HIS A 1 68  ? 13.183  -0.545  0.006   1.00 19.47 ? 73  HIS A O   1 
ATOM   542 C  CB  . HIS A 1 68  ? 14.667  -1.884  -1.903  1.00 25.74 ? 73  HIS A CB  1 
ATOM   543 C  CG  . HIS A 1 68  ? 15.054  -2.521  -3.195  1.00 28.17 ? 73  HIS A CG  1 
ATOM   544 N  ND1 . HIS A 1 68  ? 14.143  -3.200  -3.976  1.00 29.88 ? 73  HIS A ND1 1 
ATOM   545 C  CD2 . HIS A 1 68  ? 16.230  -2.574  -3.850  1.00 29.54 ? 73  HIS A CD2 1 
ATOM   546 C  CE1 . HIS A 1 68  ? 14.758  -3.658  -5.056  1.00 29.91 ? 73  HIS A CE1 1 
ATOM   547 N  NE2 . HIS A 1 68  ? 16.026  -3.283  -5.002  1.00 30.43 ? 73  HIS A NE2 1 
ATOM   548 N  N   . ILE A 1 69  ? 14.393  1.315   -0.256  1.00 20.92 ? 74  ILE A N   1 
ATOM   549 C  CA  . ILE A 1 69  ? 13.868  1.890   0.974   1.00 21.78 ? 74  ILE A CA  1 
ATOM   550 C  C   . ILE A 1 69  ? 12.931  3.036   0.639   1.00 21.65 ? 74  ILE A C   1 
ATOM   551 O  O   . ILE A 1 69  ? 13.243  3.867   -0.212  1.00 22.31 ? 74  ILE A O   1 
ATOM   552 C  CB  . ILE A 1 69  ? 14.983  2.395   1.899   1.00 24.18 ? 74  ILE A CB  1 
ATOM   553 C  CG1 . ILE A 1 69  ? 15.992  1.282   2.188   1.00 25.58 ? 74  ILE A CG1 1 
ATOM   554 C  CG2 . ILE A 1 69  ? 14.393  2.930   3.200   1.00 25.06 ? 74  ILE A CG2 1 
ATOM   555 C  CD1 . ILE A 1 69  ? 15.415  0.104   2.945   1.00 26.16 ? 74  ILE A CD1 1 
ATOM   556 N  N   . VAL A 1 70  ? 11.768  3.051   1.284   1.00 20.55 ? 75  VAL A N   1 
ATOM   557 C  CA  . VAL A 1 70  ? 10.863  4.187   1.198   1.00 19.35 ? 75  VAL A CA  1 
ATOM   558 C  C   . VAL A 1 70  ? 11.112  5.040   2.425   1.00 20.52 ? 75  VAL A C   1 
ATOM   559 O  O   . VAL A 1 70  ? 11.103  4.529   3.542   1.00 19.24 ? 75  VAL A O   1 
ATOM   560 C  CB  . VAL A 1 70  ? 9.384   3.750   1.183   1.00 16.47 ? 75  VAL A CB  1 
ATOM   561 C  CG1 . VAL A 1 70  ? 8.477   4.922   1.496   1.00 15.34 ? 75  VAL A CG1 1 
ATOM   562 C  CG2 . VAL A 1 70  ? 9.021   3.160   -0.160  1.00 16.76 ? 75  VAL A CG2 1 
ATOM   563 N  N   . TYR A 1 71  ? 11.361  6.332   2.214   1.00 23.12 ? 76  TYR A N   1 
ATOM   564 C  CA  . TYR A 1 71  ? 11.593  7.274   3.307   1.00 23.16 ? 76  TYR A CA  1 
ATOM   565 C  C   . TYR A 1 71  ? 10.334  8.097   3.544   1.00 21.31 ? 76  TYR A C   1 
ATOM   566 O  O   . TYR A 1 71  ? 9.916   8.851   2.669   1.00 22.58 ? 76  TYR A O   1 
ATOM   567 C  CB  . TYR A 1 71  ? 12.764  8.203   2.976   1.00 25.21 ? 76  TYR A CB  1 
ATOM   568 N  N   . CYS A 1 72  ? 9.730   7.955   4.721   1.00 20.69 ? 77  CYS A N   1 
ATOM   569 C  CA  . CYS A 1 72  ? 8.398   8.513   4.945   1.00 20.07 ? 77  CYS A CA  1 
ATOM   570 C  C   . CYS A 1 72  ? 8.179   9.172   6.309   1.00 20.34 ? 77  CYS A C   1 
ATOM   571 O  O   . CYS A 1 72  ? 7.049   9.505   6.658   1.00 17.91 ? 77  CYS A O   1 
ATOM   572 C  CB  . CYS A 1 72  ? 7.335   7.429   4.728   1.00 18.84 ? 77  CYS A CB  1 
ATOM   573 S  SG  . CYS A 1 72  ? 7.555   5.955   5.737   1.00 20.01 ? 77  CYS A SG  1 
ATOM   574 N  N   . SER A 1 73  ? 9.254   9.384   7.063   1.00 23.50 ? 78  SER A N   1 
ATOM   575 C  CA  . SER A 1 73  ? 9.149   9.930   8.419   1.00 24.86 ? 78  SER A CA  1 
ATOM   576 C  C   . SER A 1 73  ? 8.389   11.259  8.514   1.00 24.72 ? 78  SER A C   1 
ATOM   577 O  O   . SER A 1 73  ? 7.749   11.545  9.527   1.00 25.64 ? 78  SER A O   1 
ATOM   578 C  CB  . SER A 1 73  ? 10.539  10.086  9.040   1.00 27.56 ? 78  SER A CB  1 
ATOM   579 O  OG  . SER A 1 73  ? 10.434  10.580  10.360  1.00 29.97 ? 78  SER A OG  1 
ATOM   580 N  N   . ASN A 1 74  ? 8.460   12.065  7.460   1.00 24.71 ? 79  ASN A N   1 
ATOM   581 C  CA  . ASN A 1 74  ? 7.811   13.372  7.452   1.00 25.18 ? 79  ASN A CA  1 
ATOM   582 C  C   . ASN A 1 74  ? 6.500   13.406  6.680   1.00 22.04 ? 79  ASN A C   1 
ATOM   583 O  O   . ASN A 1 74  ? 5.876   14.460  6.549   1.00 20.99 ? 79  ASN A O   1 
ATOM   584 C  CB  . ASN A 1 74  ? 8.757   14.429  6.891   1.00 30.79 ? 79  ASN A CB  1 
ATOM   585 C  CG  . ASN A 1 74  ? 9.900   14.737  7.830   1.00 35.63 ? 79  ASN A CG  1 
ATOM   586 O  OD1 . ASN A 1 74  ? 9.701   15.331  8.889   1.00 38.09 ? 79  ASN A OD1 1 
ATOM   587 N  ND2 . ASN A 1 74  ? 11.108  14.334  7.447   1.00 37.78 ? 79  ASN A ND2 1 
ATOM   588 N  N   . ASP A 1 75  ? 6.085   12.252  6.173   1.00 18.28 ? 80  ASP A N   1 
ATOM   589 C  CA  . ASP A 1 75  ? 4.879   12.161  5.364   1.00 16.08 ? 80  ASP A CA  1 
ATOM   590 C  C   . ASP A 1 75  ? 3.743   11.536  6.163   1.00 14.03 ? 80  ASP A C   1 
ATOM   591 O  O   . ASP A 1 75  ? 3.979   10.841  7.149   1.00 14.00 ? 80  ASP A O   1 
ATOM   592 C  CB  . ASP A 1 75  ? 5.155   11.316  4.112   1.00 14.79 ? 80  ASP A CB  1 
ATOM   593 C  CG  . ASP A 1 75  ? 4.035   11.403  3.088   1.00 15.80 ? 80  ASP A CG  1 
ATOM   594 O  OD1 . ASP A 1 75  ? 4.037   12.365  2.288   1.00 17.17 ? 80  ASP A OD1 1 
ATOM   595 O  OD2 . ASP A 1 75  ? 3.156   10.512  3.078   1.00 14.82 ? 80  ASP A OD2 1 
ATOM   596 N  N   . LEU A 1 76  ? 2.511   11.783  5.729   1.00 13.75 ? 81  LEU A N   1 
ATOM   597 C  CA  . LEU A 1 76  ? 1.347   11.095  6.282   1.00 13.41 ? 81  LEU A CA  1 
ATOM   598 C  C   . LEU A 1 76  ? 1.560   9.583   6.343   1.00 12.58 ? 81  LEU A C   1 
ATOM   599 O  O   . LEU A 1 76  ? 1.113   8.922   7.276   1.00 12.45 ? 81  LEU A O   1 
ATOM   600 C  CB  . LEU A 1 76  ? 0.100   11.403  5.453   1.00 12.55 ? 81  LEU A CB  1 
ATOM   601 C  CG  . LEU A 1 76  ? -0.357  12.862  5.456   1.00 13.27 ? 81  LEU A CG  1 
ATOM   602 C  CD1 . LEU A 1 76  ? -1.530  13.040  4.513   1.00 14.30 ? 81  LEU A CD1 1 
ATOM   603 C  CD2 . LEU A 1 76  ? -0.735  13.304  6.863   1.00 12.02 ? 81  LEU A CD2 1 
ATOM   604 N  N   . LEU A 1 77  ? 2.260   9.043   5.351   1.00 11.48 ? 82  LEU A N   1 
ATOM   605 C  CA  . LEU A 1 77  ? 2.506   7.608   5.288   1.00 11.55 ? 82  LEU A CA  1 
ATOM   606 C  C   . LEU A 1 77  ? 3.304   7.115   6.499   1.00 11.81 ? 82  LEU A C   1 
ATOM   607 O  O   . LEU A 1 77  ? 3.065   6.019   7.015   1.00 10.34 ? 82  LEU A O   1 
ATOM   608 C  CB  . LEU A 1 77  ? 3.233   7.252   3.994   1.00 10.56 ? 82  LEU A CB  1 
ATOM   609 C  CG  . LEU A 1 77  ? 3.532   5.768   3.790   1.00 12.76 ? 82  LEU A CG  1 
ATOM   610 C  CD1 . LEU A 1 77  ? 2.246   4.958   3.740   1.00 11.98 ? 82  LEU A CD1 1 
ATOM   611 C  CD2 . LEU A 1 77  ? 4.352   5.577   2.521   1.00 12.47 ? 82  LEU A CD2 1 
ATOM   612 N  N   . GLY A 1 78  ? 4.250   7.927   6.952   1.00 12.94 ? 83  GLY A N   1 
ATOM   613 C  CA  . GLY A 1 78  ? 5.050   7.569   8.107   1.00 14.30 ? 83  GLY A CA  1 
ATOM   614 C  C   . GLY A 1 78  ? 4.202   7.516   9.363   1.00 15.73 ? 83  GLY A C   1 
ATOM   615 O  O   . GLY A 1 78  ? 4.404   6.668   10.229  1.00 16.91 ? 83  GLY A O   1 
ATOM   616 N  N   . ASP A 1 79  ? 3.240   8.424   9.462   1.00 17.11 ? 84  ASP A N   1 
ATOM   617 C  CA  . ASP A 1 79  ? 2.345   8.447   10.610  1.00 17.74 ? 84  ASP A CA  1 
ATOM   618 C  C   . ASP A 1 79  ? 1.415   7.243   10.545  1.00 17.10 ? 84  ASP A C   1 
ATOM   619 O  O   . ASP A 1 79  ? 1.107   6.630   11.566  1.00 18.85 ? 84  ASP A O   1 
ATOM   620 C  CB  . ASP A 1 79  ? 1.525   9.736   10.629  1.00 19.69 ? 84  ASP A CB  1 
ATOM   621 C  CG  . ASP A 1 79  ? 1.497   10.391  12.001  1.00 21.89 ? 84  ASP A CG  1 
ATOM   622 O  OD1 . ASP A 1 79  ? 1.812   9.704   12.999  1.00 21.13 ? 84  ASP A OD1 1 
ATOM   623 O  OD2 . ASP A 1 79  ? 1.156   11.591  12.082  1.00 22.52 ? 84  ASP A OD2 1 
ATOM   624 N  N   . LEU A 1 80  ? 0.975   6.913   9.335   1.00 14.56 ? 85  LEU A N   1 
ATOM   625 C  CA  . LEU A 1 80  ? 0.071   5.790   9.111   1.00 13.30 ? 85  LEU A CA  1 
ATOM   626 C  C   . LEU A 1 80  ? 0.704   4.459   9.507   1.00 15.80 ? 85  LEU A C   1 
ATOM   627 O  O   . LEU A 1 80  ? 0.092   3.659   10.217  1.00 17.28 ? 85  LEU A O   1 
ATOM   628 C  CB  . LEU A 1 80  ? -0.350  5.734   7.640   1.00 13.61 ? 85  LEU A CB  1 
ATOM   629 C  CG  . LEU A 1 80  ? -1.345  4.644   7.236   1.00 15.28 ? 85  LEU A CG  1 
ATOM   630 C  CD1 . LEU A 1 80  ? -2.757  5.033   7.651   1.00 16.64 ? 85  LEU A CD1 1 
ATOM   631 C  CD2 . LEU A 1 80  ? -1.274  4.404   5.744   1.00 14.85 ? 85  LEU A CD2 1 
ATOM   632 N  N   . PHE A 1 81  ? 1.928   4.222   9.042   1.00 15.34 ? 86  PHE A N   1 
ATOM   633 C  CA  . PHE A 1 81  ? 2.621   2.968   9.321   1.00 15.37 ? 86  PHE A CA  1 
ATOM   634 C  C   . PHE A 1 81  ? 3.315   2.975   10.681  1.00 17.95 ? 86  PHE A C   1 
ATOM   635 O  O   . PHE A 1 81  ? 3.604   1.923   11.249  1.00 19.10 ? 86  PHE A O   1 
ATOM   636 C  CB  . PHE A 1 81  ? 3.648   2.665   8.225   1.00 13.23 ? 86  PHE A CB  1 
ATOM   637 C  CG  . PHE A 1 81  ? 3.050   2.137   6.949   1.00 13.87 ? 86  PHE A CG  1 
ATOM   638 C  CD1 . PHE A 1 81  ? 1.691   1.882   6.848   1.00 15.02 ? 86  PHE A CD1 1 
ATOM   639 C  CD2 . PHE A 1 81  ? 3.856   1.887   5.850   1.00 13.31 ? 86  PHE A CD2 1 
ATOM   640 C  CE1 . PHE A 1 81  ? 1.147   1.390   5.671   1.00 14.88 ? 86  PHE A CE1 1 
ATOM   641 C  CE2 . PHE A 1 81  ? 3.314   1.389   4.663   1.00 14.13 ? 86  PHE A CE2 1 
ATOM   642 C  CZ  . PHE A 1 81  ? 1.958   1.147   4.578   1.00 14.54 ? 86  PHE A CZ  1 
ATOM   643 N  N   . GLY A 1 82  ? 3.597   4.164   11.198  1.00 18.76 ? 87  GLY A N   1 
ATOM   644 C  CA  . GLY A 1 82  ? 4.277   4.281   12.472  1.00 20.61 ? 87  GLY A CA  1 
ATOM   645 C  C   . GLY A 1 82  ? 5.754   3.942   12.379  1.00 22.72 ? 87  GLY A C   1 
ATOM   646 O  O   . GLY A 1 82  ? 6.340   3.437   13.334  1.00 25.56 ? 87  GLY A O   1 
ATOM   647 N  N   . VAL A 1 83  ? 6.352   4.215   11.223  1.00 21.43 ? 88  VAL A N   1 
ATOM   648 C  CA  . VAL A 1 83  ? 7.770   3.953   10.990  1.00 20.38 ? 88  VAL A CA  1 
ATOM   649 C  C   . VAL A 1 83  ? 8.367   5.097   10.182  1.00 19.91 ? 88  VAL A C   1 
ATOM   650 O  O   . VAL A 1 83  ? 7.655   5.776   9.444   1.00 20.51 ? 88  VAL A O   1 
ATOM   651 C  CB  . VAL A 1 83  ? 7.998   2.628   10.218  1.00 20.66 ? 88  VAL A CB  1 
ATOM   652 C  CG1 . VAL A 1 83  ? 7.511   1.433   11.024  1.00 21.67 ? 88  VAL A CG1 1 
ATOM   653 C  CG2 . VAL A 1 83  ? 7.324   2.677   8.857   1.00 20.13 ? 88  VAL A CG2 1 
ATOM   654 N  N   . PRO A 1 84  ? 9.679   5.331   10.325  1.00 20.90 ? 89  PRO A N   1 
ATOM   655 C  CA  . PRO A 1 84  ? 10.342  6.395   9.560   1.00 21.24 ? 89  PRO A CA  1 
ATOM   656 C  C   . PRO A 1 84  ? 10.736  5.934   8.161   1.00 21.13 ? 89  PRO A C   1 
ATOM   657 O  O   . PRO A 1 84  ? 10.918  6.752   7.254   1.00 20.59 ? 89  PRO A O   1 
ATOM   658 C  CB  . PRO A 1 84  ? 11.591  6.676   10.388  1.00 22.04 ? 89  PRO A CB  1 
ATOM   659 C  CG  . PRO A 1 84  ? 11.900  5.371   11.019  1.00 21.97 ? 89  PRO A CG  1 
ATOM   660 C  CD  . PRO A 1 84  ? 10.577  4.737   11.329  1.00 21.05 ? 89  PRO A CD  1 
ATOM   661 N  N   . SER A 1 85  ? 10.863  4.623   7.994   1.00 21.76 ? 90  SER A N   1 
ATOM   662 C  CA  . SER A 1 85  ? 11.250  4.045   6.719   1.00 20.62 ? 90  SER A CA  1 
ATOM   663 C  C   . SER A 1 85  ? 10.903  2.564   6.701   1.00 17.15 ? 90  SER A C   1 
ATOM   664 O  O   . SER A 1 85  ? 10.670  1.959   7.745   1.00 17.01 ? 90  SER A O   1 
ATOM   665 C  CB  . SER A 1 85  ? 12.753  4.221   6.497   1.00 23.23 ? 90  SER A CB  1 
ATOM   666 O  OG  . SER A 1 85  ? 13.480  3.504   7.478   1.00 24.40 ? 90  SER A OG  1 
ATOM   667 N  N   . PHE A 1 86  ? 10.861  1.979   5.512   1.00 15.28 ? 91  PHE A N   1 
ATOM   668 C  CA  . PHE A 1 86  ? 10.639  0.543   5.393   1.00 14.91 ? 91  PHE A CA  1 
ATOM   669 C  C   . PHE A 1 86  ? 11.109  0.068   4.033   1.00 13.81 ? 91  PHE A C   1 
ATOM   670 O  O   . PHE A 1 86  ? 11.276  0.869   3.115   1.00 13.67 ? 91  PHE A O   1 
ATOM   671 C  CB  . PHE A 1 86  ? 9.166   0.186   5.608   1.00 13.36 ? 91  PHE A CB  1 
ATOM   672 C  CG  . PHE A 1 86  ? 8.244   0.771   4.580   1.00 12.37 ? 91  PHE A CG  1 
ATOM   673 C  CD1 . PHE A 1 86  ? 7.751   2.058   4.725   1.00 12.74 ? 91  PHE A CD1 1 
ATOM   674 C  CD2 . PHE A 1 86  ? 7.869   0.034   3.469   1.00 13.27 ? 91  PHE A CD2 1 
ATOM   675 C  CE1 . PHE A 1 86  ? 6.897   2.599   3.779   1.00 13.48 ? 91  PHE A CE1 1 
ATOM   676 C  CE2 . PHE A 1 86  ? 7.020   0.567   2.516   1.00 12.79 ? 91  PHE A CE2 1 
ATOM   677 C  CZ  . PHE A 1 86  ? 6.535   1.850   2.669   1.00 13.50 ? 91  PHE A CZ  1 
ATOM   678 N  N   . SER A 1 87  ? 11.325  -1.237  3.910   1.00 14.63 ? 92  SER A N   1 
ATOM   679 C  CA  . SER A 1 87  ? 11.780  -1.818  2.655   1.00 15.00 ? 92  SER A CA  1 
ATOM   680 C  C   . SER A 1 87  ? 10.609  -2.211  1.771   1.00 13.65 ? 92  SER A C   1 
ATOM   681 O  O   . SER A 1 87  ? 9.664   -2.838  2.236   1.00 13.11 ? 92  SER A O   1 
ATOM   682 C  CB  . SER A 1 87  ? 12.641  -3.050  2.926   1.00 15.66 ? 92  SER A CB  1 
ATOM   683 O  OG  . SER A 1 87  ? 12.915  -3.739  1.723   1.00 14.15 ? 92  SER A OG  1 
ATOM   684 N  N   . VAL A 1 88  ? 10.677  -1.860  0.489   1.00 11.11 ? 93  VAL A N   1 
ATOM   685 C  CA  . VAL A 1 88  ? 9.610   -2.228  -0.433  1.00 10.94 ? 93  VAL A CA  1 
ATOM   686 C  C   . VAL A 1 88  ? 9.631   -3.724  -0.723  1.00 12.28 ? 93  VAL A C   1 
ATOM   687 O  O   . VAL A 1 88  ? 8.687   -4.262  -1.294  1.00 11.85 ? 93  VAL A O   1 
ATOM   688 C  CB  . VAL A 1 88  ? 9.679   -1.446  -1.760  1.00 10.92 ? 93  VAL A CB  1 
ATOM   689 C  CG1 . VAL A 1 88  ? 9.469   0.032   -1.507  1.00 13.61 ? 93  VAL A CG1 1 
ATOM   690 C  CG2 . VAL A 1 88  ? 11.004  -1.690  -2.464  1.00 14.39 ? 93  VAL A CG2 1 
ATOM   691 N  N   . LYS A 1 89  ? 10.703  -4.397  -0.314  1.00 12.46 ? 94  LYS A N   1 
ATOM   692 C  CA  . LYS A 1 89  ? 10.852  -5.827  -0.591  1.00 14.14 ? 94  LYS A CA  1 
ATOM   693 C  C   . LYS A 1 89  ? 10.246  -6.720  0.491   1.00 12.36 ? 94  LYS A C   1 
ATOM   694 O  O   . LYS A 1 89  ? 10.085  -7.927  0.298   1.00 13.94 ? 94  LYS A O   1 
ATOM   695 C  CB  . LYS A 1 89  ? 12.327  -6.187  -0.765  1.00 17.56 ? 94  LYS A CB  1 
ATOM   696 C  CG  . LYS A 1 89  ? 12.988  -5.558  -1.970  1.00 20.95 ? 94  LYS A CG  1 
ATOM   697 C  CD  . LYS A 1 89  ? 14.326  -6.213  -2.246  1.00 25.64 ? 94  LYS A CD  1 
ATOM   698 C  CE  . LYS A 1 89  ? 15.210  -6.200  -1.008  1.00 30.87 ? 94  LYS A CE  1 
ATOM   699 N  NZ  . LYS A 1 89  ? 16.464  -6.985  -1.212  1.00 34.50 ? 94  LYS A NZ  1 
ATOM   700 N  N   . GLU A 1 90  ? 9.909   -6.132  1.630   1.00 12.07 ? 95  GLU A N   1 
ATOM   701 C  CA  A GLU A 1 90  ? 9.380   -6.883  2.763   0.43 12.90 ? 95  GLU A CA  1 
ATOM   702 C  CA  B GLU A 1 90  ? 9.382   -6.914  2.736   0.57 12.63 ? 95  GLU A CA  1 
ATOM   703 C  C   . GLU A 1 90  ? 7.859   -6.881  2.752   1.00 11.91 ? 95  GLU A C   1 
ATOM   704 O  O   . GLU A 1 90  ? 7.234   -6.125  3.489   1.00 12.00 ? 95  GLU A O   1 
ATOM   705 C  CB  A GLU A 1 90  ? 9.888   -6.278  4.072   0.43 14.38 ? 95  GLU A CB  1 
ATOM   706 C  CB  B GLU A 1 90  ? 10.025  -6.473  4.050   0.57 14.64 ? 95  GLU A CB  1 
ATOM   707 C  CG  A GLU A 1 90  ? 11.396  -6.340  4.231   0.43 16.83 ? 95  GLU A CG  1 
ATOM   708 C  CG  B GLU A 1 90  ? 11.471  -6.953  4.119   0.57 17.25 ? 95  GLU A CG  1 
ATOM   709 C  CD  A GLU A 1 90  ? 11.902  -7.755  4.442   0.43 19.13 ? 95  GLU A CD  1 
ATOM   710 C  CD  B GLU A 1 90  ? 12.333  -6.200  5.107   0.57 18.78 ? 95  GLU A CD  1 
ATOM   711 O  OE1 A GLU A 1 90  ? 11.099  -8.622  4.848   0.43 19.48 ? 95  GLU A OE1 1 
ATOM   712 O  OE1 B GLU A 1 90  ? 11.796  -5.407  5.907   0.57 18.71 ? 95  GLU A OE1 1 
ATOM   713 O  OE2 A GLU A 1 90  ? 13.104  -8.000  4.204   0.43 21.69 ? 95  GLU A OE2 1 
ATOM   714 O  OE2 B GLU A 1 90  ? 13.565  -6.410  5.072   0.57 20.85 ? 95  GLU A OE2 1 
ATOM   715 N  N   . HIS A 1 91  ? 7.273   -7.735  1.919   1.00 9.25  ? 96  HIS A N   1 
ATOM   716 C  CA  . HIS A 1 91  ? 5.846   -7.658  1.642   1.00 8.85  ? 96  HIS A CA  1 
ATOM   717 C  C   . HIS A 1 91  ? 4.929   -8.037  2.802   1.00 13.51 ? 96  HIS A C   1 
ATOM   718 O  O   . HIS A 1 91  ? 3.897   -7.405  2.993   1.00 8.45  ? 96  HIS A O   1 
ATOM   719 C  CB  . HIS A 1 91  ? 5.513   -8.420  0.359   1.00 9.59  ? 96  HIS A CB  1 
ATOM   720 C  CG  . HIS A 1 91  ? 6.233   -7.892  -0.853  1.00 10.30 ? 96  HIS A CG  1 
ATOM   721 N  ND1 . HIS A 1 91  ? 6.178   -8.499  -2.077  1.00 11.28 ? 96  HIS A ND1 1 
ATOM   722 C  CD2 . HIS A 1 91  ? 7.020   -6.797  -0.997  1.00 10.50 ? 96  HIS A CD2 1 
ATOM   723 C  CE1 . HIS A 1 91  ? 6.902   -7.810  -2.944  1.00 11.40 ? 96  HIS A CE1 1 
ATOM   724 N  NE2 . HIS A 1 91  ? 7.425   -6.771  -2.316  1.00 10.79 ? 96  HIS A NE2 1 
ATOM   725 N  N   . ARG A 1 92  ? 5.300   -9.050  3.578   1.00 8.86  ? 97  ARG A N   1 
ATOM   726 C  CA  . ARG A 1 92  ? 4.514   -9.391  4.756   1.00 8.82  ? 97  ARG A CA  1 
ATOM   727 C  C   . ARG A 1 92  ? 4.520   -8.225  5.753   1.00 8.87  ? 97  ARG A C   1 
ATOM   728 O  O   . ARG A 1 92  ? 3.494   -7.885  6.333   1.00 8.70  ? 97  ARG A O   1 
ATOM   729 C  CB  . ARG A 1 92  ? 5.026   -10.671 5.416   1.00 10.03 ? 97  ARG A CB  1 
ATOM   730 C  CG  . ARG A 1 92  ? 4.428   -10.940 6.795   1.00 10.20 ? 97  ARG A CG  1 
ATOM   731 C  CD  . ARG A 1 92  ? 2.911   -11.064 6.733   1.00 8.98  ? 97  ARG A CD  1 
ATOM   732 N  NE  . ARG A 1 92  ? 2.488   -12.111 5.804   1.00 8.93  ? 97  ARG A NE  1 
ATOM   733 C  CZ  . ARG A 1 92  ? 1.244   -12.241 5.352   1.00 9.34  ? 97  ARG A CZ  1 
ATOM   734 N  NH1 . ARG A 1 92  ? 0.304   -11.389 5.742   1.00 8.56  ? 97  ARG A NH1 1 
ATOM   735 N  NH2 . ARG A 1 92  ? 0.939   -13.217 4.507   1.00 10.37 ? 97  ARG A NH2 1 
ATOM   736 N  N   . LYS A 1 93  ? 5.678   -7.600  5.935   1.00 9.15  ? 98  LYS A N   1 
ATOM   737 C  CA  . LYS A 1 93  ? 5.762   -6.452  6.824   1.00 12.36 ? 98  LYS A CA  1 
ATOM   738 C  C   . LYS A 1 93  ? 4.836   -5.321  6.359   1.00 8.96  ? 98  LYS A C   1 
ATOM   739 O  O   . LYS A 1 93  ? 4.149   -4.692  7.173   1.00 8.89  ? 98  LYS A O   1 
ATOM   740 C  CB  . LYS A 1 93  ? 7.203   -5.966  6.927   1.00 15.11 ? 98  LYS A CB  1 
ATOM   741 C  CG  . LYS A 1 93  ? 7.342   -4.707  7.738   1.00 20.49 ? 98  LYS A CG  1 
ATOM   742 C  CD  . LYS A 1 93  ? 8.770   -4.487  8.202   1.00 24.61 ? 98  LYS A CD  1 
ATOM   743 C  CE  . LYS A 1 93  ? 8.854   -3.279  9.122   1.00 26.93 ? 98  LYS A CE  1 
ATOM   744 N  NZ  . LYS A 1 93  ? 9.295   -2.066  8.399   1.00 27.86 ? 98  LYS A NZ  1 
ATOM   745 N  N   . ILE A 1 94  ? 4.799   -5.087  5.050   1.00 8.95  ? 99  ILE A N   1 
ATOM   746 C  CA  . ILE A 1 94  ? 3.942   -4.055  4.478   1.00 8.61  ? 99  ILE A CA  1 
ATOM   747 C  C   . ILE A 1 94  ? 2.469   -4.391  4.683   1.00 9.78  ? 99  ILE A C   1 
ATOM   748 O  O   . ILE A 1 94  ? 1.691   -3.547  5.122   1.00 8.20  ? 99  ILE A O   1 
ATOM   749 C  CB  . ILE A 1 94  ? 4.234   -3.831  2.980   1.00 8.64  ? 99  ILE A CB  1 
ATOM   750 C  CG1 . ILE A 1 94  ? 5.640   -3.246  2.794   1.00 11.00 ? 99  ILE A CG1 1 
ATOM   751 C  CG2 . ILE A 1 94  ? 3.196   -2.910  2.353   1.00 12.17 ? 99  ILE A CG2 1 
ATOM   752 C  CD1 . ILE A 1 94  ? 6.133   -3.282  1.353   1.00 11.14 ? 99  ILE A CD1 1 
ATOM   753 N  N   . TYR A 1 95  ? 2.090   -5.631  4.379   1.00 8.18  ? 100 TYR A N   1 
ATOM   754 C  CA  . TYR A 1 95  ? 0.725   -6.074  4.625   1.00 7.99  ? 100 TYR A CA  1 
ATOM   755 C  C   . TYR A 1 95  ? 0.323   -5.875  6.090   1.00 9.72  ? 100 TYR A C   1 
ATOM   756 O  O   . TYR A 1 95  ? -0.768  -5.385  6.389   1.00 9.40  ? 100 TYR A O   1 
ATOM   757 C  CB  . TYR A 1 95  ? 0.540   -7.534  4.182   1.00 8.00  ? 100 TYR A CB  1 
ATOM   758 C  CG  . TYR A 1 95  ? -0.132  -7.628  2.831   1.00 8.55  ? 100 TYR A CG  1 
ATOM   759 C  CD1 . TYR A 1 95  ? 0.475   -7.098  1.701   1.00 9.21  ? 100 TYR A CD1 1 
ATOM   760 C  CD2 . TYR A 1 95  ? -1.390  -8.205  2.692   1.00 10.05 ? 100 TYR A CD2 1 
ATOM   761 C  CE1 . TYR A 1 95  ? -0.144  -7.150  0.463   1.00 8.37  ? 100 TYR A CE1 1 
ATOM   762 C  CE2 . TYR A 1 95  ? -2.016  -8.265  1.457   1.00 8.98  ? 100 TYR A CE2 1 
ATOM   763 C  CZ  . TYR A 1 95  ? -1.388  -7.731  0.350   1.00 7.79  ? 100 TYR A CZ  1 
ATOM   764 O  OH  . TYR A 1 95  ? -2.002  -7.772  -0.878  1.00 7.82  ? 100 TYR A OH  1 
ATOM   765 N  N   . THR A 1 96  ? 1.219   -6.234  6.999   1.00 8.30  ? 101 THR A N   1 
ATOM   766 C  CA  . THR A 1 96  ? 0.944   -6.079  8.424   1.00 8.45  ? 101 THR A CA  1 
ATOM   767 C  C   . THR A 1 96  ? 0.663   -4.619  8.786   1.00 11.01 ? 101 THR A C   1 
ATOM   768 O  O   . THR A 1 96  ? -0.303  -4.319  9.491   1.00 9.47  ? 101 THR A O   1 
ATOM   769 C  CB  . THR A 1 96  ? 2.108   -6.620  9.269   1.00 10.03 ? 101 THR A CB  1 
ATOM   770 O  OG1 . THR A 1 96  ? 2.336   -7.997  8.934   1.00 11.83 ? 101 THR A OG1 1 
ATOM   771 C  CG2 . THR A 1 96  ? 1.806   -6.486  10.758  1.00 10.02 ? 101 THR A CG2 1 
ATOM   772 N  N   . MET A 1 97  ? 1.492   -3.713  8.280   1.00 10.79 ? 102 MET A N   1 
ATOM   773 C  CA  . MET A 1 97  ? 1.328   -2.289  8.565   1.00 11.22 ? 102 MET A CA  1 
ATOM   774 C  C   . MET A 1 97  ? 0.023   -1.728  7.994   1.00 11.30 ? 102 MET A C   1 
ATOM   775 O  O   . MET A 1 97  ? -0.607  -0.864  8.601   1.00 11.44 ? 102 MET A O   1 
ATOM   776 C  CB  . MET A 1 97  ? 2.539   -1.491  8.072   1.00 11.08 ? 102 MET A CB  1 
ATOM   777 C  CG  . MET A 1 97  ? 3.820   -1.787  8.848   1.00 11.58 ? 102 MET A CG  1 
ATOM   778 S  SD  . MET A 1 97  ? 5.219   -0.739  8.382   1.00 15.02 ? 102 MET A SD  1 
ATOM   779 C  CE  . MET A 1 97  ? 5.444   -1.174  6.654   1.00 12.05 ? 102 MET A CE  1 
ATOM   780 N  N   . ILE A 1 98  ? -0.387  -2.233  6.839   1.00 10.43 ? 103 ILE A N   1 
ATOM   781 C  CA  . ILE A 1 98  ? -1.645  -1.819  6.228   1.00 8.97  ? 103 ILE A CA  1 
ATOM   782 C  C   . ILE A 1 98  ? -2.866  -2.339  6.993   1.00 9.48  ? 103 ILE A C   1 
ATOM   783 O  O   . ILE A 1 98  ? -3.829  -1.597  7.209   1.00 9.95  ? 103 ILE A O   1 
ATOM   784 C  CB  . ILE A 1 98  ? -1.705  -2.256  4.746   1.00 7.78  ? 103 ILE A CB  1 
ATOM   785 C  CG1 . ILE A 1 98  ? -0.619  -1.532  3.950   1.00 7.94  ? 103 ILE A CG1 1 
ATOM   786 C  CG2 . ILE A 1 98  ? -3.071  -1.959  4.138   1.00 7.69  ? 103 ILE A CG2 1 
ATOM   787 C  CD1 . ILE A 1 98  ? -0.439  -2.076  2.535   1.00 7.93  ? 103 ILE A CD1 1 
ATOM   788 N  N   . TYR A 1 99  ? -2.813  -3.601  7.415   1.00 9.18  ? 104 TYR A N   1 
ATOM   789 C  CA  . TYR A 1 99  ? -3.912  -4.227  8.162   1.00 8.78  ? 104 TYR A CA  1 
ATOM   790 C  C   . TYR A 1 99  ? -4.267  -3.455  9.431   1.00 9.75  ? 104 TYR A C   1 
ATOM   791 O  O   . TYR A 1 99  ? -5.417  -3.449  9.865   1.00 11.35 ? 104 TYR A O   1 
ATOM   792 C  CB  . TYR A 1 99  ? -3.550  -5.664  8.544   1.00 8.51  ? 104 TYR A CB  1 
ATOM   793 C  CG  . TYR A 1 99  ? -3.706  -6.688  7.439   1.00 8.37  ? 104 TYR A CG  1 
ATOM   794 C  CD1 . TYR A 1 99  ? -4.797  -6.658  6.574   1.00 8.84  ? 104 TYR A CD1 1 
ATOM   795 C  CD2 . TYR A 1 99  ? -2.772  -7.703  7.277   1.00 8.23  ? 104 TYR A CD2 1 
ATOM   796 C  CE1 . TYR A 1 99  ? -4.937  -7.610  5.561   1.00 9.15  ? 104 TYR A CE1 1 
ATOM   797 C  CE2 . TYR A 1 99  ? -2.903  -8.652  6.273   1.00 8.08  ? 104 TYR A CE2 1 
ATOM   798 C  CZ  . TYR A 1 99  ? -3.985  -8.603  5.421   1.00 10.55 ? 104 TYR A CZ  1 
ATOM   799 O  OH  . TYR A 1 99  ? -4.105  -9.554  4.427   1.00 10.56 ? 104 TYR A OH  1 
ATOM   800 N  N   . ARG A 1 100 ? -3.274  -2.811  10.030  1.00 9.22  ? 105 ARG A N   1 
ATOM   801 C  CA  . ARG A 1 100 ? -3.507  -2.024  11.239  1.00 10.65 ? 105 ARG A CA  1 
ATOM   802 C  C   . ARG A 1 100 ? -4.357  -0.788  10.973  1.00 12.36 ? 105 ARG A C   1 
ATOM   803 O  O   . ARG A 1 100 ? -4.849  -0.145  11.909  1.00 15.05 ? 105 ARG A O   1 
ATOM   804 C  CB  . ARG A 1 100 ? -2.177  -1.629  11.876  1.00 10.99 ? 105 ARG A CB  1 
ATOM   805 C  CG  . ARG A 1 100 ? -1.425  -2.809  12.432  1.00 14.77 ? 105 ARG A CG  1 
ATOM   806 C  CD  . ARG A 1 100 ? -0.105  -2.425  13.048  1.00 17.81 ? 105 ARG A CD  1 
ATOM   807 N  NE  . ARG A 1 100 ? 0.563   -3.608  13.574  1.00 19.89 ? 105 ARG A NE  1 
ATOM   808 C  CZ  . ARG A 1 100 ? 1.847   -3.889  13.385  1.00 21.39 ? 105 ARG A CZ  1 
ATOM   809 N  NH1 . ARG A 1 100 ? 2.612   -3.065  12.678  1.00 22.99 ? 105 ARG A NH1 1 
ATOM   810 N  NH2 . ARG A 1 100 ? 2.366   -4.993  13.904  1.00 19.19 ? 105 ARG A NH2 1 
ATOM   811 N  N   . ASN A 1 101 ? -4.533  -0.452  9.699   1.00 10.04 ? 106 ASN A N   1 
ATOM   812 C  CA  . ASN A 1 101 ? -5.241  0.769   9.334   1.00 11.22 ? 106 ASN A CA  1 
ATOM   813 C  C   . ASN A 1 101 ? -6.513  0.542   8.540   1.00 10.84 ? 106 ASN A C   1 
ATOM   814 O  O   . ASN A 1 101 ? -6.905  1.378   7.730   1.00 12.58 ? 106 ASN A O   1 
ATOM   815 C  CB  . ASN A 1 101 ? -4.311  1.706   8.575   1.00 13.53 ? 106 ASN A CB  1 
ATOM   816 C  CG  . ASN A 1 101 ? -3.182  2.206   9.436   1.00 15.50 ? 106 ASN A CG  1 
ATOM   817 O  OD1 . ASN A 1 101 ? -3.378  3.077   10.281  1.00 17.40 ? 106 ASN A OD1 1 
ATOM   818 N  ND2 . ASN A 1 101 ? -1.995  1.652   9.238   1.00 15.23 ? 106 ASN A ND2 1 
ATOM   819 N  N   . LEU A 1 102 ? -7.165  -0.586  8.780   1.00 10.71 ? 107 LEU A N   1 
ATOM   820 C  CA  . LEU A 1 102 ? -8.405  -0.885  8.086   1.00 9.66  ? 107 LEU A CA  1 
ATOM   821 C  C   . LEU A 1 102 ? -9.260  -1.843  8.895   1.00 9.16  ? 107 LEU A C   1 
ATOM   822 O  O   . LEU A 1 102 ? -8.823  -2.375  9.911   1.00 11.34 ? 107 LEU A O   1 
ATOM   823 C  CB  . LEU A 1 102 ? -8.113  -1.462  6.691   1.00 10.31 ? 107 LEU A CB  1 
ATOM   824 C  CG  . LEU A 1 102 ? -7.148  -2.652  6.568   1.00 11.56 ? 107 LEU A CG  1 
ATOM   825 C  CD1 . LEU A 1 102 ? -7.790  -3.957  6.993   1.00 11.71 ? 107 LEU A CD1 1 
ATOM   826 C  CD2 . LEU A 1 102 ? -6.613  -2.766  5.140   1.00 11.72 ? 107 LEU A CD2 1 
ATOM   827 N  N   . VAL A 1 103 ? -10.482 -2.058  8.432   1.00 9.64  ? 108 VAL A N   1 
ATOM   828 C  CA  . VAL A 1 103 ? -11.324 -3.111  8.965   1.00 11.74 ? 108 VAL A CA  1 
ATOM   829 C  C   . VAL A 1 103 ? -11.496 -4.163  7.886   1.00 13.74 ? 108 VAL A C   1 
ATOM   830 O  O   . VAL A 1 103 ? -11.880 -3.854  6.753   1.00 13.47 ? 108 VAL A O   1 
ATOM   831 C  CB  . VAL A 1 103 ? -12.710 -2.585  9.337   1.00 14.17 ? 108 VAL A CB  1 
ATOM   832 C  CG1 . VAL A 1 103 ? -13.533 -3.684  9.995   1.00 15.37 ? 108 VAL A CG1 1 
ATOM   833 C  CG2 . VAL A 1 103 ? -12.586 -1.376  10.245  1.00 15.43 ? 108 VAL A CG2 1 
ATOM   834 N  N   . VAL A 1 104 ? -11.206 -5.413  8.230   1.00 14.52 ? 109 VAL A N   1 
ATOM   835 C  CA  . VAL A 1 104 ? -11.415 -6.491  7.281   1.00 14.05 ? 109 VAL A CA  1 
ATOM   836 C  C   . VAL A 1 104 ? -12.898 -6.846  7.242   1.00 17.91 ? 109 VAL A C   1 
ATOM   837 O  O   . VAL A 1 104 ? -13.527 -7.056  8.278   1.00 18.45 ? 109 VAL A O   1 
ATOM   838 C  CB  . VAL A 1 104 ? -10.574 -7.726  7.629   1.00 14.28 ? 109 VAL A CB  1 
ATOM   839 C  CG1 . VAL A 1 104 ? -10.898 -8.867  6.680   1.00 15.85 ? 109 VAL A CG1 1 
ATOM   840 C  CG2 . VAL A 1 104 ? -9.097  -7.375  7.550   1.00 12.96 ? 109 VAL A CG2 1 
ATOM   841 N  N   . VAL A 1 105 ? -13.451 -6.888  6.040   1.00 21.97 ? 110 VAL A N   1 
ATOM   842 C  CA  . VAL A 1 105 ? -14.852 -7.196  5.854   1.00 19.26 ? 110 VAL A CA  1 
ATOM   843 C  C   . VAL A 1 105 ? -15.115 -8.678  6.098   1.00 25.09 ? 110 VAL A C   1 
ATOM   844 O  O   . VAL A 1 105 ? -14.408 -9.548  5.581   1.00 26.10 ? 110 VAL A O   1 
ATOM   845 C  CB  . VAL A 1 105 ? -15.329 -6.812  4.464   1.00 20.09 ? 110 VAL A CB  1 
ATOM   846 C  CG1 . VAL A 1 105 ? -16.794 -7.203  4.274   1.00 21.56 ? 110 VAL A CG1 1 
ATOM   847 C  CG2 . VAL A 1 105 ? -15.125 -5.329  4.222   1.00 20.25 ? 110 VAL A CG2 1 
ATOM   848 O  OXT . VAL A 1 105 ? -16.059 -8.983  6.813   1.00 27.17 ? 110 VAL A OXT 1 
HETATM 849 C  C10 . 2U0 B 2 .   ? 4.656   -4.744  -2.412  1.00 9.69  ? 201 2U0 A C10 1 
HETATM 850 C  C9  . 2U0 B 2 .   ? 3.566   -5.501  -1.974  1.00 8.72  ? 201 2U0 A C9  1 
HETATM 851 CL CL1 . 2U0 B 2 .   ? 3.324   -5.763  -0.273  1.00 11.36 ? 201 2U0 A CL1 1 
HETATM 852 C  C8  . 2U0 B 2 .   ? 2.674   -6.053  -2.890  1.00 8.64  ? 201 2U0 A C8  1 
HETATM 853 C  C7  . 2U0 B 2 .   ? 2.867   -5.850  -4.255  1.00 10.05 ? 201 2U0 A C7  1 
HETATM 854 C  C6  . 2U0 B 2 .   ? 3.955   -5.087  -4.686  1.00 10.17 ? 201 2U0 A C6  1 
HETATM 855 C  C4  . 2U0 B 2 .   ? 4.854   -4.530  -3.776  1.00 9.94  ? 201 2U0 A C4  1 
HETATM 856 C  C3  . 2U0 B 2 .   ? 6.041   -3.693  -4.288  1.00 10.51 ? 201 2U0 A C3  1 
HETATM 857 C  C5  . 2U0 B 2 .   ? 6.736   -4.342  -5.476  1.00 10.26 ? 201 2U0 A C5  1 
HETATM 858 C  C2  . 2U0 B 2 .   ? 5.413   -2.380  -4.813  1.00 11.64 ? 201 2U0 A C2  1 
HETATM 859 C  C1  . 2U0 B 2 .   ? 4.771   -1.657  -3.608  1.00 10.49 ? 201 2U0 A C1  1 
HETATM 860 C  C25 . 2U0 B 2 .   ? 5.542   -1.319  -2.505  1.00 10.69 ? 201 2U0 A C25 1 
HETATM 861 C  C24 . 2U0 B 2 .   ? 4.968   -0.672  -1.418  1.00 10.17 ? 201 2U0 A C24 1 
HETATM 862 F  F1  . 2U0 B 2 .   ? 5.744   -0.347  -0.365  1.00 12.46 ? 201 2U0 A F1  1 
HETATM 863 C  C23 . 2U0 B 2 .   ? 3.610   -0.374  -1.418  1.00 10.18 ? 201 2U0 A C23 1 
HETATM 864 CL CL2 . 2U0 B 2 .   ? 2.867   0.413   -0.063  1.00 25.24 ? 201 2U0 A CL2 1 
HETATM 865 C  C22 . 2U0 B 2 .   ? 2.832   -0.718  -2.517  1.00 10.40 ? 201 2U0 A C22 1 
HETATM 866 C  C21 . 2U0 B 2 .   ? 3.413   -1.362  -3.605  1.00 10.74 ? 201 2U0 A C21 1 
HETATM 867 N  N1  . 2U0 B 2 .   ? 6.394   -1.477  -5.458  1.00 12.68 ? 201 2U0 A N1  1 
HETATM 868 C  C11 . 2U0 B 2 .   ? 6.011   -0.084  -5.817  1.00 15.10 ? 201 2U0 A C11 1 
HETATM 869 C  C12 . 2U0 B 2 .   ? 6.925   1.058   -5.358  1.00 17.40 ? 201 2U0 A C12 1 
HETATM 870 C  C27 . 2U0 B 2 .   ? 6.197   2.220   -4.694  1.00 19.10 ? 201 2U0 A C27 1 
HETATM 871 C  C28 . 2U0 B 2 .   ? 7.086   1.287   -3.859  1.00 19.25 ? 201 2U0 A C28 1 
HETATM 872 C  C13 . 2U0 B 2 .   ? 5.818   0.030   -7.340  1.00 15.53 ? 201 2U0 A C13 1 
HETATM 873 S  S1  . 2U0 B 2 .   ? 4.566   -1.066  -8.079  1.00 16.78 ? 201 2U0 A S1  1 
HETATM 874 O  O2  . 2U0 B 2 .   ? 4.935   -2.513  -7.883  1.00 16.36 ? 201 2U0 A O2  1 
HETATM 875 O  O3  . 2U0 B 2 .   ? 3.220   -0.815  -7.474  1.00 17.70 ? 201 2U0 A O3  1 
HETATM 876 C  C14 . 2U0 B 2 .   ? 4.507   -0.744  -9.880  1.00 16.52 ? 201 2U0 A C14 1 
HETATM 877 C  C16 . 2U0 B 2 .   ? 5.894   -1.020  -10.461 1.00 18.03 ? 201 2U0 A C16 1 
HETATM 878 C  C29 . 2U0 B 2 .   ? 3.466   -1.659  -10.514 1.00 17.17 ? 201 2U0 A C29 1 
HETATM 879 C  C15 . 2U0 B 2 .   ? 4.124   0.711   -10.117 1.00 16.70 ? 201 2U0 A C15 1 
HETATM 880 C  C17 . 2U0 B 2 .   ? 7.599   -2.012  -5.960  1.00 13.63 ? 201 2U0 A C17 1 
HETATM 881 O  O1  . 2U0 B 2 .   ? 8.386   -1.313  -6.597  1.00 15.56 ? 201 2U0 A O1  1 
HETATM 882 C  C18 . 2U0 B 2 .   ? 7.951   -3.488  -5.871  1.00 12.18 ? 201 2U0 A C18 1 
HETATM 883 C  C26 . 2U0 B 2 .   ? 8.411   -3.916  -7.265  1.00 14.15 ? 201 2U0 A C26 1 
HETATM 884 C  C19 . 2U0 B 2 .   ? 9.123   -3.512  -4.881  1.00 12.71 ? 201 2U0 A C19 1 
HETATM 885 C  C20 . 2U0 B 2 .   ? 9.804   -4.888  -4.844  1.00 14.83 ? 201 2U0 A C20 1 
HETATM 886 S  S2  . 2U0 B 2 .   ? 11.231  -5.158  -5.738  1.00 20.84 ? 201 2U0 A S2  1 
HETATM 887 N  N2  . 2U0 B 2 .   ? 9.503   -6.032  -4.216  1.00 14.04 ? 201 2U0 A N2  1 
HETATM 888 C  C30 . 2U0 B 2 .   ? 10.382  -7.039  -4.464  1.00 17.93 ? 201 2U0 A C30 1 
HETATM 889 C  C31 . 2U0 B 2 .   ? 11.400  -6.729  -5.287  1.00 21.95 ? 201 2U0 A C31 1 
HETATM 890 C  C32 . 2U0 B 2 .   ? 12.570  -7.566  -5.791  1.00 26.99 ? 201 2U0 A C32 1 
HETATM 891 C  C33 . 2U0 B 2 .   ? 12.586  -8.872  -5.017  1.00 33.29 ? 201 2U0 A C33 1 
HETATM 892 O  O5  . 2U0 B 2 .   ? 13.435  -8.967  -4.104  1.00 35.86 ? 201 2U0 A O5  1 
HETATM 893 O  O4  . 2U0 B 2 .   ? 11.739  -9.734  -5.346  1.00 36.23 ? 201 2U0 A O4  1 
HETATM 894 S  S   . SO4 C 3 .   ? -0.294  -18.952 -3.265  1.00 33.67 ? 202 SO4 A S   1 
HETATM 895 O  O1  . SO4 C 3 .   ? 1.003   -18.873 -2.585  1.00 34.45 ? 202 SO4 A O1  1 
HETATM 896 O  O2  . SO4 C 3 .   ? -0.485  -17.778 -4.114  1.00 32.90 ? 202 SO4 A O2  1 
HETATM 897 O  O3  . SO4 C 3 .   ? -1.367  -19.000 -2.276  1.00 34.23 ? 202 SO4 A O3  1 
HETATM 898 O  O4  . SO4 C 3 .   ? -0.340  -20.158 -4.091  1.00 35.22 ? 202 SO4 A O4  1 
HETATM 899 S  S   . SO4 D 3 .   ? 5.855   -12.065 -8.571  1.00 42.88 ? 203 SO4 A S   1 
HETATM 900 O  O1  . SO4 D 3 .   ? 5.831   -11.382 -7.277  1.00 42.59 ? 203 SO4 A O1  1 
HETATM 901 O  O2  . SO4 D 3 .   ? 6.596   -11.264 -9.543  1.00 41.87 ? 203 SO4 A O2  1 
HETATM 902 O  O3  . SO4 D 3 .   ? 6.526   -13.355 -8.429  1.00 43.40 ? 203 SO4 A O3  1 
HETATM 903 O  O4  . SO4 D 3 .   ? 4.483   -12.268 -9.039  1.00 42.58 ? 203 SO4 A O4  1 
HETATM 904 O  O   . HOH E 4 .   ? -0.747  -7.307  -3.176  1.00 9.70  ? 301 HOH A O   1 
HETATM 905 O  O   . HOH E 4 .   ? 5.945   11.387  -9.170  1.00 9.93  ? 302 HOH A O   1 
HETATM 906 O  O   . HOH E 4 .   ? 7.418   -11.048 3.095   1.00 10.97 ? 303 HOH A O   1 
HETATM 907 O  O   . HOH E 4 .   ? 0.096   13.234  13.898  1.00 10.95 ? 304 HOH A O   1 
HETATM 908 O  O   . HOH E 4 .   ? 8.325   -9.151  5.167   1.00 13.86 ? 305 HOH A O   1 
HETATM 909 O  O   . HOH E 4 .   ? 8.485   -7.851  -11.162 1.00 16.35 ? 306 HOH A O   1 
HETATM 910 O  O   . HOH E 4 .   ? 0.024   -9.729  8.206   1.00 12.87 ? 307 HOH A O   1 
HETATM 911 O  O   . HOH E 4 .   ? 4.532   -14.176 5.345   1.00 16.87 ? 308 HOH A O   1 
HETATM 912 O  O   . HOH E 4 .   ? -10.763 9.839   4.946   1.00 14.88 ? 309 HOH A O   1 
HETATM 913 O  O   . HOH E 4 .   ? 3.141   -14.925 3.197   1.00 17.29 ? 310 HOH A O   1 
HETATM 914 O  O   . HOH E 4 .   ? 9.128   2.726   -8.844  1.00 19.21 ? 311 HOH A O   1 
HETATM 915 O  O   . HOH E 4 .   ? 1.243   1.420   -7.851  1.00 12.54 ? 312 HOH A O   1 
HETATM 916 O  O   . HOH E 4 .   ? -12.543 -10.563 -3.147  1.00 18.70 ? 313 HOH A O   1 
HETATM 917 O  O   . HOH E 4 .   ? -1.867  7.412   -10.255 1.00 18.42 ? 314 HOH A O   1 
HETATM 918 O  O   . HOH E 4 .   ? -13.532 2.695   4.243   1.00 21.48 ? 315 HOH A O   1 
HETATM 919 O  O   . HOH E 4 .   ? 1.073   -15.588 -4.394  1.00 15.26 ? 316 HOH A O   1 
HETATM 920 O  O   . HOH E 4 .   ? -5.904  3.446   11.526  1.00 24.73 ? 317 HOH A O   1 
HETATM 921 O  O   . HOH E 4 .   ? -1.881  -2.241  -12.144 1.00 18.15 ? 318 HOH A O   1 
HETATM 922 O  O   . HOH E 4 .   ? -5.301  4.861   -11.454 1.00 22.75 ? 319 HOH A O   1 
HETATM 923 O  O   . HOH E 4 .   ? -5.987  2.228   -12.381 1.00 17.98 ? 320 HOH A O   1 
HETATM 924 O  O   . HOH E 4 .   ? -13.312 1.193   8.392   1.00 22.36 ? 321 HOH A O   1 
HETATM 925 O  O   . HOH E 4 .   ? 0.194   -14.008 -6.626  1.00 24.67 ? 322 HOH A O   1 
HETATM 926 O  O   . HOH E 4 .   ? -11.191 9.996   2.240   1.00 26.07 ? 323 HOH A O   1 
HETATM 927 O  O   . HOH E 4 .   ? -12.659 -7.638  11.101  1.00 20.43 ? 324 HOH A O   1 
HETATM 928 O  O   . HOH E 4 .   ? -9.170  -18.790 -0.306  1.00 27.32 ? 325 HOH A O   1 
HETATM 929 O  O   . HOH E 4 .   ? 9.932   0.117   -8.263  1.00 20.01 ? 326 HOH A O   1 
HETATM 930 O  O   . HOH E 4 .   ? 5.866   14.098  1.794   1.00 26.67 ? 327 HOH A O   1 
HETATM 931 O  O   . HOH E 4 .   ? 6.890   -13.395 4.192   1.00 28.03 ? 328 HOH A O   1 
HETATM 932 O  O   . HOH E 4 .   ? -1.211  9.964   -9.318  1.00 25.67 ? 329 HOH A O   1 
HETATM 933 O  O   . HOH E 4 .   ? -16.179 -5.943  9.383   1.00 27.45 ? 330 HOH A O   1 
HETATM 934 O  O   . HOH E 4 .   ? -3.974  6.110   -9.513  1.00 23.15 ? 331 HOH A O   1 
HETATM 935 O  O   . HOH E 4 .   ? -13.629 -11.963 6.192   1.00 26.30 ? 332 HOH A O   1 
HETATM 936 O  O   . HOH E 4 .   ? -12.541 -10.367 3.729   1.00 35.07 ? 333 HOH A O   1 
HETATM 937 O  O   . HOH E 4 .   ? 4.949   16.525  8.062   1.00 19.35 ? 334 HOH A O   1 
HETATM 938 O  O   . HOH E 4 .   ? 2.327   6.931   14.197  1.00 37.35 ? 335 HOH A O   1 
HETATM 939 O  O   . HOH E 4 .   ? -11.756 3.132   -7.094  1.00 31.64 ? 336 HOH A O   1 
HETATM 940 O  O   . HOH E 4 .   ? -3.932  -3.307  -19.434 1.00 27.55 ? 337 HOH A O   1 
HETATM 941 O  O   . HOH E 4 .   ? 8.191   -8.101  -6.750  1.00 24.81 ? 338 HOH A O   1 
HETATM 942 O  O   . HOH E 4 .   ? -2.242  -13.368 -7.239  1.00 30.82 ? 339 HOH A O   1 
HETATM 943 O  O   . HOH E 4 .   ? 1.983   -12.283 -8.049  1.00 27.08 ? 340 HOH A O   1 
HETATM 944 O  O   . HOH E 4 .   ? -6.530  -4.051  12.170  1.00 35.05 ? 341 HOH A O   1 
HETATM 945 O  O   . HOH E 4 .   ? -10.595 12.281  0.903   1.00 30.15 ? 342 HOH A O   1 
HETATM 946 O  O   . HOH E 4 .   ? -8.041  -3.671  -16.046 1.00 27.41 ? 343 HOH A O   1 
HETATM 947 O  O   . HOH E 4 .   ? -6.697  2.232   -17.031 1.00 34.29 ? 344 HOH A O   1 
HETATM 948 O  O   . HOH E 4 .   ? 9.432   -10.859 -4.426  1.00 20.19 ? 345 HOH A O   1 
HETATM 949 O  O   . HOH E 4 .   ? 7.156   -10.181 -5.416  1.00 25.01 ? 346 HOH A O   1 
HETATM 950 O  O   . HOH E 4 .   ? 7.084   -14.961 1.829   1.00 32.11 ? 347 HOH A O   1 
HETATM 951 O  O   . HOH E 4 .   ? -8.086  12.295  -0.550  1.00 23.77 ? 348 HOH A O   1 
HETATM 952 O  O   . HOH E 4 .   ? -2.026  -11.588 -9.936  1.00 22.60 ? 349 HOH A O   1 
HETATM 953 O  O   . HOH E 4 .   ? 11.279  -2.766  6.344   1.00 29.96 ? 350 HOH A O   1 
HETATM 954 O  O   . HOH E 4 .   ? -18.022 -7.602  8.144   1.00 35.30 ? 351 HOH A O   1 
HETATM 955 O  O   . HOH E 4 .   ? 3.106   -17.764 -4.087  1.00 37.26 ? 352 HOH A O   1 
HETATM 956 O  O   . HOH E 4 .   ? -8.749  -0.780  -8.665  1.00 35.80 ? 353 HOH A O   1 
HETATM 957 O  O   . HOH E 4 .   ? -0.365  1.804   12.909  1.00 33.88 ? 354 HOH A O   1 
HETATM 958 O  O   . HOH E 4 .   ? -12.597 5.495   6.888   1.00 19.80 ? 355 HOH A O   1 
HETATM 959 O  O   . HOH E 4 .   ? -4.343  -12.194 -9.937  1.00 33.88 ? 356 HOH A O   1 
HETATM 960 O  O   . HOH E 4 .   ? 12.295  9.608   -2.400  1.00 22.08 ? 357 HOH A O   1 
HETATM 961 O  O   . HOH E 4 .   ? 13.671  6.540   -1.833  1.00 26.36 ? 358 HOH A O   1 
HETATM 962 O  O   . HOH E 4 .   ? 11.601  9.318   -8.807  1.00 37.15 ? 359 HOH A O   1 
HETATM 963 O  O   . HOH E 4 .   ? -8.835  -3.970  -10.118 1.00 28.03 ? 360 HOH A O   1 
HETATM 964 O  O   . HOH E 4 .   ? -2.180  13.311  -6.034  1.00 31.13 ? 361 HOH A O   1 
HETATM 965 O  O   . HOH E 4 .   ? -14.144 -8.710  -4.843  1.00 32.63 ? 362 HOH A O   1 
HETATM 966 O  O   . HOH E 4 .   ? -1.423  12.511  -3.530  1.00 28.55 ? 363 HOH A O   1 
HETATM 967 O  O   . HOH E 4 .   ? -10.579 10.378  -5.868  1.00 29.56 ? 364 HOH A O   1 
HETATM 968 O  O   . HOH E 4 .   ? -14.085 9.833   1.842   1.00 32.67 ? 365 HOH A O   1 
HETATM 969 O  O   . HOH E 4 .   ? -21.799 -4.028  4.211   1.00 39.62 ? 366 HOH A O   1 
HETATM 970 O  O   . HOH E 4 .   ? 11.111  -10.717 1.706   1.00 34.32 ? 367 HOH A O   1 
HETATM 971 O  O   . HOH E 4 .   ? 9.413   -14.470 0.756   1.00 36.67 ? 368 HOH A O   1 
HETATM 972 O  O   . HOH E 4 .   ? 8.479   -14.948 -3.669  1.00 38.48 ? 369 HOH A O   1 
HETATM 973 O  O   . HOH E 4 .   ? -6.990  14.801  -0.832  1.00 39.04 ? 370 HOH A O   1 
HETATM 974 O  O   . HOH E 4 .   ? 14.470  0.576   7.019   1.00 42.14 ? 371 HOH A O   1 
HETATM 975 O  O   . HOH E 4 .   ? 7.049   14.508  -8.986  1.00 42.84 ? 372 HOH A O   1 
HETATM 976 O  O   . HOH E 4 .   ? -14.089 4.251   8.903   1.00 37.76 ? 373 HOH A O   1 
HETATM 977 O  O   . HOH E 4 .   ? -1.212  -18.555 -6.761  1.00 34.36 ? 374 HOH A O   1 
HETATM 978 O  O   . HOH E 4 .   ? -4.532  -12.117 -5.978  1.00 19.11 ? 375 HOH A O   1 
HETATM 979 O  O   . HOH E 4 .   ? -2.561  7.682   12.639  0.50 32.44 ? 376 HOH A O   1 
HETATM 980 O  O   . HOH E 4 .   ? -17.380 0.903   -1.776  1.00 27.25 ? 377 HOH A O   1 
HETATM 981 O  O   . HOH E 4 .   ? -2.100  4.636   12.399  1.00 29.10 ? 378 HOH A O   1 
HETATM 982 O  O   . HOH E 4 .   ? 1.318   -9.441  -14.285 1.00 33.95 ? 379 HOH A O   1 
HETATM 983 O  O   . HOH E 4 .   ? -7.012  3.200   -14.758 1.00 39.43 ? 380 HOH A O   1 
HETATM 984 O  O   . HOH E 4 .   ? 16.864  5.355   -9.066  1.00 40.52 ? 381 HOH A O   1 
HETATM 985 O  O   . HOH E 4 .   ? 17.870  -4.853  0.460   1.00 40.19 ? 382 HOH A O   1 
HETATM 986 O  O   . HOH E 4 .   ? -0.750  -10.896 -14.383 1.00 38.10 ? 383 HOH A O   1 
HETATM 987 O  O   . HOH E 4 .   ? 11.174  10.858  0.595   1.00 34.72 ? 384 HOH A O   1 
# 
loop_
_atom_site_anisotrop.id 
_atom_site_anisotrop.type_symbol 
_atom_site_anisotrop.pdbx_label_atom_id 
_atom_site_anisotrop.pdbx_label_alt_id 
_atom_site_anisotrop.pdbx_label_comp_id 
_atom_site_anisotrop.pdbx_label_asym_id 
_atom_site_anisotrop.pdbx_label_seq_id 
_atom_site_anisotrop.pdbx_PDB_ins_code 
_atom_site_anisotrop.U[1][1] 
_atom_site_anisotrop.U[2][2] 
_atom_site_anisotrop.U[3][3] 
_atom_site_anisotrop.U[1][2] 
_atom_site_anisotrop.U[1][3] 
_atom_site_anisotrop.U[2][3] 
_atom_site_anisotrop.pdbx_auth_seq_id 
_atom_site_anisotrop.pdbx_auth_comp_id 
_atom_site_anisotrop.pdbx_auth_asym_id 
_atom_site_anisotrop.pdbx_auth_atom_id 
1   N N   . MET A 1   ? 0.3480 0.2587 0.2361 0.0292  0.0541 -0.0035 6   MET A N   
2   C CA  A MET A 1   ? 0.3631 0.2682 0.2488 0.0294  0.0510 -0.0018 6   MET A CA  
3   C CA  B MET A 1   ? 0.3593 0.2645 0.2450 0.0294  0.0509 -0.0019 6   MET A CA  
4   C C   . MET A 1   ? 0.3598 0.2612 0.2399 0.0314  0.0497 -0.0008 6   MET A C   
5   O O   . MET A 1   ? 0.3637 0.2655 0.2410 0.0325  0.0515 -0.0007 6   MET A O   
6   C CB  A MET A 1   ? 0.3804 0.2816 0.2655 0.0275  0.0532 -0.0006 6   MET A CB  
7   C CB  B MET A 1   ? 0.3721 0.2737 0.2578 0.0275  0.0525 -0.0008 6   MET A CB  
8   C CG  A MET A 1   ? 0.4052 0.3018 0.2861 0.0268  0.0579 0.0011  6   MET A CG  
9   C CG  B MET A 1   ? 0.3952 0.2904 0.2753 0.0275  0.0555 0.0014  6   MET A CG  
10  S SD  A MET A 1   ? 0.3578 0.2467 0.2300 0.0298  0.0562 0.0036  6   MET A SD  
11  S SD  B MET A 1   ? 0.4229 0.3193 0.3016 0.0268  0.0614 0.0015  6   MET A SD  
12  C CE  A MET A 1   ? 0.3179 0.2031 0.1847 0.0299  0.0624 0.0052  6   MET A CE  
13  C CE  B MET A 1   ? 0.3148 0.2031 0.1839 0.0299  0.0614 0.0044  6   MET A CE  
14  N N   . SER A 2   ? 0.3339 0.2325 0.2127 0.0319  0.0466 -0.0004 7   SER A N   
15  C CA  . SER A 2   ? 0.3339 0.2296 0.2071 0.0344  0.0449 -0.0004 7   SER A CA  
16  C C   . SER A 2   ? 0.3233 0.2144 0.1932 0.0351  0.0440 0.0008  7   SER A C   
17  O O   . SER A 2   ? 0.3124 0.2029 0.1850 0.0334  0.0439 0.0012  7   SER A O   
18  C CB  . SER A 2   ? 0.3412 0.2394 0.2160 0.0351  0.0418 -0.0027 7   SER A CB  
19  O OG  . SER A 2   ? 0.3430 0.2443 0.2193 0.0353  0.0425 -0.0037 7   SER A OG  
20  N N   . VAL A 3   ? 0.3128 0.2007 0.1759 0.0382  0.0432 0.0011  8   VAL A N   
21  C CA  . VAL A 3   ? 0.3309 0.2142 0.1892 0.0403  0.0419 0.0020  8   VAL A CA  
22  C C   . VAL A 3   ? 0.3362 0.2210 0.1912 0.0437  0.0377 -0.0007 8   VAL A C   
23  O O   . VAL A 3   ? 0.3358 0.2179 0.1833 0.0478  0.0370 -0.0003 8   VAL A O   
24  C CB  . VAL A 3   ? 0.2849 0.1609 0.1365 0.0418  0.0457 0.0050  8   VAL A CB  
25  C CG1 . VAL A 3   ? 0.3022 0.1771 0.1582 0.0377  0.0496 0.0063  8   VAL A CG1 
26  C CG2 . VAL A 3   ? 0.2715 0.1466 0.1181 0.0438  0.0477 0.0057  8   VAL A CG2 
27  N N   . PRO A 4   ? 0.3394 0.2286 0.1998 0.0421  0.0349 -0.0037 9   PRO A N   
28  C CA  . PRO A 4   ? 0.3377 0.2302 0.1974 0.0445  0.0311 -0.0080 9   PRO A CA  
29  C C   . PRO A 4   ? 0.3407 0.2308 0.1940 0.0491  0.0284 -0.0086 9   PRO A C   
30  O O   . PRO A 4   ? 0.3494 0.2417 0.1996 0.0528  0.0250 -0.0122 9   PRO A O   
31  C CB  . PRO A 4   ? 0.3242 0.2207 0.1924 0.0407  0.0305 -0.0109 9   PRO A CB  
32  C CG  . PRO A 4   ? 0.3231 0.2176 0.1940 0.0380  0.0328 -0.0074 9   PRO A CG  
33  C CD  . PRO A 4   ? 0.3137 0.2050 0.1817 0.0380  0.0357 -0.0037 9   PRO A CD  
34  N N   . THR A 5   ? 0.3192 0.2048 0.1701 0.0494  0.0296 -0.0055 10  THR A N   
35  C CA  . THR A 5   ? 0.3443 0.2262 0.1878 0.0547  0.0272 -0.0054 10  THR A CA  
36  C C   . THR A 5   ? 0.3562 0.2285 0.1931 0.0556  0.0310 0.0001  10  THR A C   
37  O O   . THR A 5   ? 0.3501 0.2207 0.1903 0.0514  0.0353 0.0026  10  THR A O   
38  C CB  . THR A 5   ? 0.3680 0.2540 0.2164 0.0544  0.0241 -0.0089 10  THR A CB  
39  O OG1 . THR A 5   ? 0.3637 0.2464 0.2145 0.0511  0.0268 -0.0057 10  THR A OG1 
40  C CG2 . THR A 5   ? 0.3613 0.2559 0.2195 0.0508  0.0225 -0.0147 10  THR A CG2 
41  N N   . ASP A 6   ? 0.3830 0.2492 0.2109 0.0613  0.0295 0.0012  11  ASP A N   
42  C CA  . ASP A 6   ? 0.4006 0.2556 0.2214 0.0625  0.0338 0.0058  11  ASP A CA  
43  C C   . ASP A 6   ? 0.3648 0.2182 0.1905 0.0584  0.0358 0.0069  11  ASP A C   
44  O O   . ASP A 6   ? 0.3749 0.2188 0.1960 0.0583  0.0400 0.0099  11  ASP A O   
45  C CB  . ASP A 6   ? 0.4605 0.3078 0.2687 0.0710  0.0316 0.0067  11  ASP A CB  
46  C CG  . ASP A 6   ? 0.5378 0.3848 0.3390 0.0761  0.0302 0.0061  11  ASP A CG  
47  O OD1 . ASP A 6   ? 0.5507 0.4012 0.3556 0.0727  0.0325 0.0061  11  ASP A OD1 
48  O OD2 . ASP A 6   ? 0.5892 0.4325 0.3808 0.0843  0.0265 0.0055  11  ASP A OD2 
49  N N   . GLY A 7   ? 0.3202 0.1820 0.1549 0.0550  0.0331 0.0040  12  GLY A N   
50  C CA  . GLY A 7   ? 0.2744 0.1356 0.1137 0.0515  0.0343 0.0047  12  GLY A CA  
51  C C   . GLY A 7   ? 0.2438 0.1134 0.0946 0.0455  0.0347 0.0028  12  GLY A C   
52  O O   . GLY A 7   ? 0.2472 0.1202 0.1033 0.0436  0.0335 0.0014  12  GLY A O   
53  N N   . ALA A 8   ? 0.2454 0.1181 0.0998 0.0431  0.0363 0.0027  13  ALA A N   
54  C CA  . ALA A 8   ? 0.2390 0.1183 0.1026 0.0385  0.0365 0.0013  13  ALA A CA  
55  C C   . ALA A 8   ? 0.2477 0.1273 0.1132 0.0364  0.0394 0.0025  13  ALA A C   
56  O O   . ALA A 8   ? 0.2902 0.1677 0.1510 0.0384  0.0405 0.0033  13  ALA A O   
57  C CB  . ALA A 8   ? 0.2463 0.1324 0.1139 0.0386  0.0332 -0.0027 13  ALA A CB  
58  N N   . VAL A 9   ? 0.2115 0.0942 0.0835 0.0328  0.0407 0.0024  14  VAL A N   
59  C CA  A VAL A 9   ? 0.2213 0.1063 0.0959 0.0313  0.0429 0.0026  14  VAL A CA  
60  C CA  B VAL A 9   ? 0.2220 0.1072 0.0967 0.0312  0.0429 0.0026  14  VAL A CA  
61  C C   . VAL A 9   ? 0.2294 0.1201 0.1104 0.0294  0.0414 0.0010  14  VAL A C   
62  O O   . VAL A 9   ? 0.2464 0.1381 0.1308 0.0282  0.0406 0.0007  14  VAL A O   
63  C CB  A VAL A 9   ? 0.2217 0.1039 0.0965 0.0294  0.0469 0.0038  14  VAL A CB  
64  C CB  B VAL A 9   ? 0.2204 0.1025 0.0950 0.0295  0.0469 0.0039  14  VAL A CB  
65  C CG1 A VAL A 9   ? 0.2285 0.1031 0.0957 0.0312  0.0497 0.0059  14  VAL A CG1 
66  C CG1 B VAL A 9   ? 0.2233 0.1055 0.1015 0.0275  0.0470 0.0036  14  VAL A CG1 
67  C CG2 A VAL A 9   ? 0.2232 0.1054 0.1014 0.0275  0.0467 0.0036  14  VAL A CG2 
68  C CG2 B VAL A 9   ? 0.2209 0.1072 0.0985 0.0281  0.0492 0.0032  14  VAL A CG2 
69  N N   . THR A 10  ? 0.2359 0.1291 0.1177 0.0298  0.0414 0.0001  15  THR A N   
70  C CA  . THR A 10  ? 0.2132 0.1098 0.0993 0.0289  0.0404 -0.0010 15  THR A CA  
71  C C   . THR A 10  ? 0.2167 0.1162 0.1046 0.0289  0.0419 -0.0013 15  THR A C   
72  O O   . THR A 10  ? 0.2252 0.1253 0.1118 0.0291  0.0439 -0.0010 15  THR A O   
73  C CB  . THR A 10  ? 0.2392 0.1364 0.1245 0.0298  0.0387 -0.0029 15  THR A CB  
74  O OG1 . THR A 10  ? 0.2707 0.1680 0.1525 0.0315  0.0389 -0.0032 15  THR A OG1 
75  C CG2 . THR A 10  ? 0.2353 0.1317 0.1200 0.0298  0.0371 -0.0041 15  THR A CG2 
76  N N   . THR A 11  ? 0.1958 0.0972 0.0866 0.0289  0.0410 -0.0019 16  THR A N   
77  C CA  . THR A 11  ? 0.1959 0.1008 0.0881 0.0297  0.0418 -0.0028 16  THR A CA  
78  C C   . THR A 11  ? 0.2088 0.1130 0.1007 0.0311  0.0406 -0.0033 16  THR A C   
79  O O   . THR A 11  ? 0.2085 0.1096 0.0999 0.0306  0.0398 -0.0029 16  THR A O   
80  C CB  . THR A 11  ? 0.2077 0.1149 0.1027 0.0292  0.0423 -0.0033 16  THR A CB  
81  O OG1 . THR A 11  ? 0.2119 0.1235 0.1086 0.0310  0.0424 -0.0052 16  THR A OG1 
82  C CG2 . THR A 11  ? 0.2297 0.1346 0.1252 0.0288  0.0408 -0.0025 16  THR A CG2 
83  N N   . SER A 12  ? 0.2168 0.1238 0.1087 0.0328  0.0410 -0.0044 17  SER A N   
84  C CA  . SER A 12  ? 0.2237 0.1288 0.1140 0.0346  0.0401 -0.0048 17  SER A CA  
85  C C   . SER A 12  ? 0.2154 0.1202 0.1059 0.0362  0.0395 -0.0046 17  SER A C   
86  O O   . SER A 12  ? 0.2219 0.1230 0.1095 0.0381  0.0391 -0.0042 17  SER A O   
87  C CB  . SER A 12  ? 0.2626 0.1705 0.1521 0.0365  0.0406 -0.0062 17  SER A CB  
88  O OG  . SER A 12  ? 0.2872 0.2011 0.1792 0.0372  0.0417 -0.0077 17  SER A OG  
89  N N   . GLN A 13  ? 0.1988 0.1070 0.0918 0.0356  0.0394 -0.0050 18  GLN A N   
90  C CA  . GLN A 13  ? 0.1892 0.0979 0.0819 0.0378  0.0384 -0.0053 18  GLN A CA  
91  C C   . GLN A 13  ? 0.2051 0.1073 0.0951 0.0373  0.0381 -0.0030 18  GLN A C   
92  O O   . GLN A 13  ? 0.2463 0.1463 0.1336 0.0398  0.0374 -0.0024 18  GLN A O   
93  C CB  . GLN A 13  ? 0.1815 0.0963 0.0780 0.0375  0.0386 -0.0074 18  GLN A CB  
94  C CG  . GLN A 13  ? 0.1986 0.1205 0.0979 0.0385  0.0398 -0.0108 18  GLN A CG  
95  C CD  . GLN A 13  ? 0.1926 0.1210 0.0964 0.0381  0.0405 -0.0142 18  GLN A CD  
96  O OE1 . GLN A 13  ? 0.1950 0.1233 0.0987 0.0394  0.0387 -0.0147 18  GLN A OE1 
97  N NE2 . GLN A 13  ? 0.1977 0.1312 0.1048 0.0367  0.0435 -0.0169 18  GLN A NE2 
98  N N   . ILE A 14  ? 0.1790 0.0782 0.0695 0.0343  0.0389 -0.0019 19  ILE A N   
99  C CA  . ILE A 14  ? 0.2142 0.1085 0.1033 0.0329  0.0394 -0.0004 19  ILE A CA  
100 C C   . ILE A 14  ? 0.2022 0.0922 0.0896 0.0314  0.0407 -0.0005 19  ILE A C   
101 O O   . ILE A 14  ? 0.1994 0.0916 0.0879 0.0307  0.0403 -0.0017 19  ILE A O   
102 C CB  . ILE A 14  ? 0.1772 0.0734 0.0692 0.0306  0.0392 -0.0004 19  ILE A CB  
103 C CG1 . ILE A 14  ? 0.2055 0.1062 0.0995 0.0315  0.0384 -0.0013 19  ILE A CG1 
104 C CG2 . ILE A 14  ? 0.1762 0.0684 0.0673 0.0293  0.0401 0.0005  19  ILE A CG2 
105 C CD1 . ILE A 14  ? 0.1997 0.0999 0.0921 0.0339  0.0376 -0.0011 19  ILE A CD1 
106 N N   . PRO A 15  ? 0.2148 0.0988 0.0994 0.0309  0.0424 0.0004  20  PRO A N   
107 C CA  . PRO A 15  ? 0.2159 0.0967 0.1001 0.0289  0.0441 -0.0010 20  PRO A CA  
108 C C   . PRO A 15  ? 0.2228 0.1077 0.1111 0.0264  0.0434 -0.0031 20  PRO A C   
109 O O   . PRO A 15  ? 0.2069 0.0940 0.0974 0.0255  0.0428 -0.0028 20  PRO A O   
110 C CB  . PRO A 15  ? 0.2136 0.0870 0.0945 0.0280  0.0474 0.0002  20  PRO A CB  
111 C CG  . PRO A 15  ? 0.2184 0.0896 0.0951 0.0315  0.0469 0.0028  20  PRO A CG  
112 C CD  . PRO A 15  ? 0.2141 0.0933 0.0950 0.0325  0.0435 0.0023  20  PRO A CD  
113 N N   . ALA A 16  ? 0.2047 0.0903 0.0934 0.0259  0.0431 -0.0056 21  ALA A N   
114 C CA  . ALA A 16  ? 0.2087 0.0983 0.1000 0.0249  0.0418 -0.0081 21  ALA A CA  
115 C C   . ALA A 16  ? 0.2080 0.0974 0.1023 0.0227  0.0428 -0.0097 21  ALA A C   
116 O O   . ALA A 16  ? 0.2220 0.1147 0.1179 0.0226  0.0414 -0.0102 21  ALA A O   
117 C CB  . ALA A 16  ? 0.2162 0.1065 0.1074 0.0253  0.0412 -0.0114 21  ALA A CB  
118 N N   . SER A 17  ? 0.1891 0.0741 0.0836 0.0210  0.0459 -0.0105 22  SER A N   
119 C CA  . SER A 17  ? 0.2261 0.1112 0.1243 0.0186  0.0477 -0.0128 22  SER A CA  
120 C C   . SER A 17  ? 0.2133 0.0991 0.1112 0.0188  0.0474 -0.0097 22  SER A C   
121 O O   . SER A 17  ? 0.2028 0.0917 0.1044 0.0178  0.0473 -0.0118 22  SER A O   
122 C CB  . SER A 17  ? 0.2364 0.1148 0.1343 0.0163  0.0524 -0.0137 22  SER A CB  
123 O OG  . SER A 17  ? 0.2561 0.1348 0.1586 0.0136  0.0550 -0.0165 22  SER A OG  
124 N N   . GLU A 18  ? 0.1852 0.0689 0.0794 0.0206  0.0471 -0.0056 23  GLU A N   
125 C CA  . GLU A 18  ? 0.1922 0.0767 0.0864 0.0211  0.0465 -0.0034 23  GLU A CA  
126 C C   . GLU A 18  ? 0.1960 0.0862 0.0929 0.0215  0.0435 -0.0042 23  GLU A C   
127 O O   . GLU A 18  ? 0.2105 0.1021 0.1087 0.0211  0.0433 -0.0041 23  GLU A O   
128 C CB  . GLU A 18  ? 0.1834 0.0656 0.0737 0.0238  0.0460 -0.0002 23  GLU A CB  
129 C CG  . GLU A 18  ? 0.1808 0.0644 0.0715 0.0246  0.0450 0.0012  23  GLU A CG  
130 C CD  . GLU A 18  ? 0.2400 0.1218 0.1270 0.0279  0.0443 0.0031  23  GLU A CD  
131 O OE1 . GLU A 18  ? 0.2347 0.1134 0.1181 0.0298  0.0447 0.0038  23  GLU A OE1 
132 O OE2 . GLU A 18  ? 0.2237 0.1076 0.1112 0.0290  0.0429 0.0035  23  GLU A OE2 
133 N N   . GLN A 19  ? 0.1872 0.0798 0.0838 0.0224  0.0418 -0.0049 24  GLN A N   
134 C CA  . GLN A 19  ? 0.2036 0.0991 0.1004 0.0232  0.0397 -0.0050 24  GLN A CA  
135 C C   . GLN A 19  ? 0.2001 0.0976 0.0986 0.0229  0.0389 -0.0082 24  GLN A C   
136 O O   . GLN A 19  ? 0.2039 0.1026 0.1014 0.0241  0.0373 -0.0082 24  GLN A O   
137 C CB  . GLN A 19  ? 0.2009 0.0969 0.0955 0.0247  0.0388 -0.0042 24  GLN A CB  
138 C CG  . GLN A 19  ? 0.1788 0.0742 0.0728 0.0254  0.0393 -0.0023 24  GLN A CG  
139 C CD  . GLN A 19  ? 0.1999 0.0966 0.0926 0.0268  0.0390 -0.0023 24  GLN A CD  
140 O OE1 . GLN A 19  ? 0.2179 0.1157 0.1102 0.0270  0.0391 -0.0018 24  GLN A OE1 
141 N NE2 . GLN A 19  ? 0.2082 0.1043 0.1000 0.0276  0.0394 -0.0027 24  GLN A NE2 
142 N N   . GLU A 20  ? 0.2048 0.1024 0.1061 0.0214  0.0403 -0.0114 25  GLU A N   
143 C CA  . GLU A 20  ? 0.2116 0.1126 0.1166 0.0211  0.0396 -0.0163 25  GLU A CA  
144 C C   . GLU A 20  ? 0.2095 0.1107 0.1177 0.0197  0.0414 -0.0169 25  GLU A C   
145 O O   . GLU A 20  ? 0.2117 0.1163 0.1242 0.0196  0.0410 -0.0216 25  GLU A O   
146 C CB  . GLU A 20  ? 0.2264 0.1280 0.1340 0.0203  0.0402 -0.0212 25  GLU A CB  
147 C CG  . GLU A 20  ? 0.2663 0.1679 0.1705 0.0221  0.0384 -0.0211 25  GLU A CG  
148 C CD  . GLU A 20  ? 0.3356 0.2401 0.2369 0.0252  0.0349 -0.0219 25  GLU A CD  
149 O OE1 . GLU A 20  ? 0.3677 0.2753 0.2711 0.0262  0.0333 -0.0251 25  GLU A OE1 
150 O OE2 . GLU A 20  ? 0.3802 0.2836 0.2768 0.0270  0.0340 -0.0193 25  GLU A OE2 
151 N N   . THR A 21  ? 0.1970 0.0950 0.1034 0.0190  0.0432 -0.0127 26  THR A N   
152 C CA  . THR A 21  ? 0.2129 0.1104 0.1212 0.0179  0.0452 -0.0126 26  THR A CA  
153 C C   . THR A 21  ? 0.2068 0.1085 0.1172 0.0193  0.0428 -0.0143 26  THR A C   
154 O O   . THR A 21  ? 0.1887 0.0908 0.0961 0.0211  0.0401 -0.0121 26  THR A O   
155 C CB  . THR A 21  ? 0.2166 0.1101 0.1209 0.0185  0.0462 -0.0077 26  THR A CB  
156 O OG1 . THR A 21  ? 0.2175 0.1063 0.1187 0.0182  0.0483 -0.0061 26  THR A OG1 
157 C CG2 . THR A 21  ? 0.2122 0.1049 0.1175 0.0179  0.0483 -0.0075 26  THR A CG2 
158 N N   . LEU A 22  ? 0.2068 0.1111 0.1219 0.0183  0.0441 -0.0184 27  LEU A N   
159 C CA  . LEU A 22  ? 0.2100 0.1183 0.1271 0.0202  0.0418 -0.0207 27  LEU A CA  
160 C C   . LEU A 22  ? 0.1950 0.1018 0.1109 0.0203  0.0426 -0.0173 27  LEU A C   
161 O O   . LEU A 22  ? 0.1867 0.0912 0.1031 0.0185  0.0461 -0.0162 27  LEU A O   
162 C CB  . LEU A 22  ? 0.2550 0.1680 0.1792 0.0196  0.0428 -0.0278 27  LEU A CB  
163 C CG  . LEU A 22  ? 0.2928 0.2089 0.2191 0.0207  0.0406 -0.0332 27  LEU A CG  
164 C CD1 . LEU A 22  ? 0.3072 0.2282 0.2422 0.0194  0.0424 -0.0413 27  LEU A CD1 
165 C CD2 . LEU A 22  ? 0.3100 0.2282 0.2324 0.0250  0.0356 -0.0332 27  LEU A CD2 
166 N N   . VAL A 23  ? 0.1821 0.0893 0.0955 0.0225  0.0397 -0.0158 28  VAL A N   
167 C CA  . VAL A 23  ? 0.1665 0.0723 0.0783 0.0229  0.0399 -0.0129 28  VAL A CA  
168 C C   . VAL A 23  ? 0.1758 0.0834 0.0879 0.0252  0.0374 -0.0144 28  VAL A C   
169 O O   . VAL A 23  ? 0.1747 0.0830 0.0856 0.0273  0.0350 -0.0160 28  VAL A O   
170 C CB  . VAL A 23  ? 0.2029 0.1051 0.1102 0.0230  0.0391 -0.0083 28  VAL A CB  
171 C CG1 . VAL A 23  ? 0.1664 0.0662 0.0726 0.0217  0.0412 -0.0067 28  VAL A CG1 
172 C CG2 . VAL A 23  ? 0.2134 0.1146 0.1176 0.0244  0.0369 -0.0075 28  VAL A CG2 
173 N N   . ARG A 24  ? 0.1873 0.0951 0.1001 0.0253  0.0381 -0.0139 29  ARG A N   
174 C CA  . ARG A 24  ? 0.2054 0.1138 0.1179 0.0277  0.0358 -0.0150 29  ARG A CA  
175 C C   . ARG A 24  ? 0.1892 0.0941 0.0980 0.0280  0.0353 -0.0114 29  ARG A C   
176 O O   . ARG A 24  ? 0.1893 0.0944 0.0987 0.0273  0.0366 -0.0106 29  ARG A O   
177 C CB  . ARG A 24  ? 0.2528 0.1655 0.1705 0.0281  0.0370 -0.0191 29  ARG A CB  
178 C CG  . ARG A 24  ? 0.3242 0.2416 0.2473 0.0278  0.0379 -0.0245 29  ARG A CG  
179 C CD  . ARG A 24  ? 0.3853 0.3084 0.3146 0.0289  0.0387 -0.0300 29  ARG A CD  
180 N NE  . ARG A 24  ? 0.4526 0.3811 0.3879 0.0293  0.0387 -0.0368 29  ARG A NE  
181 C CZ  . ARG A 24  ? 0.4915 0.4230 0.4328 0.0265  0.0430 -0.0406 29  ARG A CZ  
182 N NH1 . ARG A 24  ? 0.5101 0.4381 0.4509 0.0232  0.0480 -0.0373 29  ARG A NH1 
183 N NH2 . ARG A 24  ? 0.4959 0.4330 0.4436 0.0271  0.0425 -0.0479 29  ARG A NH2 
184 N N   . PRO A 25  ? 0.1950 0.0962 0.0997 0.0290  0.0336 -0.0094 30  PRO A N   
185 C CA  . PRO A 25  ? 0.1693 0.0673 0.0713 0.0288  0.0335 -0.0072 30  PRO A CA  
186 C C   . PRO A 25  ? 0.1784 0.0772 0.0815 0.0300  0.0328 -0.0085 30  PRO A C   
187 O O   . PRO A 25  ? 0.2023 0.1023 0.1066 0.0319  0.0317 -0.0106 30  PRO A O   
188 C CB  . PRO A 25  ? 0.1987 0.0918 0.0958 0.0299  0.0327 -0.0058 30  PRO A CB  
189 C CG  . PRO A 25  ? 0.1957 0.0896 0.0921 0.0302  0.0327 -0.0060 30  PRO A CG  
190 C CD  . PRO A 25  ? 0.1924 0.0918 0.0939 0.0304  0.0323 -0.0094 30  PRO A CD  
191 N N   . LYS A 26  ? 0.1749 0.0733 0.0781 0.0294  0.0331 -0.0078 31  LYS A N   
192 C CA  . LYS A 26  ? 0.1889 0.0875 0.0926 0.0307  0.0323 -0.0091 31  LYS A CA  
193 C C   . LYS A 26  ? 0.2010 0.0949 0.1018 0.0316  0.0310 -0.0090 31  LYS A C   
194 O O   . LYS A 26  ? 0.2054 0.0956 0.1032 0.0312  0.0315 -0.0076 31  LYS A O   
195 C CB  . LYS A 26  ? 0.2023 0.1022 0.1063 0.0304  0.0327 -0.0090 31  LYS A CB  
196 C CG  . LYS A 26  ? 0.2425 0.1449 0.1477 0.0303  0.0344 -0.0090 31  LYS A CG  
197 C CD  . LYS A 26  ? 0.3021 0.2044 0.2054 0.0310  0.0346 -0.0082 31  LYS A CD  
198 C CE  . LYS A 26  ? 0.3590 0.2615 0.2614 0.0314  0.0372 -0.0077 31  LYS A CE  
199 N NZ  . LYS A 26  ? 0.3914 0.2925 0.2900 0.0333  0.0371 -0.0067 31  LYS A NZ  
200 N N   . PRO A 27  ? 0.2171 0.1102 0.1182 0.0330  0.0300 -0.0105 32  PRO A N   
201 C CA  . PRO A 27  ? 0.2148 0.1017 0.1124 0.0342  0.0292 -0.0101 32  PRO A CA  
202 C C   . PRO A 27  ? 0.1875 0.0686 0.0821 0.0324  0.0307 -0.0089 32  PRO A C   
203 O O   . PRO A 27  ? 0.1936 0.0686 0.0834 0.0332  0.0312 -0.0073 32  PRO A O   
204 C CB  . PRO A 27  ? 0.2074 0.0948 0.1067 0.0356  0.0280 -0.0123 32  PRO A CB  
205 C CG  . PRO A 27  ? 0.1810 0.0751 0.0838 0.0363  0.0280 -0.0137 32  PRO A CG  
206 C CD  . PRO A 27  ? 0.2153 0.1122 0.1192 0.0341  0.0297 -0.0123 32  PRO A CD  
207 N N   . LEU A 28  ? 0.1881 0.0705 0.0850 0.0303  0.0315 -0.0097 33  LEU A N   
208 C CA  . LEU A 28  ? 0.1974 0.0746 0.0931 0.0282  0.0336 -0.0095 33  LEU A CA  
209 C C   . LEU A 28  ? 0.1944 0.0700 0.0871 0.0273  0.0355 -0.0070 33  LEU A C   
210 O O   . LEU A 28  ? 0.1967 0.0653 0.0849 0.0267  0.0377 -0.0055 33  LEU A O   
211 C CB  . LEU A 28  ? 0.2014 0.0816 0.1015 0.0267  0.0336 -0.0126 33  LEU A CB  
212 C CG  . LEU A 28  ? 0.2144 0.0899 0.1153 0.0240  0.0364 -0.0139 33  LEU A CG  
213 C CD1 . LEU A 28  ? 0.2312 0.0971 0.1291 0.0231  0.0384 -0.0131 33  LEU A CD1 
214 C CD2 . LEU A 28  ? 0.2340 0.1140 0.1406 0.0235  0.0354 -0.0188 33  LEU A CD2 
215 N N   . LEU A 29  ? 0.2022 0.0836 0.0967 0.0273  0.0349 -0.0064 34  LEU A N   
216 C CA  . LEU A 29  ? 0.1952 0.0756 0.0873 0.0267  0.0363 -0.0044 34  LEU A CA  
217 C C   . LEU A 29  ? 0.1929 0.0688 0.0796 0.0288  0.0360 -0.0029 34  LEU A C   
218 O O   . LEU A 29  ? 0.2059 0.0763 0.0876 0.0288  0.0380 -0.0011 34  LEU A O   
219 C CB  . LEU A 29  ? 0.1763 0.0633 0.0716 0.0265  0.0355 -0.0043 34  LEU A CB  
220 C CG  . LEU A 29  ? 0.1876 0.0742 0.0812 0.0261  0.0364 -0.0028 34  LEU A CG  
221 C CD1 . LEU A 29  ? 0.1956 0.0784 0.0871 0.0247  0.0389 -0.0021 34  LEU A CD1 
222 C CD2 . LEU A 29  ? 0.1791 0.0710 0.0761 0.0257  0.0359 -0.0029 34  LEU A CD2 
223 N N   . LEU A 30  ? 0.1954 0.0738 0.0832 0.0310  0.0337 -0.0038 35  LEU A N   
224 C CA  . LEU A 30  ? 0.2003 0.0757 0.0835 0.0342  0.0324 -0.0034 35  LEU A CA  
225 C C   . LEU A 30  ? 0.2140 0.0797 0.0895 0.0357  0.0336 -0.0017 35  LEU A C   
226 O O   . LEU A 30  ? 0.2298 0.0899 0.0980 0.0379  0.0340 0.0000  35  LEU A O   
227 C CB  . LEU A 30  ? 0.2083 0.0889 0.0952 0.0365  0.0298 -0.0059 35  LEU A CB  
228 C CG  . LEU A 30  ? 0.2458 0.1264 0.1300 0.0406  0.0275 -0.0071 35  LEU A CG  
229 C CD1 . LEU A 30  ? 0.2446 0.1279 0.1291 0.0402  0.0276 -0.0073 35  LEU A CD1 
230 C CD2 . LEU A 30  ? 0.2577 0.1446 0.1474 0.0425  0.0254 -0.0108 35  LEU A CD2 
231 N N   . LYS A 31  ? 0.2263 0.0892 0.1031 0.0343  0.0344 -0.0023 36  LYS A N   
232 C CA  . LYS A 31  ? 0.2293 0.0819 0.0994 0.0348  0.0364 -0.0010 36  LYS A CA  
233 C C   . LYS A 31  ? 0.2392 0.0855 0.1046 0.0326  0.0409 0.0012  36  LYS A C   
234 O O   . LYS A 31  ? 0.2666 0.1040 0.1230 0.0346  0.0429 0.0034  36  LYS A O   
235 C CB  . LYS A 31  ? 0.2178 0.0695 0.0926 0.0329  0.0367 -0.0030 36  LYS A CB  
236 C CG  . LYS A 31  ? 0.3031 0.1435 0.1726 0.0321  0.0399 -0.0020 36  LYS A CG  
237 C CD  . LYS A 31  ? 0.3562 0.1920 0.2213 0.0362  0.0375 -0.0018 36  LYS A CD  
238 N N   . LEU A 32  ? 0.2161 0.0670 0.0870 0.0291  0.0426 0.0004  37  LEU A N   
239 C CA  . LEU A 32  ? 0.2212 0.0669 0.0889 0.0268  0.0473 0.0018  37  LEU A CA  
240 C C   . LEU A 32  ? 0.2339 0.0772 0.0936 0.0298  0.0474 0.0046  37  LEU A C   
241 O O   . LEU A 32  ? 0.2582 0.0927 0.1096 0.0302  0.0515 0.0067  37  LEU A O   
242 C CB  . LEU A 32  ? 0.2310 0.0836 0.1069 0.0233  0.0482 -0.0004 37  LEU A CB  
243 C CG  . LEU A 32  ? 0.2237 0.0797 0.1075 0.0211  0.0475 -0.0041 37  LEU A CG  
244 C CD1 . LEU A 32  ? 0.2205 0.0825 0.1105 0.0187  0.0486 -0.0067 37  LEU A CD1 
245 C CD2 . LEU A 32  ? 0.2509 0.0981 0.1337 0.0193  0.0505 -0.0048 37  LEU A CD2 
246 N N   . LEU A 33  ? 0.2314 0.0822 0.0938 0.0319  0.0432 0.0040  38  LEU A N   
247 C CA  . LEU A 33  ? 0.2472 0.0969 0.1039 0.0350  0.0421 0.0055  38  LEU A CA  
248 C C   . LEU A 33  ? 0.2575 0.0989 0.1033 0.0401  0.0414 0.0071  38  LEU A C   
249 O O   . LEU A 33  ? 0.2507 0.0851 0.0869 0.0427  0.0432 0.0094  38  LEU A O   
250 C CB  . LEU A 33  ? 0.2533 0.1137 0.1178 0.0356  0.0378 0.0034  38  LEU A CB  
251 C CG  . LEU A 33  ? 0.2510 0.1193 0.1245 0.0316  0.0382 0.0021  38  LEU A CG  
252 C CD1 . LEU A 33  ? 0.2651 0.1417 0.1443 0.0319  0.0355 0.0002  38  LEU A CD1 
253 C CD2 . LEU A 33  ? 0.2481 0.1140 0.1209 0.0291  0.0417 0.0033  38  LEU A CD2 
254 N N   . LYS A 34  ? 0.2741 0.1158 0.1207 0.0422  0.0387 0.0057  39  LYS A N   
255 C CA  . LYS A 34  ? 0.2970 0.1311 0.1329 0.0480  0.0372 0.0068  39  LYS A CA  
256 C C   . LYS A 34  ? 0.3195 0.1411 0.1451 0.0477  0.0427 0.0093  39  LYS A C   
257 O O   . LYS A 34  ? 0.3403 0.1535 0.1536 0.0530  0.0430 0.0107  39  LYS A O   
258 C CB  . LYS A 34  ? 0.3308 0.1693 0.1713 0.0505  0.0327 0.0042  39  LYS A CB  
259 C CG  . LYS A 34  ? 0.3432 0.1943 0.1937 0.0510  0.0284 0.0007  39  LYS A CG  
260 C CD  . LYS A 34  ? 0.3827 0.2375 0.2353 0.0554  0.0241 -0.0023 39  LYS A CD  
261 C CE  . LYS A 34  ? 0.4062 0.2735 0.2687 0.0557  0.0210 -0.0066 39  LYS A CE  
262 N NZ  . LYS A 34  ? 0.4296 0.3017 0.2954 0.0597  0.0174 -0.0105 39  LYS A NZ  
263 N N   . SER A 35  ? 0.2955 0.1159 0.1269 0.0417  0.0473 0.0091  40  SER A N   
264 C CA  . SER A 35  ? 0.3298 0.1391 0.1551 0.0400  0.0534 0.0106  40  SER A CA  
265 C C   . SER A 35  ? 0.3350 0.1388 0.1519 0.0409  0.0582 0.0121  40  SER A C   
266 O O   . SER A 35  ? 0.3638 0.1571 0.1734 0.0415  0.0631 0.0135  40  SER A O   
267 C CB  . SER A 35  ? 0.3514 0.1624 0.1877 0.0330  0.0568 0.0090  40  SER A CB  
268 O OG  . SER A 35  ? 0.3552 0.1703 0.1967 0.0291  0.0596 0.0085  40  SER A OG  
269 N N   . VAL A 36  ? 0.3213 0.1312 0.1394 0.0413  0.0568 0.0119  41  VAL A N   
270 C CA  . VAL A 36  ? 0.3407 0.1480 0.1555 0.0429  0.0591 0.0124  41  VAL A CA  
271 C C   . VAL A 36  ? 0.3676 0.1780 0.1784 0.0495  0.0528 0.0125  41  VAL A C   
272 O O   . VAL A 36  ? 0.3871 0.1986 0.1991 0.0509  0.0524 0.0123  41  VAL A O   
273 C CB  . VAL A 36  ? 0.3245 0.1371 0.1487 0.0376  0.0620 0.0116  41  VAL A CB  
274 C CG1 . VAL A 36  ? 0.3440 0.1508 0.1701 0.0318  0.0698 0.0111  41  VAL A CG1 
275 C CG2 . VAL A 36  ? 0.2913 0.1160 0.1254 0.0356  0.0565 0.0112  41  VAL A CG2 
276 N N   . GLY A 37  ? 0.3930 0.2039 0.1996 0.0539  0.0477 0.0125  42  GLY A N   
277 C CA  . GLY A 37  ? 0.4202 0.2321 0.2208 0.0613  0.0419 0.0126  42  GLY A CA  
278 C C   . GLY A 37  ? 0.4181 0.2393 0.2251 0.0634  0.0350 0.0114  42  GLY A C   
279 O O   . GLY A 37  ? 0.4446 0.2667 0.2464 0.0703  0.0298 0.0105  42  GLY A O   
280 N N   . ALA A 38  ? 0.3801 0.2091 0.1984 0.0577  0.0351 0.0102  43  ALA A N   
281 C CA  . ALA A 38  ? 0.3716 0.2148 0.2022 0.0576  0.0297 0.0055  43  ALA A CA  
282 C C   . ALA A 38  ? 0.4001 0.2464 0.2311 0.0624  0.0249 0.0025  43  ALA A C   
283 O O   . ALA A 38  ? 0.4087 0.2496 0.2362 0.0629  0.0257 0.0036  43  ALA A O   
284 C CB  . ALA A 38  ? 0.3637 0.2155 0.2075 0.0503  0.0314 0.0040  43  ALA A CB  
285 N N   . GLN A 39  ? 0.4268 0.2826 0.2626 0.0659  0.0197 -0.0020 44  GLN A N   
286 C CA  . GLN A 39  ? 0.4597 0.3192 0.2959 0.0715  0.0148 -0.0056 44  GLN A CA  
287 C C   . GLN A 39  ? 0.4837 0.3581 0.3356 0.0690  0.0123 -0.0121 44  GLN A C   
288 O O   . GLN A 39  ? 0.5213 0.4019 0.3757 0.0739  0.0078 -0.0169 44  GLN A O   
289 C CB  . GLN A 39  ? 0.4586 0.3141 0.2830 0.0807  0.0105 -0.0061 44  GLN A CB  
290 N N   . LYS A 40  ? 0.4551 0.3351 0.3170 0.0616  0.0157 -0.0126 45  LYS A N   
291 C CA  . LYS A 40  ? 0.4328 0.3249 0.3081 0.0587  0.0149 -0.0183 45  LYS A CA  
292 C C   . LYS A 40  ? 0.3942 0.2881 0.2770 0.0524  0.0188 -0.0172 45  LYS A C   
293 O O   . LYS A 40  ? 0.4036 0.2907 0.2825 0.0500  0.0213 -0.0125 45  LYS A O   
294 C CB  . LYS A 40  ? 0.4593 0.3585 0.3396 0.0576  0.0143 -0.0222 45  LYS A CB  
295 C CG  . LYS A 40  ? 0.4881 0.3827 0.3642 0.0547  0.0170 -0.0180 45  LYS A CG  
296 C CD  . LYS A 40  ? 0.5188 0.4202 0.3988 0.0547  0.0156 -0.0226 45  LYS A CD  
297 C CE  . LYS A 40  ? 0.5454 0.4405 0.4165 0.0559  0.0161 -0.0186 45  LYS A CE  
298 N NZ  . LYS A 40  ? 0.5578 0.4592 0.4350 0.0530  0.0164 -0.0221 45  LYS A NZ  
299 N N   . ASP A 41  ? 0.3626 0.2656 0.2561 0.0498  0.0193 -0.0220 46  ASP A N   
300 C CA  . ASP A 41  ? 0.3390 0.2439 0.2386 0.0449  0.0226 -0.0212 46  ASP A CA  
301 C C   . ASP A 41  ? 0.2996 0.2079 0.2045 0.0399  0.0256 -0.0214 46  ASP A C   
302 O O   . ASP A 41  ? 0.2894 0.1972 0.1965 0.0363  0.0284 -0.0192 46  ASP A O   
303 C CB  . ASP A 41  ? 0.3867 0.2975 0.2928 0.0462  0.0219 -0.0257 46  ASP A CB  
304 C CG  . ASP A 41  ? 0.4549 0.3611 0.3556 0.0508  0.0192 -0.0244 46  ASP A CG  
305 O OD1 . ASP A 41  ? 0.4733 0.3712 0.3643 0.0532  0.0181 -0.0203 46  ASP A OD1 
306 O OD2 . ASP A 41  ? 0.4922 0.4027 0.3977 0.0520  0.0187 -0.0276 46  ASP A OD2 
307 N N   . THR A 42  ? 0.2662 0.1775 0.1724 0.0402  0.0250 -0.0243 47  THR A N   
308 C CA  . THR A 42  ? 0.2562 0.1696 0.1666 0.0358  0.0280 -0.0247 47  THR A CA  
309 C C   . THR A 42  ? 0.2475 0.1575 0.1523 0.0362  0.0272 -0.0221 47  THR A C   
310 O O   . THR A 42  ? 0.2477 0.1572 0.1484 0.0401  0.0243 -0.0236 47  THR A O   
311 C CB  . THR A 42  ? 0.2792 0.2000 0.1986 0.0347  0.0290 -0.0319 47  THR A CB  
312 O OG1 . THR A 42  ? 0.3123 0.2364 0.2368 0.0345  0.0304 -0.0343 47  THR A OG1 
313 C CG2 . THR A 42  ? 0.2866 0.2074 0.2089 0.0303  0.0325 -0.0317 47  THR A CG2 
314 N N   . TYR A 43  ? 0.2279 0.1354 0.1321 0.0328  0.0297 -0.0184 48  TYR A N   
315 C CA  . TYR A 43  ? 0.2285 0.1326 0.1276 0.0330  0.0296 -0.0157 48  TYR A CA  
316 C C   . TYR A 43  ? 0.2051 0.1106 0.1077 0.0295  0.0319 -0.0157 48  TYR A C   
317 O O   . TYR A 43  ? 0.2132 0.1197 0.1199 0.0268  0.0342 -0.0157 48  TYR A O   
318 C CB  . TYR A 43  ? 0.2554 0.1532 0.1484 0.0329  0.0305 -0.0101 48  TYR A CB  
319 C CG  . TYR A 43  ? 0.2854 0.1788 0.1730 0.0363  0.0290 -0.0091 48  TYR A CG  
320 C CD1 . TYR A 43  ? 0.3374 0.2252 0.2166 0.0400  0.0279 -0.0074 48  TYR A CD1 
321 C CD2 . TYR A 43  ? 0.3040 0.1979 0.1940 0.0362  0.0290 -0.0094 48  TYR A CD2 
322 C CE1 . TYR A 43  ? 0.3539 0.2357 0.2264 0.0436  0.0269 -0.0060 48  TYR A CE1 
323 C CE2 . TYR A 43  ? 0.3168 0.2058 0.2013 0.0395  0.0276 -0.0085 48  TYR A CE2 
324 C CZ  . TYR A 43  ? 0.3560 0.2387 0.2316 0.0432  0.0267 -0.0066 48  TYR A CZ  
325 O OH  . TYR A 43  ? 0.3824 0.2583 0.2507 0.0469  0.0258 -0.0052 48  TYR A OH  
326 N N   . THR A 44  ? 0.2017 0.1063 0.1017 0.0298  0.0315 -0.0154 49  THR A N   
327 C CA  . THR A 44  ? 0.1881 0.0920 0.0894 0.0270  0.0338 -0.0139 49  THR A CA  
328 C C   . THR A 44  ? 0.1720 0.0719 0.0696 0.0266  0.0347 -0.0087 49  THR A C   
329 O O   . THR A 44  ? 0.1807 0.0777 0.0741 0.0282  0.0339 -0.0066 49  THR A O   
330 C CB  . THR A 44  ? 0.2011 0.1060 0.1014 0.0278  0.0329 -0.0162 49  THR A CB  
331 O OG1 . THR A 44  ? 0.1896 0.0919 0.0833 0.0308  0.0311 -0.0142 49  THR A OG1 
332 C CG2 . THR A 44  ? 0.2306 0.1402 0.1360 0.0281  0.0319 -0.0231 49  THR A CG2 
333 N N   . MET A 45  ? 0.1695 0.0688 0.0685 0.0245  0.0364 -0.0070 50  MET A N   
334 C CA  . MET A 45  ? 0.1685 0.0656 0.0657 0.0244  0.0370 -0.0037 50  MET A CA  
335 C C   . MET A 45  ? 0.1729 0.0681 0.0664 0.0256  0.0367 -0.0023 50  MET A C   
336 O O   . MET A 45  ? 0.1741 0.0669 0.0657 0.0258  0.0374 -0.0007 50  MET A O   
337 C CB  . MET A 45  ? 0.1671 0.0640 0.0656 0.0234  0.0383 -0.0027 50  MET A CB  
338 C CG  . MET A 45  ? 0.1662 0.0630 0.0663 0.0228  0.0392 -0.0025 50  MET A CG  
339 S SD  . MET A 45  ? 0.1890 0.0860 0.0888 0.0235  0.0382 -0.0015 50  MET A SD  
340 C CE  . MET A 45  ? 0.2183 0.1153 0.1171 0.0243  0.0381 -0.0003 50  MET A CE  
341 N N   . LYS A 46  ? 0.1733 0.0690 0.0655 0.0264  0.0362 -0.0036 51  LYS A N   
342 C CA  . LYS A 46  ? 0.1770 0.0705 0.0651 0.0278  0.0365 -0.0022 51  LYS A CA  
343 C C   . LYS A 46  ? 0.1944 0.0838 0.0772 0.0299  0.0363 -0.0011 51  LYS A C   
344 O O   . LYS A 46  ? 0.2036 0.0891 0.0826 0.0306  0.0380 0.0009  51  LYS A O   
345 C CB  . LYS A 46  ? 0.1791 0.0740 0.0661 0.0287  0.0357 -0.0040 51  LYS A CB  
346 C CG  . LYS A 46  ? 0.1973 0.0941 0.0839 0.0303  0.0337 -0.0074 51  LYS A CG  
347 C CD  . LYS A 46  ? 0.2212 0.1200 0.1073 0.0311  0.0329 -0.0100 51  LYS A CD  
348 C CE  . LYS A 46  ? 0.2909 0.1918 0.1756 0.0339  0.0301 -0.0143 51  LYS A CE  
349 N NZ  . LYS A 46  ? 0.3341 0.2385 0.2249 0.0326  0.0295 -0.0184 51  LYS A NZ  
350 N N   . GLU A 47  ? 0.1887 0.0788 0.0714 0.0311  0.0346 -0.0026 52  GLU A N   
351 C CA  . GLU A 47  ? 0.1897 0.0750 0.0666 0.0338  0.0342 -0.0015 52  GLU A CA  
352 C C   . GLU A 47  ? 0.1953 0.0771 0.0723 0.0322  0.0363 0.0008  52  GLU A C   
353 O O   . GLU A 47  ? 0.1971 0.0720 0.0683 0.0332  0.0381 0.0030  52  GLU A O   
354 C CB  . GLU A 47  ? 0.2789 0.1669 0.1561 0.0362  0.0312 -0.0047 52  GLU A CB  
355 C CG  . GLU A 47  ? 0.3278 0.2196 0.2047 0.0386  0.0287 -0.0083 52  GLU A CG  
356 C CD  . GLU A 47  ? 0.3854 0.2814 0.2648 0.0410  0.0257 -0.0131 52  GLU A CD  
357 O OE1 . GLU A 47  ? 0.3917 0.2931 0.2793 0.0382  0.0262 -0.0163 52  GLU A OE1 
358 O OE2 . GLU A 47  ? 0.4179 0.3119 0.2909 0.0462  0.0229 -0.0137 52  GLU A OE2 
359 N N   . VAL A 48  ? 0.1823 0.0680 0.0654 0.0297  0.0362 -0.0001 53  VAL A N   
360 C CA  . VAL A 48  ? 0.1815 0.0653 0.0655 0.0282  0.0377 0.0010  53  VAL A CA  
361 C C   . VAL A 48  ? 0.1836 0.0646 0.0663 0.0269  0.0405 0.0024  53  VAL A C   
362 O O   . VAL A 48  ? 0.1921 0.0680 0.0719 0.0265  0.0427 0.0033  53  VAL A O   
363 C CB  . VAL A 48  ? 0.1746 0.0636 0.0647 0.0264  0.0370 -0.0002 53  VAL A CB  
364 C CG1 . VAL A 48  ? 0.1843 0.0720 0.0750 0.0255  0.0381 0.0002  53  VAL A CG1 
365 C CG2 . VAL A 48  ? 0.1807 0.0725 0.0729 0.0272  0.0354 -0.0022 53  VAL A CG2 
366 N N   . LEU A 49  ? 0.1808 0.0650 0.0659 0.0262  0.0406 0.0021  54  LEU A N   
367 C CA  . LEU A 49  ? 0.1827 0.0661 0.0677 0.0251  0.0434 0.0023  54  LEU A CA  
368 C C   . LEU A 49  ? 0.2125 0.0890 0.0912 0.0260  0.0461 0.0039  54  LEU A C   
369 O O   . LEU A 49  ? 0.2119 0.0851 0.0898 0.0244  0.0500 0.0041  54  LEU A O   
370 C CB  . LEU A 49  ? 0.1786 0.0671 0.0669 0.0248  0.0427 0.0016  54  LEU A CB  
371 C CG  . LEU A 49  ? 0.2172 0.1105 0.1103 0.0242  0.0418 0.0003  54  LEU A CG  
372 C CD1 . LEU A 49  ? 0.1740 0.0687 0.0689 0.0233  0.0438 -0.0010 54  LEU A CD1 
373 C CD2 . LEU A 49  ? 0.2044 0.0987 0.0990 0.0243  0.0399 0.0002  54  LEU A CD2 
374 N N   . PHE A 50  ? 0.1958 0.0698 0.0697 0.0288  0.0445 0.0047  55  PHE A N   
375 C CA  . PHE A 50  ? 0.2102 0.0761 0.0763 0.0308  0.0470 0.0065  55  PHE A CA  
376 C C   . PHE A 50  ? 0.2139 0.0713 0.0755 0.0308  0.0496 0.0078  55  PHE A C   
377 O O   . PHE A 50  ? 0.2216 0.0725 0.0803 0.0296  0.0545 0.0087  55  PHE A O   
378 C CB  . PHE A 50  ? 0.2278 0.0928 0.0885 0.0351  0.0438 0.0065  55  PHE A CB  
379 C CG  . PHE A 50  ? 0.2405 0.0958 0.0913 0.0387  0.0458 0.0086  55  PHE A CG  
380 C CD1 . PHE A 50  ? 0.2556 0.1077 0.1031 0.0389  0.0492 0.0098  55  PHE A CD1 
381 C CD2 . PHE A 50  ? 0.2469 0.0959 0.0909 0.0424  0.0445 0.0094  55  PHE A CD2 
382 C CE1 . PHE A 50  ? 0.2669 0.1090 0.1045 0.0426  0.0517 0.0117  55  PHE A CE1 
383 C CE2 . PHE A 50  ? 0.2622 0.1006 0.0957 0.0468  0.0464 0.0114  55  PHE A CE2 
384 C CZ  . PHE A 50  ? 0.2676 0.1023 0.0979 0.0469  0.0503 0.0125  55  PHE A CZ  
385 N N   . TYR A 51  ? 0.2120 0.0699 0.0734 0.0320  0.0466 0.0074  56  TYR A N   
386 C CA  . TYR A 51  ? 0.2410 0.0905 0.0970 0.0326  0.0486 0.0087  56  TYR A CA  
387 C C   . TYR A 51  ? 0.2317 0.0807 0.0917 0.0280  0.0526 0.0081  56  TYR A C   
388 O O   . TYR A 51  ? 0.2549 0.0942 0.1094 0.0272  0.0572 0.0093  56  TYR A O   
389 C CB  . TYR A 51  ? 0.2548 0.1075 0.1106 0.0350  0.0442 0.0079  56  TYR A CB  
390 C CG  . TYR A 51  ? 0.2997 0.1501 0.1485 0.0405  0.0410 0.0081  56  TYR A CG  
391 C CD1 . TYR A 51  ? 0.3320 0.1703 0.1691 0.0446  0.0430 0.0108  56  TYR A CD1 
392 C CD2 . TYR A 51  ? 0.3214 0.1812 0.1751 0.0420  0.0363 0.0050  56  TYR A CD2 
393 C CE1 . TYR A 51  ? 0.3650 0.2017 0.1950 0.0509  0.0394 0.0106  56  TYR A CE1 
394 C CE2 . TYR A 51  ? 0.3486 0.2080 0.1966 0.0474  0.0329 0.0040  56  TYR A CE2 
395 C CZ  . TYR A 51  ? 0.3857 0.2340 0.2215 0.0523  0.0339 0.0069  56  TYR A CZ  
396 O OH  . TYR A 51  ? 0.4256 0.2735 0.2548 0.0590  0.0297 0.0055  56  TYR A OH  
397 N N   . LEU A 52  ? 0.2346 0.0933 0.1037 0.0254  0.0511 0.0058  57  LEU A N   
398 C CA  A LEU A 52  ? 0.2345 0.0948 0.1084 0.0219  0.0540 0.0037  57  LEU A CA  
399 C CA  B LEU A 52  ? 0.2323 0.0924 0.1062 0.0220  0.0541 0.0038  57  LEU A CA  
400 C C   . LEU A 52  ? 0.2403 0.0970 0.1135 0.0195  0.0599 0.0036  57  LEU A C   
401 O O   . LEU A 52  ? 0.2177 0.0704 0.0920 0.0166  0.0648 0.0020  57  LEU A O   
402 C CB  A LEU A 52  ? 0.2295 0.1009 0.1121 0.0212  0.0504 0.0012  57  LEU A CB  
403 C CB  B LEU A 52  ? 0.2289 0.0998 0.1114 0.0212  0.0504 0.0012  57  LEU A CB  
404 C CG  A LEU A 52  ? 0.2222 0.0971 0.1075 0.0221  0.0467 0.0003  57  LEU A CG  
405 C CG  B LEU A 52  ? 0.2325 0.1062 0.1201 0.0194  0.0509 -0.0019 57  LEU A CG  
406 C CD1 A LEU A 52  ? 0.2258 0.1093 0.1175 0.0220  0.0440 -0.0015 57  LEU A CD1 
407 C CD1 B LEU A 52  ? 0.2257 0.0933 0.1106 0.0196  0.0510 -0.0017 57  LEU A CD1 
408 C CD2 A LEU A 52  ? 0.2253 0.0961 0.1106 0.0210  0.0482 -0.0010 57  LEU A CD2 
409 C CD2 B LEU A 52  ? 0.2290 0.1118 0.1225 0.0204  0.0466 -0.0037 57  LEU A CD2 
410 N N   . GLY A 53  ? 0.2314 0.0899 0.1038 0.0206  0.0597 0.0046  58  GLY A N   
411 C CA  . GLY A 53  ? 0.2366 0.0926 0.1084 0.0186  0.0654 0.0046  58  GLY A CA  
412 C C   . GLY A 53  ? 0.2332 0.0756 0.0965 0.0188  0.0707 0.0068  58  GLY A C   
413 O O   . GLY A 53  ? 0.2408 0.0789 0.1048 0.0150  0.0779 0.0062  58  GLY A O   
414 N N   . GLN A 54  ? 0.2382 0.0739 0.0938 0.0233  0.0676 0.0090  59  GLN A N   
415 C CA  . GLN A 54  ? 0.2533 0.0759 0.0996 0.0254  0.0718 0.0102  59  GLN A CA  
416 C C   . GLN A 54  ? 0.2574 0.0755 0.1042 0.0220  0.0759 0.0089  59  GLN A C   
417 O O   . GLN A 54  ? 0.2696 0.0795 0.1127 0.0200  0.0828 0.0091  59  GLN A O   
418 C CB  . GLN A 54  ? 0.2561 0.0769 0.0952 0.0318  0.0662 0.0113  59  GLN A CB  
419 C CG  . GLN A 54  ? 0.2561 0.0794 0.0930 0.0354  0.0634 0.0123  59  GLN A CG  
420 C CD  . GLN A 54  ? 0.2879 0.1075 0.1217 0.0344  0.0690 0.0135  59  GLN A CD  
421 O OE1 . GLN A 54  ? 0.3063 0.1328 0.1456 0.0317  0.0700 0.0132  59  GLN A OE1 
422 N NE2 . GLN A 54  ? 0.2812 0.0897 0.1055 0.0369  0.0730 0.0149  59  GLN A NE2 
423 N N   . TYR A 55  ? 0.2476 0.0722 0.0992 0.0207  0.0716 0.0086  60  TYR A N   
424 C CA  . TYR A 55  ? 0.2505 0.0727 0.1033 0.0173  0.0751 0.0071  60  TYR A CA  
425 C C   . TYR A 55  ? 0.2522 0.0736 0.1138 0.0112  0.0816 0.0040  60  TYR A C   
426 O O   . TYR A 55  ? 0.2615 0.0763 0.1247 0.0075  0.0867 0.0035  60  TYR A O   
427 C CB  . TYR A 55  ? 0.2372 0.0694 0.0982 0.0182  0.0672 0.0049  60  TYR A CB  
428 C CG  . TYR A 55  ? 0.2454 0.0776 0.1136 0.0150  0.0675 0.0019  60  TYR A CG  
429 C CD1 . TYR A 55  ? 0.2628 0.0886 0.1268 0.0163  0.0670 0.0030  60  TYR A CD1 
430 C CD2 . TYR A 55  ? 0.2436 0.0824 0.1229 0.0114  0.0680 -0.0029 60  TYR A CD2 
431 C CE1 . TYR A 55  ? 0.2907 0.1161 0.1618 0.0134  0.0670 0.0001  60  TYR A CE1 
432 C CE2 . TYR A 55  ? 0.2588 0.0976 0.1451 0.0088  0.0680 -0.0066 60  TYR A CE2 
433 C CZ  . TYR A 55  ? 0.2896 0.1212 0.1719 0.0095  0.0676 -0.0048 60  TYR A CZ  
434 O OH  . TYR A 55  ? 0.2927 0.1241 0.1822 0.0070  0.0671 -0.0086 60  TYR A OH  
435 N N   . ILE A 56  ? 0.2795 0.1113 0.1486 0.0101  0.0805 0.0012  61  ILE A N   
436 C CA  . ILE A 56  ? 0.2418 0.0789 0.1214 0.0047  0.0857 -0.0035 61  ILE A CA  
437 C C   . ILE A 56  ? 0.2557 0.0837 0.1319 0.0009  0.0949 -0.0009 61  ILE A C   
438 O O   . ILE A 56  ? 0.2613 0.0876 0.1457 -0.0050 0.1005 -0.0037 61  ILE A O   
439 C CB  . ILE A 56  ? 0.2295 0.0815 0.1160 0.0057  0.0820 -0.0062 61  ILE A CB  
440 C CG1 . ILE A 56  ? 0.2170 0.0790 0.1100 0.0079  0.0736 -0.0091 61  ILE A CG1 
441 C CG2 . ILE A 56  ? 0.2305 0.0892 0.1270 0.0008  0.0878 -0.0106 61  ILE A CG2 
442 C CD1 . ILE A 56  ? 0.2064 0.0809 0.1039 0.0101  0.0688 -0.0102 61  ILE A CD1 
443 N N   . MET A 57  ? 0.2614 0.0843 0.1277 0.0044  0.0955 0.0038  62  MET A N   
444 C CA  . MET A 57  ? 0.2755 0.0918 0.1401 0.0023  0.1022 0.0053  62  MET A CA  
445 C C   . MET A 57  ? 0.2885 0.0922 0.1468 0.0024  0.1057 0.0069  62  MET A C   
446 O O   . MET A 57  ? 0.3092 0.1076 0.1699 -0.0023 0.1135 0.0065  62  MET A O   
447 C CB  . MET A 57  ? 0.2838 0.1025 0.1434 0.0071  0.0989 0.0079  62  MET A CB  
448 C CG  . MET A 57  ? 0.2629 0.0956 0.1311 0.0054  0.0977 0.0058  62  MET A CG  
449 S SD  . MET A 57  ? 0.3785 0.2148 0.2415 0.0109  0.0928 0.0085  62  MET A SD  
450 C CE  . MET A 57  ? 0.4002 0.2337 0.2558 0.0177  0.0834 0.0103  62  MET A CE  
451 N N   . THR A 58  ? 0.2882 0.0886 0.1390 0.0076  0.0998 0.0083  63  THR A N   
452 C CA  . THR A 58  ? 0.3211 0.1119 0.1653 0.0087  0.1017 0.0098  63  THR A CA  
453 C C   . THR A 58  ? 0.3217 0.1114 0.1757 0.0015  0.1060 0.0072  63  THR A C   
454 O O   . THR A 58  ? 0.3168 0.0980 0.1696 -0.0011 0.1119 0.0078  63  THR A O   
455 C CB  . THR A 58  ? 0.3488 0.1392 0.1842 0.0159  0.0938 0.0113  63  THR A CB  
456 O OG1 . THR A 58  ? 0.3794 0.1709 0.2078 0.0222  0.0897 0.0125  63  THR A OG1 
457 C CG2 . THR A 58  ? 0.3680 0.1479 0.1956 0.0176  0.0956 0.0132  63  THR A CG2 
458 N N   . LYS A 59  ? 0.2981 0.0962 0.1628 -0.0015 0.1026 0.0038  64  LYS A N   
459 C CA  . LYS A 59  ? 0.3064 0.1053 0.1834 -0.0078 0.1046 -0.0006 64  LYS A CA  
460 C C   . LYS A 59  ? 0.3043 0.1053 0.1937 -0.0160 0.1128 -0.0050 64  LYS A C   
461 O O   . LYS A 59  ? 0.2908 0.0945 0.1932 -0.0217 0.1143 -0.0110 64  LYS A O   
462 C CB  . LYS A 59  ? 0.3253 0.1338 0.2097 -0.0062 0.0958 -0.0045 64  LYS A CB  
463 C CG  . LYS A 59  ? 0.3760 0.1843 0.2517 0.0005  0.0881 -0.0012 64  LYS A CG  
464 C CD  . LYS A 59  ? 0.4445 0.2437 0.3156 0.0006  0.0895 0.0006  64  LYS A CD  
465 C CE  . LYS A 59  ? 0.4770 0.2783 0.3594 -0.0033 0.0882 -0.0044 64  LYS A CE  
466 N NZ  . LYS A 59  ? 0.5325 0.3243 0.4092 -0.0022 0.0888 -0.0023 64  LYS A NZ  
467 N N   . ARG A 60  ? 0.2997 0.1016 0.1862 -0.0164 0.1176 -0.0031 65  ARG A N   
468 C CA  . ARG A 60  ? 0.3484 0.1547 0.2474 -0.0244 0.1262 -0.0072 65  ARG A CA  
469 C C   . ARG A 60  ? 0.3293 0.1561 0.2470 -0.0265 0.1202 -0.0163 65  ARG A C   
470 O O   . ARG A 60  ? 0.3227 0.1561 0.2562 -0.0334 0.1247 -0.0232 65  ARG A O   
471 C CB  . ARG A 60  ? 0.3923 0.1915 0.2956 -0.0299 0.1342 -0.0088 65  ARG A CB  
472 C CG  . ARG A 60  ? 0.4612 0.2480 0.3488 -0.0251 0.1373 -0.0027 65  ARG A CG  
473 C CD  . ARG A 60  ? 0.5243 0.3121 0.4101 -0.0253 0.1425 -0.0013 65  ARG A CD  
474 N NE  . ARG A 60  ? 0.5987 0.3731 0.4730 -0.0231 0.1480 0.0027  65  ARG A NE  
475 C CZ  . ARG A 60  ? 0.6398 0.4116 0.5103 -0.0226 0.1530 0.0045  65  ARG A CZ  
476 N NH1 . ARG A 60  ? 0.6264 0.4099 0.5048 -0.0245 0.1528 0.0027  65  ARG A NH1 
477 N NH2 . ARG A 60  ? 0.6863 0.4440 0.5449 -0.0202 0.1583 0.0084  65  ARG A NH2 
478 N N   . LEU A 61  ? 0.2643 0.1011 0.1803 -0.0201 0.1102 -0.0166 66  LEU A N   
479 C CA  . LEU A 61  ? 0.2811 0.1363 0.2115 -0.0198 0.1035 -0.0246 66  LEU A CA  
480 C C   . LEU A 61  ? 0.2764 0.1453 0.2125 -0.0194 0.1040 -0.0271 66  LEU A C   
481 O O   . LEU A 61  ? 0.2624 0.1466 0.2095 -0.0182 0.0987 -0.0337 66  LEU A O   
482 C CB  . LEU A 61  ? 0.2394 0.0973 0.1643 -0.0131 0.0933 -0.0238 66  LEU A CB  
483 C CG  . LEU A 61  ? 0.2445 0.0909 0.1634 -0.0120 0.0912 -0.0218 66  LEU A CG  
484 C CD1 . LEU A 61  ? 0.2450 0.0965 0.1601 -0.0055 0.0819 -0.0217 66  LEU A CD1 
485 C CD2 . LEU A 61  ? 0.2844 0.1303 0.2154 -0.0181 0.0942 -0.0281 66  LEU A CD2 
486 N N   . TYR A 62  ? 0.2811 0.1441 0.2091 -0.0196 0.1101 -0.0219 67  TYR A N   
487 C CA  . TYR A 62  ? 0.2650 0.1399 0.1974 -0.0188 0.1110 -0.0238 67  TYR A CA  
488 C C   . TYR A 62  ? 0.2973 0.1664 0.2294 -0.0241 0.1228 -0.0220 67  TYR A C   
489 O O   . TYR A 62  ? 0.2817 0.1470 0.2035 -0.0215 0.1255 -0.0169 67  TYR A O   
490 C CB  . TYR A 62  ? 0.2600 0.1350 0.1797 -0.0111 0.1045 -0.0190 67  TYR A CB  
491 C CG  . TYR A 62  ? 0.2612 0.1489 0.1849 -0.0089 0.1037 -0.0214 67  TYR A CG  
492 C CD1 . TYR A 62  ? 0.2637 0.1675 0.2025 -0.0099 0.1013 -0.0295 67  TYR A CD1 
493 C CD2 . TYR A 62  ? 0.2781 0.1631 0.1918 -0.0053 0.1024 -0.0156 67  TYR A CD2 
494 C CE1 . TYR A 62  ? 0.2616 0.1766 0.2034 -0.0071 0.1002 -0.0319 67  TYR A CE1 
495 C CE2 . TYR A 62  ? 0.2638 0.1604 0.1820 -0.0031 0.1000 -0.0176 67  TYR A CE2 
496 C CZ  . TYR A 62  ? 0.2483 0.1592 0.1795 -0.0039 0.0998 -0.0256 67  TYR A CZ  
497 O OH  . TYR A 62  ? 0.2514 0.1734 0.1861 -0.0009 0.0973 -0.0277 67  TYR A OH  
498 N N   . ASP A 63  ? 0.3355 0.2030 0.2790 -0.0319 0.1301 -0.0262 68  ASP A N   
499 C CA  . ASP A 63  ? 0.3822 0.2421 0.3256 -0.0380 0.1431 -0.0243 68  ASP A CA  
500 C C   . ASP A 63  ? 0.4012 0.2777 0.3562 -0.0397 0.1461 -0.0296 68  ASP A C   
501 O O   . ASP A 63  ? 0.4269 0.2989 0.3781 -0.0408 0.1516 -0.0261 68  ASP A O   
502 C CB  . ASP A 63  ? 0.4122 0.2649 0.3654 -0.0468 0.1512 -0.0280 68  ASP A CB  
503 C CG  . ASP A 63  ? 0.4553 0.2854 0.3924 -0.0452 0.1528 -0.0204 68  ASP A CG  
504 O OD1 . ASP A 63  ? 0.4522 0.2740 0.3713 -0.0368 0.1471 -0.0129 68  ASP A OD1 
505 O OD2 . ASP A 63  ? 0.4878 0.3113 0.4314 -0.0506 0.1568 -0.0235 68  ASP A OD2 
506 N N   . GLU A 64  ? 0.3976 0.2934 0.3672 -0.0383 0.1383 -0.0380 69  GLU A N   
507 C CA  . GLU A 64  ? 0.4385 0.3515 0.4207 -0.0393 0.1404 -0.0441 69  GLU A CA  
508 C C   . GLU A 64  ? 0.4106 0.3301 0.3836 -0.0304 0.1326 -0.0414 69  GLU A C   
509 O O   . GLU A 64  ? 0.3633 0.2946 0.3406 -0.0252 0.1225 -0.0458 69  GLU A O   
510 C CB  . GLU A 64  ? 0.4921 0.4232 0.4980 -0.0436 0.1384 -0.0568 69  GLU A CB  
511 C CG  . GLU A 64  ? 0.5319 0.4834 0.5531 -0.0441 0.1399 -0.0650 69  GLU A CG  
512 C CD  . GLU A 64  ? 0.5728 0.5204 0.5886 -0.0461 0.1502 -0.0603 69  GLU A CD  
513 O OE1 . GLU A 64  ? 0.6053 0.5353 0.6128 -0.0509 0.1583 -0.0534 69  GLU A OE1 
514 O OE2 . GLU A 64  ? 0.5673 0.5275 0.5855 -0.0416 0.1463 -0.0623 69  GLU A OE2 
515 N N   . LYS A 65  ? 0.4436 0.3545 0.4037 -0.0284 0.1354 -0.0337 70  LYS A N   
516 C CA  . LYS A 65  ? 0.4517 0.3644 0.4006 -0.0202 0.1268 -0.0290 70  LYS A CA  
517 C C   . LYS A 65  ? 0.4709 0.4023 0.4298 -0.0173 0.1233 -0.0354 70  LYS A C   
518 O O   . LYS A 65  ? 0.4802 0.4148 0.4322 -0.0103 0.1150 -0.0332 70  LYS A O   
519 C CB  . LYS A 65  ? 0.4485 0.3481 0.3831 -0.0187 0.1290 -0.0202 70  LYS A CB  
520 C CG  . LYS A 65  ? 0.4205 0.3010 0.3447 -0.0205 0.1328 -0.0143 70  LYS A CG  
521 C CD  . LYS A 65  ? 0.3698 0.2438 0.2847 -0.0158 0.1249 -0.0112 70  LYS A CD  
522 C CE  . LYS A 65  ? 0.3575 0.2125 0.2580 -0.0140 0.1259 -0.0043 70  LYS A CE  
523 N NZ  . LYS A 65  ? 0.3285 0.1783 0.2220 -0.0099 0.1188 -0.0023 70  LYS A NZ  
524 N N   . GLN A 66  ? 0.4703 0.4139 0.4462 -0.0226 0.1293 -0.0433 71  GLN A N   
525 C CA  . GLN A 66  ? 0.4652 0.4270 0.4507 -0.0191 0.1259 -0.0496 71  GLN A CA  
526 C C   . GLN A 66  ? 0.4479 0.4238 0.4433 -0.0149 0.1176 -0.0583 71  GLN A C   
527 O O   . GLN A 66  ? 0.4555 0.4451 0.4560 -0.0097 0.1124 -0.0630 71  GLN A O   
528 C CB  . GLN A 66  ? 0.4715 0.4420 0.4715 -0.0259 0.1350 -0.0547 71  GLN A CB  
529 N N   . GLN A 67  ? 0.4233 0.3951 0.4201 -0.0160 0.1149 -0.0600 72  GLN A N   
530 C CA  . GLN A 67  ? 0.4048 0.3899 0.4113 -0.0118 0.1052 -0.0681 72  GLN A CA  
531 C C   . GLN A 67  ? 0.3673 0.3455 0.3593 -0.0039 0.0949 -0.0630 72  GLN A C   
532 O O   . GLN A 67  ? 0.3681 0.3558 0.3638 0.0019  0.0866 -0.0684 72  GLN A O   
533 C CB  . GLN A 67  ? 0.4152 0.4050 0.4380 -0.0189 0.1072 -0.0757 72  GLN A CB  
534 C CG  . GLN A 67  ? 0.4396 0.4203 0.4566 -0.0177 0.1012 -0.0736 72  GLN A CG  
535 C CD  . GLN A 67  ? 0.4863 0.4686 0.5184 -0.0260 0.1053 -0.0804 72  GLN A CD  
536 O OE1 . GLN A 67  ? 0.5085 0.4760 0.5365 -0.0325 0.1128 -0.0753 72  GLN A OE1 
537 N NE2 . GLN A 67  ? 0.4857 0.4857 0.5350 -0.0254 0.1002 -0.0923 72  GLN A NE2 
538 N N   . HIS A 68  ? 0.3363 0.2978 0.3118 -0.0033 0.0961 -0.0531 73  HIS A N   
539 C CA  . HIS A 68  ? 0.3185 0.2727 0.2802 0.0035  0.0880 -0.0481 73  HIS A CA  
540 C C   . HIS A 68  ? 0.2950 0.2492 0.2590 0.0047  0.0816 -0.0506 73  HIS A C   
541 O O   . HIS A 68  ? 0.2777 0.2291 0.2329 0.0109  0.0747 -0.0483 73  HIS A O   
542 C CB  . HIS A 68  ? 0.3527 0.3145 0.3110 0.0111  0.0816 -0.0484 73  HIS A CB  
543 C CG  . HIS A 68  ? 0.3842 0.3467 0.3395 0.0110  0.0851 -0.0451 73  HIS A CG  
544 N ND1 . HIS A 68  ? 0.4132 0.3665 0.3556 0.0135  0.0822 -0.0367 73  HIS A ND1 
545 C CD2 . HIS A 68  ? 0.3953 0.3671 0.3600 0.0084  0.0907 -0.0492 73  HIS A CD2 
546 C CE1 . HIS A 68  ? 0.4124 0.3689 0.3551 0.0131  0.0858 -0.0359 73  HIS A CE1 
547 N NE2 . HIS A 68  ? 0.4112 0.3785 0.3667 0.0101  0.0912 -0.0430 73  HIS A NE2 
548 N N   . ILE A 69  ? 0.2876 0.2443 0.2631 -0.0011 0.0842 -0.0555 74  ILE A N   
549 C CA  . ILE A 69  ? 0.2984 0.2539 0.2751 0.0001  0.0784 -0.0578 74  ILE A CA  
550 C C   . ILE A 69  ? 0.3042 0.2441 0.2744 -0.0046 0.0824 -0.0518 74  ILE A C   
551 O O   . ILE A 69  ? 0.3134 0.2475 0.2866 -0.0113 0.0907 -0.0506 74  ILE A O   
552 C CB  . ILE A 69  ? 0.3179 0.2882 0.3128 -0.0019 0.0767 -0.0693 74  ILE A CB  
553 C CG1 . ILE A 69  ? 0.3278 0.3146 0.3293 0.0039  0.0725 -0.0760 74  ILE A CG1 
554 C CG2 . ILE A 69  ? 0.3297 0.2986 0.3241 0.0005  0.0700 -0.0717 74  ILE A CG2 
555 C CD1 . ILE A 69  ? 0.3395 0.3259 0.3287 0.0141  0.0636 -0.0737 74  ILE A CD1 
556 N N   . VAL A 70  ? 0.2960 0.2282 0.2565 -0.0008 0.0769 -0.0479 75  VAL A N   
557 C CA  . VAL A 70  ? 0.2873 0.2058 0.2423 -0.0040 0.0791 -0.0436 75  VAL A CA  
558 C C   . VAL A 70  ? 0.2970 0.2204 0.2623 -0.0056 0.0760 -0.0507 75  VAL A C   
559 O O   . VAL A 70  ? 0.2776 0.2091 0.2444 -0.0004 0.0686 -0.0549 75  VAL A O   
560 C CB  . VAL A 70  ? 0.2594 0.1677 0.1988 0.0011  0.0750 -0.0360 75  VAL A CB  
561 C CG1 . VAL A 70  ? 0.2500 0.1474 0.1856 -0.0006 0.0750 -0.0337 75  VAL A CG1 
562 C CG2 . VAL A 70  ? 0.2688 0.1702 0.1976 0.0021  0.0786 -0.0292 75  VAL A CG2 
563 N N   . TYR A 71  ? 0.3297 0.2474 0.3014 -0.0126 0.0818 -0.0524 76  TYR A N   
564 C CA  . TYR A 71  ? 0.3254 0.2468 0.3076 -0.0149 0.0794 -0.0598 76  TYR A CA  
565 C C   . TYR A 71  ? 0.3104 0.2169 0.2823 -0.0144 0.0783 -0.0544 76  TYR A C   
566 O O   . TYR A 71  ? 0.3334 0.2258 0.2990 -0.0182 0.0847 -0.0487 76  TYR A O   
567 C CB  . TYR A 71  ? 0.3450 0.2698 0.3432 -0.0239 0.0872 -0.0665 76  TYR A CB  
568 N N   . CYS A 72  ? 0.3026 0.2118 0.2719 -0.0090 0.0704 -0.0563 77  CYS A N   
569 C CA  . CYS A 72  ? 0.3026 0.1990 0.2609 -0.0069 0.0685 -0.0507 77  CYS A CA  
570 C C   . CYS A 72  ? 0.3039 0.2026 0.2664 -0.0054 0.0630 -0.0565 77  CYS A C   
571 O O   . CYS A 72  ? 0.2789 0.1691 0.2325 -0.0025 0.0605 -0.0526 77  CYS A O   
572 C CB  . CYS A 72  ? 0.2929 0.1861 0.2370 -0.0004 0.0649 -0.0433 77  CYS A CB  
573 S SG  . CYS A 72  ? 0.3031 0.2100 0.2472 0.0070  0.0572 -0.0467 77  CYS A SG  
574 N N   . SER A 73  ? 0.3351 0.2461 0.3119 -0.0070 0.0611 -0.0664 78  SER A N   
575 C CA  . SER A 73  ? 0.3495 0.2644 0.3306 -0.0046 0.0552 -0.0732 78  SER A CA  
576 C C   . SER A 73  ? 0.3532 0.2544 0.3315 -0.0078 0.0573 -0.0716 78  SER A C   
577 O O   . SER A 73  ? 0.3663 0.2666 0.3413 -0.0037 0.0519 -0.0733 78  SER A O   
578 C CB  . SER A 73  ? 0.3725 0.3032 0.3712 -0.0067 0.0535 -0.0856 78  SER A CB  
579 O OG  . SER A 73  ? 0.4007 0.3356 0.4026 -0.0035 0.0470 -0.0927 78  SER A OG  
580 N N   . ASN A 74  ? 0.3566 0.2465 0.3356 -0.0147 0.0655 -0.0681 79  ASN A N   
581 C CA  . ASN A 74  ? 0.3684 0.2441 0.3442 -0.0176 0.0680 -0.0660 79  ASN A CA  
582 C C   . ASN A 74  ? 0.3387 0.2009 0.2978 -0.0145 0.0688 -0.0541 79  ASN A C   
583 O O   . ASN A 74  ? 0.3303 0.1821 0.2853 -0.0156 0.0701 -0.0505 79  ASN A O   
584 C CB  . ASN A 74  ? 0.4372 0.3083 0.4245 -0.0272 0.0765 -0.0700 79  ASN A CB  
585 C CG  . ASN A 74  ? 0.4873 0.3730 0.4936 -0.0306 0.0743 -0.0832 79  ASN A CG  
586 O OD1 . ASN A 74  ? 0.5161 0.4051 0.5262 -0.0288 0.0684 -0.0878 79  ASN A OD1 
587 N ND2 . ASN A 74  ? 0.5066 0.4031 0.5257 -0.0351 0.0782 -0.0890 79  ASN A ND2 
588 N N   . ASP A 75  ? 0.2935 0.1572 0.2437 -0.0101 0.0677 -0.0485 80  ASP A N   
589 C CA  . ASP A 75  ? 0.2736 0.1277 0.2096 -0.0068 0.0678 -0.0383 80  ASP A CA  
590 C C   . ASP A 75  ? 0.2479 0.1075 0.1777 0.0003  0.0595 -0.0358 80  ASP A C   
591 O O   . ASP A 75  ? 0.2426 0.1130 0.1764 0.0034  0.0545 -0.0403 80  ASP A O   
592 C CB  . ASP A 75  ? 0.2598 0.1117 0.1904 -0.0073 0.0727 -0.0338 80  ASP A CB  
593 C CG  . ASP A 75  ? 0.2808 0.1222 0.1974 -0.0044 0.0736 -0.0243 80  ASP A CG  
594 O OD1 . ASP A 75  ? 0.3032 0.1333 0.2160 -0.0074 0.0794 -0.0210 80  ASP A OD1 
595 O OD2 . ASP A 75  ? 0.2693 0.1148 0.1791 0.0009  0.0685 -0.0205 80  ASP A OD2 
596 N N   . LEU A 76  ? 0.2497 0.1025 0.1699 0.0031  0.0583 -0.0288 81  LEU A N   
597 C CA  . LEU A 76  ? 0.2452 0.1038 0.1605 0.0088  0.0518 -0.0259 81  LEU A CA  
598 C C   . LEU A 76  ? 0.2317 0.0996 0.1468 0.0113  0.0498 -0.0257 81  LEU A C   
599 O O   . LEU A 76  ? 0.2273 0.1030 0.1428 0.0149  0.0446 -0.0264 81  LEU A O   
600 C CB  . LEU A 76  ? 0.2401 0.0912 0.1457 0.0110  0.0520 -0.0190 81  LEU A CB  
601 C CG  . LEU A 76  ? 0.2527 0.0949 0.1565 0.0104  0.0529 -0.0185 81  LEU A CG  
602 C CD1 . LEU A 76  ? 0.2714 0.1073 0.1647 0.0137  0.0527 -0.0122 81  LEU A CD1 
603 C CD2 . LEU A 76  ? 0.2336 0.0807 0.1425 0.0121  0.0478 -0.0228 81  LEU A CD2 
604 N N   . LEU A 77  ? 0.2185 0.0851 0.1327 0.0092  0.0541 -0.0244 82  LEU A N   
605 C CA  . LEU A 77  ? 0.2168 0.0917 0.1305 0.0116  0.0522 -0.0238 82  LEU A CA  
606 C C   . LEU A 77  ? 0.2140 0.0996 0.1350 0.0132  0.0486 -0.0303 82  LEU A C   
607 O O   . LEU A 77  ? 0.1934 0.0863 0.1130 0.0171  0.0445 -0.0294 82  LEU A O   
608 C CB  . LEU A 77  ? 0.2059 0.0774 0.1180 0.0090  0.0580 -0.0222 82  LEU A CB  
609 C CG  . LEU A 77  ? 0.2310 0.1109 0.1428 0.0113  0.0563 -0.0214 82  LEU A CG  
610 C CD1 . LEU A 77  ? 0.2229 0.1038 0.1285 0.0151  0.0517 -0.0159 82  LEU A CD1 
611 C CD2 . LEU A 77  ? 0.2288 0.1055 0.1395 0.0086  0.0626 -0.0206 82  LEU A CD2 
612 N N   . GLY A 78  ? 0.2255 0.1120 0.1542 0.0104  0.0503 -0.0372 83  GLY A N   
613 C CA  . GLY A 78  ? 0.2370 0.1340 0.1723 0.0129  0.0464 -0.0448 83  GLY A CA  
614 C C   . GLY A 78  ? 0.2550 0.1553 0.1874 0.0179  0.0399 -0.0447 83  GLY A C   
615 O O   . GLY A 78  ? 0.2672 0.1759 0.1994 0.0227  0.0355 -0.0470 83  GLY A O   
616 N N   . ASP A 79  ? 0.2755 0.1691 0.2054 0.0172  0.0396 -0.0419 84  ASP A N   
617 C CA  . ASP A 79  ? 0.2833 0.1799 0.2108 0.0214  0.0345 -0.0416 84  ASP A CA  
618 C C   . ASP A 79  ? 0.2764 0.1757 0.1978 0.0243  0.0328 -0.0350 84  ASP A C   
619 O O   . ASP A 79  ? 0.2969 0.2020 0.2172 0.0280  0.0295 -0.0352 84  ASP A O   
620 C CB  . ASP A 79  ? 0.3108 0.1997 0.2376 0.0197  0.0350 -0.0403 84  ASP A CB  
621 C CG  . ASP A 79  ? 0.3363 0.2288 0.2665 0.0221  0.0308 -0.0462 84  ASP A CG  
622 O OD1 . ASP A 79  ? 0.3235 0.2247 0.2549 0.0259  0.0273 -0.0497 84  ASP A OD1 
623 O OD2 . ASP A 79  ? 0.3460 0.2324 0.2774 0.0205  0.0313 -0.0473 84  ASP A OD2 
624 N N   . LEU A 80  ? 0.2471 0.1417 0.1645 0.0225  0.0358 -0.0292 85  LEU A N   
625 C CA  . LEU A 80  ? 0.2322 0.1285 0.1448 0.0244  0.0347 -0.0235 85  LEU A CA  
626 C C   . LEU A 80  ? 0.2613 0.1646 0.1745 0.0266  0.0332 -0.0242 85  LEU A C   
627 O O   . LEU A 80  ? 0.2798 0.1861 0.1908 0.0292  0.0311 -0.0221 85  LEU A O   
628 C CB  . LEU A 80  ? 0.2395 0.1297 0.1481 0.0222  0.0379 -0.0186 85  LEU A CB  
629 C CG  . LEU A 80  ? 0.2615 0.1529 0.1663 0.0236  0.0370 -0.0138 85  LEU A CG  
630 C CD1 . LEU A 80  ? 0.2795 0.1700 0.1827 0.0250  0.0352 -0.0121 85  LEU A CD1 
631 C CD2 . LEU A 80  ? 0.2585 0.1457 0.1601 0.0221  0.0399 -0.0108 85  LEU A CD2 
632 N N   . PHE A 81  ? 0.2539 0.1594 0.1699 0.0257  0.0348 -0.0273 86  PHE A N   
633 C CA  . PHE A 81  ? 0.2520 0.1640 0.1682 0.0283  0.0332 -0.0282 86  PHE A CA  
634 C C   . PHE A 81  ? 0.2814 0.2002 0.2006 0.0319  0.0298 -0.0343 86  PHE A C   
635 O O   . PHE A 81  ? 0.2950 0.2184 0.2124 0.0354  0.0275 -0.0340 86  PHE A O   
636 C CB  . PHE A 81  ? 0.2239 0.1366 0.1423 0.0264  0.0364 -0.0294 86  PHE A CB  
637 C CG  . PHE A 81  ? 0.2350 0.1429 0.1490 0.0244  0.0389 -0.0230 86  PHE A CG  
638 C CD1 . PHE A 81  ? 0.2523 0.1565 0.1619 0.0248  0.0378 -0.0177 86  PHE A CD1 
639 C CD2 . PHE A 81  ? 0.2279 0.1354 0.1427 0.0226  0.0424 -0.0232 86  PHE A CD2 
640 C CE1 . PHE A 81  ? 0.2529 0.1535 0.1591 0.0236  0.0395 -0.0132 86  PHE A CE1 
641 C CE2 . PHE A 81  ? 0.2411 0.1443 0.1514 0.0215  0.0441 -0.0179 86  PHE A CE2 
642 C CZ  . PHE A 81  ? 0.2488 0.1486 0.1549 0.0222  0.0424 -0.0131 86  PHE A CZ  
643 N N   . GLY A 82  ? 0.2903 0.2090 0.2136 0.0312  0.0293 -0.0398 87  GLY A N   
644 C CA  . GLY A 82  ? 0.3104 0.2359 0.2369 0.0346  0.0257 -0.0466 87  GLY A CA  
645 C C   . GLY A 82  ? 0.3330 0.2655 0.2647 0.0357  0.0256 -0.0535 87  GLY A C   
646 O O   . GLY A 82  ? 0.3670 0.3057 0.2986 0.0399  0.0221 -0.0568 87  GLY A O   
647 N N   . VAL A 83  ? 0.3161 0.2465 0.2515 0.0320  0.0296 -0.0551 88  VAL A N   
648 C CA  . VAL A 83  ? 0.2985 0.2359 0.2401 0.0324  0.0306 -0.0627 88  VAL A CA  
649 C C   . VAL A 83  ? 0.2903 0.2249 0.2411 0.0248  0.0362 -0.0667 88  VAL A C   
650 O O   . VAL A 83  ? 0.3023 0.2265 0.2505 0.0198  0.0406 -0.0612 88  VAL A O   
651 C CB  . VAL A 83  ? 0.3022 0.2420 0.2406 0.0338  0.0316 -0.0579 88  VAL A CB  
652 C CG1 . VAL A 83  ? 0.3165 0.2585 0.2484 0.0386  0.0273 -0.0527 88  VAL A CG1 
653 C CG2 . VAL A 83  ? 0.2999 0.2306 0.2344 0.0289  0.0367 -0.0499 88  VAL A CG2 
654 N N   . PRO A 84  ? 0.2944 0.2408 0.2588 0.0230  0.0356 -0.0756 89  PRO A N   
655 C CA  . PRO A 84  ? 0.2942 0.2409 0.2716 0.0137  0.0414 -0.0790 89  PRO A CA  
656 C C   . PRO A 84  ? 0.2931 0.2386 0.2713 0.0094  0.0479 -0.0744 89  PRO A C   
657 O O   . PRO A 84  ? 0.2864 0.2263 0.2698 0.0016  0.0548 -0.0731 89  PRO A O   
658 C CB  . PRO A 84  ? 0.2942 0.2564 0.2869 0.0143  0.0376 -0.0917 89  PRO A CB  
659 C CG  . PRO A 84  ? 0.2921 0.2636 0.2792 0.0239  0.0312 -0.0933 89  PRO A CG  
660 C CD  . PRO A 84  ? 0.2905 0.2504 0.2588 0.0297  0.0290 -0.0833 89  PRO A CD  
661 N N   . SER A 85  ? 0.3017 0.2515 0.2738 0.0150  0.0458 -0.0720 90  SER A N   
662 C CA  . SER A 85  ? 0.2873 0.2368 0.2592 0.0122  0.0512 -0.0681 90  SER A CA  
663 C C   . SER A 85  ? 0.2472 0.1968 0.2075 0.0197  0.0479 -0.0634 90  SER A C   
664 O O   . SER A 85  ? 0.2466 0.1986 0.2013 0.0269  0.0418 -0.0648 90  SER A O   
665 C CB  . SER A 85  ? 0.3101 0.2735 0.2990 0.0083  0.0536 -0.0771 90  SER A CB  
666 O OG  . SER A 85  ? 0.3187 0.2962 0.3121 0.0154  0.0466 -0.0850 90  SER A OG  
667 N N   . PHE A 86  ? 0.2263 0.1721 0.1822 0.0180  0.0524 -0.0578 91  PHE A N   
668 C CA  . PHE A 86  ? 0.2249 0.1706 0.1710 0.0245  0.0499 -0.0541 91  PHE A CA  
669 C C   . PHE A 86  ? 0.2106 0.1567 0.1574 0.0216  0.0552 -0.0514 91  PHE A C   
670 O O   . PHE A 86  ? 0.2085 0.1513 0.1595 0.0149  0.0613 -0.0502 91  PHE A O   
671 C CB  . PHE A 86  ? 0.2119 0.1490 0.1468 0.0267  0.0460 -0.0453 91  PHE A CB  
672 C CG  . PHE A 86  ? 0.2044 0.1307 0.1348 0.0216  0.0503 -0.0382 91  PHE A CG  
673 C CD1 . PHE A 86  ? 0.2112 0.1306 0.1422 0.0180  0.0524 -0.0383 91  PHE A CD1 
674 C CD2 . PHE A 86  ? 0.2187 0.1417 0.1438 0.0211  0.0518 -0.0319 91  PHE A CD2 
675 C CE1 . PHE A 86  ? 0.2259 0.1348 0.1514 0.0147  0.0559 -0.0320 91  PHE A CE1 
676 C CE2 . PHE A 86  ? 0.2176 0.1309 0.1375 0.0178  0.0551 -0.0261 91  PHE A CE2 
677 C CZ  . PHE A 86  ? 0.2291 0.1351 0.1486 0.0150  0.0572 -0.0260 91  PHE A CZ  
678 N N   . SER A 87  ? 0.2210 0.1714 0.1636 0.0269  0.0521 -0.0501 92  SER A N   
679 C CA  . SER A 87  ? 0.2253 0.1768 0.1678 0.0252  0.0562 -0.0477 92  SER A CA  
680 C C   . SER A 87  ? 0.2148 0.1562 0.1474 0.0240  0.0562 -0.0377 92  SER A C   
681 O O   . SER A 87  ? 0.2111 0.1493 0.1376 0.0269  0.0509 -0.0333 92  SER A O   
682 C CB  . SER A 87  ? 0.2297 0.1915 0.1738 0.0316  0.0524 -0.0517 92  SER A CB  
683 O OG  . SER A 87  ? 0.2110 0.1731 0.1535 0.0307  0.0554 -0.0484 92  SER A OG  
684 N N   . VAL A 88  ? 0.1845 0.1214 0.1163 0.0196  0.0623 -0.0347 93  VAL A N   
685 C CA  . VAL A 88  ? 0.1883 0.1163 0.1110 0.0193  0.0617 -0.0265 93  VAL A CA  
686 C C   . VAL A 88  ? 0.2048 0.1368 0.1249 0.0231  0.0578 -0.0246 93  VAL A C   
687 O O   . VAL A 88  ? 0.2033 0.1296 0.1174 0.0235  0.0556 -0.0192 93  VAL A O   
688 C CB  . VAL A 88  ? 0.1910 0.1121 0.1118 0.0144  0.0691 -0.0235 93  VAL A CB  
689 C CG1 . VAL A 88  ? 0.2270 0.1411 0.1490 0.0102  0.0735 -0.0244 93  VAL A CG1 
690 C CG2 . VAL A 88  ? 0.2306 0.1589 0.1573 0.0129  0.0742 -0.0271 93  VAL A CG2 
691 N N   . LYS A 89  ? 0.2022 0.1439 0.1272 0.0263  0.0564 -0.0300 94  LYS A N   
692 C CA  . LYS A 89  ? 0.2233 0.1681 0.1459 0.0300  0.0531 -0.0288 94  LYS A CA  
693 C C   . LYS A 89  ? 0.2022 0.1459 0.1215 0.0339  0.0468 -0.0274 94  LYS A C   
694 O O   . LYS A 89  ? 0.2237 0.1663 0.1397 0.0362  0.0445 -0.0250 94  LYS A O   
695 C CB  . LYS A 89  ? 0.2608 0.2164 0.1900 0.0319  0.0551 -0.0353 94  LYS A CB  
696 C CG  . LYS A 89  ? 0.3022 0.2589 0.2348 0.0276  0.0625 -0.0359 94  LYS A CG  
697 C CD  . LYS A 89  ? 0.3557 0.3240 0.2946 0.0303  0.0639 -0.0417 94  LYS A CD  
698 C CE  . LYS A 89  ? 0.4156 0.3950 0.3625 0.0344  0.0612 -0.0506 94  LYS A CE  
699 N NZ  . LYS A 89  ? 0.4554 0.4471 0.4082 0.0387  0.0612 -0.0568 94  LYS A NZ  
700 N N   . GLU A 90  ? 0.1984 0.1416 0.1184 0.0344  0.0447 -0.0288 95  GLU A N   
701 C CA  A GLU A 90  ? 0.2107 0.1523 0.1272 0.0381  0.0397 -0.0271 95  GLU A CA  
702 C CA  B GLU A 90  ? 0.2073 0.1489 0.1237 0.0380  0.0397 -0.0270 95  GLU A CA  
703 C C   . GLU A 90  ? 0.2030 0.1354 0.1142 0.0360  0.0390 -0.0205 95  GLU A C   
704 O O   . GLU A 90  ? 0.2050 0.1350 0.1160 0.0352  0.0382 -0.0201 95  GLU A O   
705 C CB  A GLU A 90  ? 0.2266 0.1733 0.1466 0.0404  0.0376 -0.0326 95  GLU A CB  
706 C CB  B GLU A 90  ? 0.2296 0.1771 0.1497 0.0410  0.0374 -0.0328 95  GLU A CB  
707 C CG  A GLU A 90  ? 0.2518 0.2090 0.1786 0.0432  0.0378 -0.0406 95  GLU A CG  
708 C CG  B GLU A 90  ? 0.2578 0.2149 0.1828 0.0446  0.0370 -0.0394 95  GLU A CG  
709 C CD  A GLU A 90  ? 0.2813 0.2405 0.2050 0.0483  0.0346 -0.0400 95  GLU A CD  
710 C CD  B GLU A 90  ? 0.2723 0.2372 0.2039 0.0466  0.0357 -0.0473 95  GLU A CD  
711 O OE1 A GLU A 90  ? 0.2907 0.2427 0.2068 0.0504  0.0319 -0.0342 95  GLU A OE1 
712 O OE1 B GLU A 90  ? 0.2723 0.2348 0.2035 0.0461  0.0343 -0.0477 95  GLU A OE1 
713 O OE2 A GLU A 90  ? 0.3093 0.2766 0.2381 0.0504  0.0352 -0.0455 95  GLU A OE2 
714 O OE2 B GLU A 90  ? 0.2937 0.2673 0.2310 0.0493  0.0357 -0.0535 95  GLU A OE2 
715 N N   . HIS A 91  ? 0.1721 0.0998 0.0797 0.0354  0.0393 -0.0162 96  HIS A N   
716 C CA  . HIS A 91  ? 0.1706 0.0907 0.0749 0.0330  0.0393 -0.0114 96  HIS A CA  
717 C C   . HIS A 91  ? 0.2318 0.1483 0.1334 0.0345  0.0369 -0.0092 96  HIS A C   
718 O O   . HIS A 91  ? 0.1692 0.0819 0.0701 0.0326  0.0371 -0.0074 96  HIS A O   
719 C CB  . HIS A 91  ? 0.1816 0.0988 0.0839 0.0321  0.0402 -0.0088 96  HIS A CB  
720 C CG  . HIS A 91  ? 0.1894 0.1088 0.0931 0.0304  0.0432 -0.0100 96  HIS A CG  
721 N ND1 . HIS A 91  ? 0.2029 0.1208 0.1047 0.0301  0.0440 -0.0085 96  HIS A ND1 
722 C CD2 . HIS A 91  ? 0.1900 0.1124 0.0966 0.0288  0.0462 -0.0126 96  HIS A CD2 
723 C CE1 . HIS A 91  ? 0.2034 0.1232 0.1064 0.0286  0.0475 -0.0096 96  HIS A CE1 
724 N NE2 . HIS A 91  ? 0.1940 0.1161 0.0999 0.0275  0.0493 -0.0120 96  HIS A NE2 
725 N N   . ARG A 92  ? 0.1735 0.0903 0.0726 0.0382  0.0352 -0.0095 97  ARG A N   
726 C CA  . ARG A 92  ? 0.1760 0.0879 0.0711 0.0400  0.0339 -0.0072 97  ARG A CA  
727 C C   . ARG A 92  ? 0.1750 0.0899 0.0721 0.0401  0.0329 -0.0093 97  ARG A C   
728 O O   . ARG A 92  ? 0.1748 0.0857 0.0702 0.0391  0.0330 -0.0073 97  ARG A O   
729 C CB  . ARG A 92  ? 0.1936 0.1036 0.0838 0.0448  0.0326 -0.0067 97  ARG A CB  
730 C CG  . ARG A 92  ? 0.1995 0.1040 0.0840 0.0476  0.0319 -0.0045 97  ARG A CG  
731 C CD  . ARG A 92  ? 0.1872 0.0843 0.0699 0.0442  0.0343 -0.0008 97  ARG A CD  
732 N NE  . ARG A 92  ? 0.1886 0.0809 0.0697 0.0426  0.0362 0.0012  97  ARG A NE  
733 C CZ  . ARG A 92  ? 0.1952 0.0829 0.0767 0.0388  0.0385 0.0029  97  ARG A CZ  
734 N NH1 . ARG A 92  ? 0.1847 0.0724 0.0682 0.0366  0.0390 0.0032  97  ARG A NH1 
735 N NH2 . ARG A 92  ? 0.2099 0.0940 0.0902 0.0376  0.0401 0.0037  97  ARG A NH2 
736 N N   . LYS A 93  ? 0.1750 0.0968 0.0759 0.0414  0.0322 -0.0142 98  LYS A N   
737 C CA  . LYS A 93  ? 0.2138 0.1386 0.1172 0.0415  0.0312 -0.0174 98  LYS A CA  
738 C C   . LYS A 93  ? 0.1713 0.0927 0.0764 0.0369  0.0331 -0.0157 98  LYS A C   
739 O O   . LYS A 93  ? 0.1712 0.0910 0.0755 0.0368  0.0323 -0.0154 98  LYS A O   
740 C CB  . LYS A 93  ? 0.2440 0.1774 0.1529 0.0431  0.0307 -0.0243 98  LYS A CB  
741 C CG  . LYS A 93  ? 0.3097 0.2462 0.2224 0.0428  0.0300 -0.0289 98  LYS A CG  
742 C CD  . LYS A 93  ? 0.3571 0.3027 0.2753 0.0459  0.0286 -0.0369 98  LYS A CD  
743 C CE  . LYS A 93  ? 0.3843 0.3325 0.3065 0.0458  0.0273 -0.0421 98  LYS A CE  
744 N NZ  . LYS A 93  ? 0.3930 0.3430 0.3225 0.0412  0.0312 -0.0473 98  LYS A NZ  
745 N N   . ILE A 94  ? 0.1711 0.0912 0.0775 0.0337  0.0357 -0.0146 99  ILE A N   
746 C CA  . ILE A 94  ? 0.1684 0.0841 0.0747 0.0301  0.0376 -0.0127 99  ILE A CA  
747 C C   . ILE A 94  ? 0.1860 0.0964 0.0891 0.0296  0.0367 -0.0084 99  ILE A C   
748 O O   . ILE A 94  ? 0.1667 0.0751 0.0697 0.0287  0.0365 -0.0079 99  ILE A O   
749 C CB  . ILE A 94  ? 0.1692 0.0833 0.0757 0.0274  0.0408 -0.0119 99  ILE A CB  
750 C CG1 . ILE A 94  ? 0.1962 0.1149 0.1068 0.0269  0.0433 -0.0168 99  ILE A CG1 
751 C CG2 . ILE A 94  ? 0.2168 0.1244 0.1211 0.0248  0.0423 -0.0089 99  ILE A CG2 
752 C CD1 . ILE A 94  ? 0.1986 0.1161 0.1087 0.0248  0.0472 -0.0159 99  ILE A CD1 
753 N N   . TYR A 95  ? 0.1671 0.0757 0.0680 0.0304  0.0364 -0.0059 100 TYR A N   
754 C CA  . TYR A 95  ? 0.1670 0.0711 0.0657 0.0298  0.0364 -0.0030 100 TYR A CA  
755 C C   . TYR A 95  ? 0.1893 0.0930 0.0869 0.0314  0.0354 -0.0032 100 TYR A C   
756 O O   . TYR A 95  ? 0.1860 0.0875 0.0835 0.0302  0.0358 -0.0022 100 TYR A O   
757 C CB  . TYR A 95  ? 0.1686 0.0701 0.0652 0.0304  0.0368 -0.0014 100 TYR A CB  
758 C CG  . TYR A 95  ? 0.1760 0.0758 0.0731 0.0280  0.0379 -0.0005 100 TYR A CG  
759 C CD1 . TYR A 95  ? 0.1835 0.0849 0.0816 0.0272  0.0384 -0.0013 100 TYR A CD1 
760 C CD2 . TYR A 95  ? 0.1962 0.0928 0.0926 0.0269  0.0386 0.0004  100 TYR A CD2 
761 C CE1 . TYR A 95  ? 0.1737 0.0733 0.0710 0.0260  0.0388 -0.0006 100 TYR A CE1 
762 C CE2 . TYR A 95  ? 0.1827 0.0789 0.0795 0.0254  0.0389 0.0002  100 TYR A CE2 
763 C CZ  . TYR A 95  ? 0.1671 0.0647 0.0640 0.0254  0.0387 -0.0002 100 TYR A CZ  
764 O OH  . TYR A 95  ? 0.1682 0.0650 0.0641 0.0250  0.0387 -0.0006 100 TYR A OH  
765 N N   . THR A 96  ? 0.1711 0.0769 0.0673 0.0347  0.0341 -0.0046 101 THR A N   
766 C CA  . THR A 96  ? 0.1741 0.0792 0.0678 0.0372  0.0329 -0.0047 101 THR A CA  
767 C C   . THR A 96  ? 0.2048 0.1120 0.1014 0.0358  0.0323 -0.0067 101 THR A C   
768 O O   . THR A 96  ? 0.1867 0.0914 0.0818 0.0358  0.0325 -0.0055 101 THR A O   
769 C CB  . THR A 96  ? 0.1941 0.1018 0.0853 0.0420  0.0309 -0.0068 101 THR A CB  
770 O OG1 . THR A 96  ? 0.2192 0.1235 0.1066 0.0438  0.0315 -0.0046 101 THR A OG1 
771 C CG2 . THR A 96  ? 0.1959 0.1017 0.0828 0.0455  0.0296 -0.0065 101 THR A CG2 
772 N N   . MET A 97  ? 0.1995 0.1105 0.1000 0.0346  0.0322 -0.0100 102 MET A N   
773 C CA  . MET A 97  ? 0.2038 0.1157 0.1069 0.0333  0.0321 -0.0123 102 MET A CA  
774 C C   . MET A 97  ? 0.2065 0.1138 0.1090 0.0304  0.0334 -0.0093 102 MET A C   
775 O O   . MET A 97  ? 0.2084 0.1149 0.1112 0.0303  0.0329 -0.0098 102 MET A O   
776 C CB  . MET A 97  ? 0.1995 0.1148 0.1068 0.0322  0.0328 -0.0169 102 MET A CB  
777 C CG  . MET A 97  ? 0.2030 0.1246 0.1124 0.0357  0.0308 -0.0220 102 MET A CG  
778 S SD  . MET A 97  ? 0.2425 0.1690 0.1591 0.0339  0.0326 -0.0296 102 MET A SD  
779 C CE  . MET A 97  ? 0.2060 0.1298 0.1221 0.0307  0.0367 -0.0263 102 MET A CE  
780 N N   . ILE A 98  ? 0.1966 0.1015 0.0983 0.0286  0.0349 -0.0067 103 ILE A N   
781 C CA  . ILE A 98  ? 0.1795 0.0809 0.0805 0.0268  0.0358 -0.0046 103 ILE A CA  
782 C C   . ILE A 98  ? 0.1866 0.0871 0.0867 0.0275  0.0355 -0.0032 103 ILE A C   
783 O O   . ILE A 98  ? 0.1926 0.0923 0.0930 0.0270  0.0355 -0.0033 103 ILE A O   
784 C CB  . ILE A 98  ? 0.1653 0.0648 0.0656 0.0255  0.0370 -0.0031 103 ILE A CB  
785 C CG1 . ILE A 98  ? 0.1674 0.0664 0.0678 0.0245  0.0385 -0.0043 103 ILE A CG1 
786 C CG2 . ILE A 98  ? 0.1654 0.0624 0.0646 0.0246  0.0372 -0.0018 103 ILE A CG2 
787 C CD1 . ILE A 98  ? 0.1683 0.0657 0.0673 0.0238  0.0398 -0.0028 103 ILE A CD1 
788 N N   . TYR A 99  ? 0.1834 0.0833 0.0819 0.0286  0.0358 -0.0021 104 TYR A N   
789 C CA  . TYR A 99  ? 0.1798 0.0773 0.0767 0.0289  0.0371 -0.0008 104 TYR A CA  
790 C C   . TYR A 99  ? 0.1920 0.0901 0.0883 0.0303  0.0365 -0.0016 104 TYR A C   
791 O O   . TYR A 99  ? 0.2128 0.1095 0.1090 0.0298  0.0379 -0.0012 104 TYR A O   
792 C CB  . TYR A 99  ? 0.1784 0.0731 0.0719 0.0305  0.0381 0.0007  104 TYR A CB  
793 C CG  . TYR A 99  ? 0.1771 0.0700 0.0709 0.0289  0.0395 0.0015  104 TYR A CG  
794 C CD1 . TYR A 99  ? 0.1824 0.0751 0.0784 0.0262  0.0408 0.0010  104 TYR A CD1 
795 C CD2 . TYR A 99  ? 0.1767 0.0681 0.0680 0.0305  0.0394 0.0022  104 TYR A CD2 
796 C CE1 . TYR A 99  ? 0.1866 0.0781 0.0830 0.0250  0.0418 0.0010  104 TYR A CE1 
797 C CE2 . TYR A 99  ? 0.1754 0.0650 0.0667 0.0292  0.0407 0.0026  104 TYR A CE2 
798 C CZ  . TYR A 99  ? 0.2057 0.0954 0.0996 0.0262  0.0418 0.0020  104 TYR A CZ  
799 O OH  . TYR A 99  ? 0.2063 0.0947 0.1001 0.0251  0.0430 0.0016  104 TYR A OH  
800 N N   . ARG A 100 ? 0.1845 0.0851 0.0807 0.0322  0.0345 -0.0034 105 ARG A N   
801 C CA  . ARG A 100 ? 0.2026 0.1040 0.0981 0.0339  0.0335 -0.0048 105 ARG A CA  
802 C C   . ARG A 100 ? 0.2232 0.1249 0.1214 0.0321  0.0335 -0.0057 105 ARG A C   
803 O O   . ARG A 100 ? 0.2573 0.1594 0.1551 0.0333  0.0330 -0.0067 105 ARG A O   
804 C CB  . ARG A 100 ? 0.2057 0.1105 0.1013 0.0365  0.0311 -0.0079 105 ARG A CB  
805 C CG  . ARG A 100 ? 0.2550 0.1595 0.1466 0.0399  0.0305 -0.0073 105 ARG A CG  
806 C CD  . ARG A 100 ? 0.2916 0.2011 0.1840 0.0430  0.0276 -0.0116 105 ARG A CD  
807 N NE  . ARG A 100 ? 0.3199 0.2284 0.2073 0.0474  0.0267 -0.0107 105 ARG A NE  
808 C CZ  . ARG A 100 ? 0.3370 0.2499 0.2256 0.0495  0.0249 -0.0138 105 ARG A CZ  
809 N NH1 . ARG A 100 ? 0.3532 0.2716 0.2488 0.0470  0.0245 -0.0182 105 ARG A NH1 
810 N NH2 . ARG A 100 ? 0.3117 0.2229 0.1945 0.0543  0.0238 -0.0126 105 ARG A NH2 
811 N N   . ASN A 101 ? 0.1934 0.0945 0.0934 0.0297  0.0340 -0.0054 106 ASN A N   
812 C CA  . ASN A 101 ? 0.2082 0.1087 0.1095 0.0288  0.0337 -0.0062 106 ASN A CA  
813 C C   . ASN A 101 ? 0.2035 0.1031 0.1053 0.0278  0.0348 -0.0051 106 ASN A C   
814 O O   . ASN A 101 ? 0.2260 0.1242 0.1278 0.0274  0.0343 -0.0054 106 ASN A O   
815 C CB  . ASN A 101 ? 0.2376 0.1368 0.1396 0.0278  0.0335 -0.0073 106 ASN A CB  
816 C CG  . ASN A 101 ? 0.2615 0.1627 0.1648 0.0288  0.0324 -0.0105 106 ASN A CG  
817 O OD1 . ASN A 101 ? 0.2852 0.1867 0.1893 0.0298  0.0312 -0.0124 106 ASN A OD1 
818 N ND2 . ASN A 101 ? 0.2572 0.1603 0.1613 0.0289  0.0325 -0.0115 106 ASN A ND2 
819 N N   . LEU A 102 ? 0.2017 0.1017 0.1037 0.0275  0.0363 -0.0043 107 LEU A N   
820 C CA  . LEU A 102 ? 0.1876 0.0881 0.0913 0.0266  0.0373 -0.0049 107 LEU A CA  
821 C C   . LEU A 102 ? 0.1811 0.0815 0.0854 0.0262  0.0399 -0.0051 107 LEU A C   
822 O O   . LEU A 102 ? 0.2102 0.1089 0.1120 0.0270  0.0410 -0.0038 107 LEU A O   
823 C CB  . LEU A 102 ? 0.1961 0.0960 0.0996 0.0255  0.0373 -0.0044 107 LEU A CB  
824 C CG  . LEU A 102 ? 0.2128 0.1114 0.1150 0.0250  0.0381 -0.0028 107 LEU A CG  
825 C CD1 . LEU A 102 ? 0.2150 0.1127 0.1174 0.0243  0.0406 -0.0027 107 LEU A CD1 
826 C CD2 . LEU A 102 ? 0.2152 0.1134 0.1167 0.0245  0.0375 -0.0025 107 LEU A CD2 
827 N N   . VAL A 103 ? 0.1856 0.0877 0.0929 0.0253  0.0412 -0.0071 108 VAL A N   
828 C CA  . VAL A 103 ? 0.2122 0.1135 0.1206 0.0240  0.0451 -0.0079 108 VAL A CA  
829 C C   . VAL A 103 ? 0.2369 0.1381 0.1470 0.0222  0.0464 -0.0089 108 VAL A C   
830 O O   . VAL A 103 ? 0.2315 0.1358 0.1443 0.0222  0.0445 -0.0113 108 VAL A O   
831 C CB  . VAL A 103 ? 0.2404 0.1452 0.1529 0.0242  0.0464 -0.0113 108 VAL A CB  
832 C CG1 . VAL A 103 ? 0.2557 0.1589 0.1694 0.0223  0.0518 -0.0121 108 VAL A CG1 
833 C CG2 . VAL A 103 ? 0.2566 0.1619 0.1677 0.0263  0.0445 -0.0108 108 VAL A CG2 
834 N N   . VAL A 104 ? 0.2490 0.1460 0.1568 0.0211  0.0495 -0.0072 109 VAL A N   
835 C CA  . VAL A 104 ? 0.2427 0.1391 0.1522 0.0191  0.0512 -0.0086 109 VAL A CA  
836 C C   . VAL A 104 ? 0.2889 0.1876 0.2041 0.0170  0.0548 -0.0130 109 VAL A C   
837 O O   . VAL A 104 ? 0.2964 0.1928 0.2117 0.0161  0.0590 -0.0131 109 VAL A O   
838 C CB  . VAL A 104 ? 0.2494 0.1393 0.1539 0.0188  0.0536 -0.0053 109 VAL A CB  
839 C CG1 . VAL A 104 ? 0.2690 0.1577 0.1755 0.0165  0.0558 -0.0073 109 VAL A CG1 
840 C CG2 . VAL A 104 ? 0.2341 0.1237 0.1349 0.0211  0.0497 -0.0024 109 VAL A CG2 
841 N N   . VAL A 105 ? 0.3372 0.2405 0.2571 0.0164  0.0533 -0.0173 110 VAL A N   
# 
loop_
_pdbx_poly_seq_scheme.asym_id 
_pdbx_poly_seq_scheme.entity_id 
_pdbx_poly_seq_scheme.seq_id 
_pdbx_poly_seq_scheme.mon_id 
_pdbx_poly_seq_scheme.ndb_seq_num 
_pdbx_poly_seq_scheme.pdb_seq_num 
_pdbx_poly_seq_scheme.auth_seq_num 
_pdbx_poly_seq_scheme.pdb_mon_id 
_pdbx_poly_seq_scheme.auth_mon_id 
_pdbx_poly_seq_scheme.pdb_strand_id 
_pdbx_poly_seq_scheme.pdb_ins_code 
_pdbx_poly_seq_scheme.hetero 
A 1 1   MET 1   6   6   MET MET A . n 
A 1 2   SER 2   7   7   SER SER A . n 
A 1 3   VAL 3   8   8   VAL VAL A . n 
A 1 4   PRO 4   9   9   PRO PRO A . n 
A 1 5   THR 5   10  10  THR THR A . n 
A 1 6   ASP 6   11  11  ASP ASP A . n 
A 1 7   GLY 7   12  12  GLY GLY A . n 
A 1 8   ALA 8   13  13  ALA ALA A . n 
A 1 9   VAL 9   14  14  VAL VAL A . n 
A 1 10  THR 10  15  15  THR THR A . n 
A 1 11  THR 11  16  16  THR THR A . n 
A 1 12  SER 12  17  17  SER SER A . n 
A 1 13  GLN 13  18  18  GLN GLN A . n 
A 1 14  ILE 14  19  19  ILE ILE A . n 
A 1 15  PRO 15  20  20  PRO PRO A . n 
A 1 16  ALA 16  21  21  ALA ALA A . n 
A 1 17  SER 17  22  22  SER SER A . n 
A 1 18  GLU 18  23  23  GLU GLU A . n 
A 1 19  GLN 19  24  24  GLN GLN A . n 
A 1 20  GLU 20  25  25  GLU GLU A . n 
A 1 21  THR 21  26  26  THR THR A . n 
A 1 22  LEU 22  27  27  LEU LEU A . n 
A 1 23  VAL 23  28  28  VAL VAL A . n 
A 1 24  ARG 24  29  29  ARG ARG A . n 
A 1 25  PRO 25  30  30  PRO PRO A . n 
A 1 26  LYS 26  31  31  LYS LYS A . n 
A 1 27  PRO 27  32  32  PRO PRO A . n 
A 1 28  LEU 28  33  33  LEU LEU A . n 
A 1 29  LEU 29  34  34  LEU LEU A . n 
A 1 30  LEU 30  35  35  LEU LEU A . n 
A 1 31  LYS 31  36  36  LYS LYS A . n 
A 1 32  LEU 32  37  37  LEU LEU A . n 
A 1 33  LEU 33  38  38  LEU LEU A . n 
A 1 34  LYS 34  39  39  LYS LYS A . n 
A 1 35  SER 35  40  40  SER SER A . n 
A 1 36  VAL 36  41  41  VAL VAL A . n 
A 1 37  GLY 37  42  42  GLY GLY A . n 
A 1 38  ALA 38  43  43  ALA ALA A . n 
A 1 39  GLN 39  44  44  GLN GLN A . n 
A 1 40  LYS 40  45  45  LYS LYS A . n 
A 1 41  ASP 41  46  46  ASP ASP A . n 
A 1 42  THR 42  47  47  THR THR A . n 
A 1 43  TYR 43  48  48  TYR TYR A . n 
A 1 44  THR 44  49  49  THR THR A . n 
A 1 45  MET 45  50  50  MET MET A . n 
A 1 46  LYS 46  51  51  LYS LYS A . n 
A 1 47  GLU 47  52  52  GLU GLU A . n 
A 1 48  VAL 48  53  53  VAL VAL A . n 
A 1 49  LEU 49  54  54  LEU LEU A . n 
A 1 50  PHE 50  55  55  PHE PHE A . n 
A 1 51  TYR 51  56  56  TYR TYR A . n 
A 1 52  LEU 52  57  57  LEU LEU A . n 
A 1 53  GLY 53  58  58  GLY GLY A . n 
A 1 54  GLN 54  59  59  GLN GLN A . n 
A 1 55  TYR 55  60  60  TYR TYR A . n 
A 1 56  ILE 56  61  61  ILE ILE A . n 
A 1 57  MET 57  62  62  MET MET A . n 
A 1 58  THR 58  63  63  THR THR A . n 
A 1 59  LYS 59  64  64  LYS LYS A . n 
A 1 60  ARG 60  65  65  ARG ARG A . n 
A 1 61  LEU 61  66  66  LEU LEU A . n 
A 1 62  TYR 62  67  67  TYR TYR A . n 
A 1 63  ASP 63  68  68  ASP ASP A . n 
A 1 64  GLU 64  69  69  GLU GLU A . n 
A 1 65  LYS 65  70  70  LYS LYS A . n 
A 1 66  GLN 66  71  71  GLN GLN A . n 
A 1 67  GLN 67  72  72  GLN GLN A . n 
A 1 68  HIS 68  73  73  HIS HIS A . n 
A 1 69  ILE 69  74  74  ILE ILE A . n 
A 1 70  VAL 70  75  75  VAL VAL A . n 
A 1 71  TYR 71  76  76  TYR TYR A . n 
A 1 72  CYS 72  77  77  CYS CYS A . n 
A 1 73  SER 73  78  78  SER SER A . n 
A 1 74  ASN 74  79  79  ASN ASN A . n 
A 1 75  ASP 75  80  80  ASP ASP A . n 
A 1 76  LEU 76  81  81  LEU LEU A . n 
A 1 77  LEU 77  82  82  LEU LEU A . n 
A 1 78  GLY 78  83  83  GLY GLY A . n 
A 1 79  ASP 79  84  84  ASP ASP A . n 
A 1 80  LEU 80  85  85  LEU LEU A . n 
A 1 81  PHE 81  86  86  PHE PHE A . n 
A 1 82  GLY 82  87  87  GLY GLY A . n 
A 1 83  VAL 83  88  88  VAL VAL A . n 
A 1 84  PRO 84  89  89  PRO PRO A . n 
A 1 85  SER 85  90  90  SER SER A . n 
A 1 86  PHE 86  91  91  PHE PHE A . n 
A 1 87  SER 87  92  92  SER SER A . n 
A 1 88  VAL 88  93  93  VAL VAL A . n 
A 1 89  LYS 89  94  94  LYS LYS A . n 
A 1 90  GLU 90  95  95  GLU GLU A . n 
A 1 91  HIS 91  96  96  HIS HIS A . n 
A 1 92  ARG 92  97  97  ARG ARG A . n 
A 1 93  LYS 93  98  98  LYS LYS A . n 
A 1 94  ILE 94  99  99  ILE ILE A . n 
A 1 95  TYR 95  100 100 TYR TYR A . n 
A 1 96  THR 96  101 101 THR THR A . n 
A 1 97  MET 97  102 102 MET MET A . n 
A 1 98  ILE 98  103 103 ILE ILE A . n 
A 1 99  TYR 99  104 104 TYR TYR A . n 
A 1 100 ARG 100 105 105 ARG ARG A . n 
A 1 101 ASN 101 106 106 ASN ASN A . n 
A 1 102 LEU 102 107 107 LEU LEU A . n 
A 1 103 VAL 103 108 108 VAL VAL A . n 
A 1 104 VAL 104 109 109 VAL VAL A . n 
A 1 105 VAL 105 110 110 VAL VAL A . n 
# 
loop_
_pdbx_nonpoly_scheme.asym_id 
_pdbx_nonpoly_scheme.entity_id 
_pdbx_nonpoly_scheme.mon_id 
_pdbx_nonpoly_scheme.ndb_seq_num 
_pdbx_nonpoly_scheme.pdb_seq_num 
_pdbx_nonpoly_scheme.auth_seq_num 
_pdbx_nonpoly_scheme.pdb_mon_id 
_pdbx_nonpoly_scheme.auth_mon_id 
_pdbx_nonpoly_scheme.pdb_strand_id 
_pdbx_nonpoly_scheme.pdb_ins_code 
B 2 2U0 1  201 1  2U0 UNL A . 
C 3 SO4 1  202 1  SO4 SO4 A . 
D 3 SO4 1  203 2  SO4 SO4 A . 
E 4 HOH 1  301 1  HOH HOH A . 
E 4 HOH 2  302 2  HOH HOH A . 
E 4 HOH 3  303 3  HOH HOH A . 
E 4 HOH 4  304 4  HOH HOH A . 
E 4 HOH 5  305 5  HOH HOH A . 
E 4 HOH 6  306 6  HOH HOH A . 
E 4 HOH 7  307 7  HOH HOH A . 
E 4 HOH 8  308 8  HOH HOH A . 
E 4 HOH 9  309 9  HOH HOH A . 
E 4 HOH 10 310 10 HOH HOH A . 
E 4 HOH 11 311 11 HOH HOH A . 
E 4 HOH 12 312 12 HOH HOH A . 
E 4 HOH 13 313 13 HOH HOH A . 
E 4 HOH 14 314 14 HOH HOH A . 
E 4 HOH 15 315 15 HOH HOH A . 
E 4 HOH 16 316 16 HOH HOH A . 
E 4 HOH 17 317 17 HOH HOH A . 
E 4 HOH 18 318 18 HOH HOH A . 
E 4 HOH 19 319 19 HOH HOH A . 
E 4 HOH 20 320 20 HOH HOH A . 
E 4 HOH 21 321 21 HOH HOH A . 
E 4 HOH 22 322 22 HOH HOH A . 
E 4 HOH 23 323 23 HOH HOH A . 
E 4 HOH 24 324 24 HOH HOH A . 
E 4 HOH 25 325 25 HOH HOH A . 
E 4 HOH 26 326 26 HOH HOH A . 
E 4 HOH 27 327 27 HOH HOH A . 
E 4 HOH 28 328 28 HOH HOH A . 
E 4 HOH 29 329 29 HOH HOH A . 
E 4 HOH 30 330 30 HOH HOH A . 
E 4 HOH 31 331 31 HOH HOH A . 
E 4 HOH 32 332 32 HOH HOH A . 
E 4 HOH 33 333 33 HOH HOH A . 
E 4 HOH 34 334 34 HOH HOH A . 
E 4 HOH 35 335 35 HOH HOH A . 
E 4 HOH 36 336 36 HOH HOH A . 
E 4 HOH 37 337 37 HOH HOH A . 
E 4 HOH 38 338 38 HOH HOH A . 
E 4 HOH 39 339 39 HOH HOH A . 
E 4 HOH 40 340 40 HOH HOH A . 
E 4 HOH 41 341 41 HOH HOH A . 
E 4 HOH 42 342 42 HOH HOH A . 
E 4 HOH 43 343 43 HOH HOH A . 
E 4 HOH 44 344 44 HOH HOH A . 
E 4 HOH 45 345 45 HOH HOH A . 
E 4 HOH 46 346 46 HOH HOH A . 
E 4 HOH 47 347 47 HOH HOH A . 
E 4 HOH 48 348 48 HOH HOH A . 
E 4 HOH 49 349 49 HOH HOH A . 
E 4 HOH 50 350 50 HOH HOH A . 
E 4 HOH 51 351 51 HOH HOH A . 
E 4 HOH 52 352 52 HOH HOH A . 
E 4 HOH 53 353 53 HOH HOH A . 
E 4 HOH 54 354 54 HOH HOH A . 
E 4 HOH 55 355 55 HOH HOH A . 
E 4 HOH 56 356 56 HOH HOH A . 
E 4 HOH 57 357 57 HOH HOH A . 
E 4 HOH 58 358 58 HOH HOH A . 
E 4 HOH 59 359 59 HOH HOH A . 
E 4 HOH 60 360 60 HOH HOH A . 
E 4 HOH 61 361 61 HOH HOH A . 
E 4 HOH 62 362 62 HOH HOH A . 
E 4 HOH 63 363 63 HOH HOH A . 
E 4 HOH 64 364 64 HOH HOH A . 
E 4 HOH 65 365 65 HOH HOH A . 
E 4 HOH 66 366 66 HOH HOH A . 
E 4 HOH 67 367 67 HOH HOH A . 
E 4 HOH 68 368 68 HOH HOH A . 
E 4 HOH 69 369 69 HOH HOH A . 
E 4 HOH 70 370 70 HOH HOH A . 
E 4 HOH 71 371 71 HOH HOH A . 
E 4 HOH 72 372 72 HOH HOH A . 
E 4 HOH 73 373 73 HOH HOH A . 
E 4 HOH 74 374 74 HOH HOH A . 
E 4 HOH 75 375 75 HOH HOH A . 
E 4 HOH 76 376 76 HOH HOH A . 
E 4 HOH 77 377 77 HOH HOH A . 
E 4 HOH 78 378 78 HOH HOH A . 
E 4 HOH 79 379 79 HOH HOH A . 
E 4 HOH 80 380 80 HOH HOH A . 
E 4 HOH 81 381 81 HOH HOH A . 
E 4 HOH 82 382 82 HOH HOH A . 
E 4 HOH 83 383 83 HOH HOH A . 
E 4 HOH 84 384 84 HOH HOH A . 
# 
_pdbx_struct_assembly.id                   1 
_pdbx_struct_assembly.details              author_and_software_defined_assembly 
_pdbx_struct_assembly.method_details       PISA 
_pdbx_struct_assembly.oligomeric_details   monomeric 
_pdbx_struct_assembly.oligomeric_count     1 
# 
_pdbx_struct_assembly_gen.assembly_id       1 
_pdbx_struct_assembly_gen.oper_expression   1 
_pdbx_struct_assembly_gen.asym_id_list      A,B,C,D,E 
# 
_pdbx_struct_oper_list.id                   1 
_pdbx_struct_oper_list.type                 'identity operation' 
_pdbx_struct_oper_list.name                 1_555 
_pdbx_struct_oper_list.symmetry_operation   x,y,z 
_pdbx_struct_oper_list.matrix[1][1]         1.0000000000 
_pdbx_struct_oper_list.matrix[1][2]         0.0000000000 
_pdbx_struct_oper_list.matrix[1][3]         0.0000000000 
_pdbx_struct_oper_list.vector[1]            0.0000000000 
_pdbx_struct_oper_list.matrix[2][1]         0.0000000000 
_pdbx_struct_oper_list.matrix[2][2]         1.0000000000 
_pdbx_struct_oper_list.matrix[2][3]         0.0000000000 
_pdbx_struct_oper_list.vector[2]            0.0000000000 
_pdbx_struct_oper_list.matrix[3][1]         0.0000000000 
_pdbx_struct_oper_list.matrix[3][2]         0.0000000000 
_pdbx_struct_oper_list.matrix[3][3]         1.0000000000 
_pdbx_struct_oper_list.vector[3]            0.0000000000 
# 
_pdbx_struct_special_symmetry.id              1 
_pdbx_struct_special_symmetry.PDB_model_num   1 
_pdbx_struct_special_symmetry.auth_asym_id    A 
_pdbx_struct_special_symmetry.auth_comp_id    HOH 
_pdbx_struct_special_symmetry.auth_seq_id     376 
_pdbx_struct_special_symmetry.PDB_ins_code    ? 
_pdbx_struct_special_symmetry.label_asym_id   E 
_pdbx_struct_special_symmetry.label_comp_id   HOH 
_pdbx_struct_special_symmetry.label_seq_id    . 
# 
loop_
_pdbx_audit_revision_history.ordinal 
_pdbx_audit_revision_history.data_content_type 
_pdbx_audit_revision_history.major_revision 
_pdbx_audit_revision_history.minor_revision 
_pdbx_audit_revision_history.revision_date 
1 'Structure model' 1 0 2014-04-02 
2 'Structure model' 1 1 2014-06-18 
3 'Structure model' 1 2 2017-11-22 
4 'Structure model' 1 3 2023-09-20 
# 
_pdbx_audit_revision_details.ordinal             1 
_pdbx_audit_revision_details.revision_ordinal    1 
_pdbx_audit_revision_details.data_content_type   'Structure model' 
_pdbx_audit_revision_details.provider            repository 
_pdbx_audit_revision_details.type                'Initial release' 
_pdbx_audit_revision_details.description         ? 
_pdbx_audit_revision_details.details             ? 
# 
loop_
_pdbx_audit_revision_group.ordinal 
_pdbx_audit_revision_group.revision_ordinal 
_pdbx_audit_revision_group.data_content_type 
_pdbx_audit_revision_group.group 
1 2 'Structure model' 'Database references'    
2 3 'Structure model' 'Refinement description' 
3 4 'Structure model' 'Data collection'        
4 4 'Structure model' 'Database references'    
5 4 'Structure model' 'Derived calculations'   
6 4 'Structure model' 'Refinement description' 
# 
loop_
_pdbx_audit_revision_category.ordinal 
_pdbx_audit_revision_category.revision_ordinal 
_pdbx_audit_revision_category.data_content_type 
_pdbx_audit_revision_category.category 
1 3 'Structure model' software                      
2 4 'Structure model' chem_comp_atom                
3 4 'Structure model' chem_comp_bond                
4 4 'Structure model' database_2                    
5 4 'Structure model' pdbx_initial_refinement_model 
6 4 'Structure model' struct_site                   
# 
loop_
_pdbx_audit_revision_item.ordinal 
_pdbx_audit_revision_item.revision_ordinal 
_pdbx_audit_revision_item.data_content_type 
_pdbx_audit_revision_item.item 
1 4 'Structure model' '_database_2.pdbx_DOI'                
2 4 'Structure model' '_database_2.pdbx_database_accession' 
3 4 'Structure model' '_struct_site.pdbx_auth_asym_id'      
4 4 'Structure model' '_struct_site.pdbx_auth_comp_id'      
5 4 'Structure model' '_struct_site.pdbx_auth_seq_id'       
# 
_pdbx_refine_tls.pdbx_refine_id   'X-RAY DIFFRACTION' 
_pdbx_refine_tls.id               1 
_pdbx_refine_tls.details          ? 
_pdbx_refine_tls.method           refined 
_pdbx_refine_tls.origin_x         0.2253 
_pdbx_refine_tls.origin_y         -0.0079 
_pdbx_refine_tls.origin_z         0.0611 
_pdbx_refine_tls.T[1][1]          0.1923 
_pdbx_refine_tls.T[2][2]          0.0625 
_pdbx_refine_tls.T[3][3]          0.0654 
_pdbx_refine_tls.T[1][2]          0.0265 
_pdbx_refine_tls.T[1][3]          0.0555 
_pdbx_refine_tls.T[2][3]          -0.0068 
_pdbx_refine_tls.L[1][1]          0.5904 
_pdbx_refine_tls.L[2][2]          0.8995 
_pdbx_refine_tls.L[3][3]          0.9180 
_pdbx_refine_tls.L[1][2]          -0.4954 
_pdbx_refine_tls.L[1][3]          -0.2524 
_pdbx_refine_tls.L[2][3]          0.5800 
_pdbx_refine_tls.S[1][1]          -0.0008 
_pdbx_refine_tls.S[2][2]          -0.0333 
_pdbx_refine_tls.S[3][3]          -0.0627 
_pdbx_refine_tls.S[1][2]          -0.0067 
_pdbx_refine_tls.S[1][3]          0.0782 
_pdbx_refine_tls.S[2][3]          -0.1261 
_pdbx_refine_tls.S[2][1]          -0.1165 
_pdbx_refine_tls.S[3][1]          -0.0991 
_pdbx_refine_tls.S[3][2]          0.0324 
# 
_pdbx_refine_tls_group.pdbx_refine_id      'X-RAY DIFFRACTION' 
_pdbx_refine_tls_group.id                  1 
_pdbx_refine_tls_group.refine_tls_id       1 
_pdbx_refine_tls_group.beg_auth_asym_id    A 
_pdbx_refine_tls_group.beg_auth_seq_id     0 
_pdbx_refine_tls_group.end_auth_asym_id    A 
_pdbx_refine_tls_group.end_auth_seq_id     0 
_pdbx_refine_tls_group.selection_details   
;chain 'A' and (resid 6 through 110)
;
_pdbx_refine_tls_group.beg_label_asym_id   ? 
_pdbx_refine_tls_group.beg_label_seq_id    ? 
_pdbx_refine_tls_group.end_label_asym_id   ? 
_pdbx_refine_tls_group.end_label_seq_id    ? 
_pdbx_refine_tls_group.selection           ? 
# 
loop_
_software.pdbx_ordinal 
_software.name 
_software.version 
_software.date 
_software.type 
_software.contact_author 
_software.contact_author_email 
_software.classification 
_software.location 
_software.language 
_software.citation_id 
1 DENZO       .    ?               package 'Zbyszek Otwinowski' hkl@hkl-xray.com         'data reduction'  
http://www.hkl-xray.com/                     ?          ? 
2 SCALEPACK   .    ?               package 'Zbyszek Otwinowski' hkl@hkl-xray.com         'data scaling'    
http://www.hkl-xray.com/                     ?          ? 
3 REFMAC      .    ?               program 'Garib N. Murshudov' garib@ysbl.york.ac.uk    refinement        
http://www.ccp4.ac.uk/dist/html/refmac5.html Fortran_77 ? 
4 PDB_EXTRACT 3.14 'Dec. 10, 2013' package PDB                  deposit@deposit.rcsb.org 'data extraction' 
http://sw-tools.pdb.org/apps/PDB_EXTRACT/    C++        ? 
5 HKL-2000    .    ?               ?       ?                    ?                        'data reduction'  ? ?          ? 
6 HKL-2000    .    ?               ?       ?                    ?                        'data scaling'    ? ?          ? 
7 PHASER      .    ?               ?       ?                    ?                        phasing           ? ?          ? 
8 PHENIX      .    ?               ?       ?                    ?                        refinement        ? ?          ? 
# 
loop_
_pdbx_unobs_or_zero_occ_atoms.id 
_pdbx_unobs_or_zero_occ_atoms.PDB_model_num 
_pdbx_unobs_or_zero_occ_atoms.polymer_flag 
_pdbx_unobs_or_zero_occ_atoms.occupancy_flag 
_pdbx_unobs_or_zero_occ_atoms.auth_asym_id 
_pdbx_unobs_or_zero_occ_atoms.auth_comp_id 
_pdbx_unobs_or_zero_occ_atoms.auth_seq_id 
_pdbx_unobs_or_zero_occ_atoms.PDB_ins_code 
_pdbx_unobs_or_zero_occ_atoms.auth_atom_id 
_pdbx_unobs_or_zero_occ_atoms.label_alt_id 
_pdbx_unobs_or_zero_occ_atoms.label_asym_id 
_pdbx_unobs_or_zero_occ_atoms.label_comp_id 
_pdbx_unobs_or_zero_occ_atoms.label_seq_id 
_pdbx_unobs_or_zero_occ_atoms.label_atom_id 
1  1 Y 1 A LYS 36 ? CE  ? A LYS 31 CE  
2  1 Y 1 A LYS 36 ? NZ  ? A LYS 31 NZ  
3  1 Y 1 A GLN 44 ? CG  ? A GLN 39 CG  
4  1 Y 1 A GLN 44 ? CD  ? A GLN 39 CD  
5  1 Y 1 A GLN 44 ? OE1 ? A GLN 39 OE1 
6  1 Y 1 A GLN 44 ? NE2 ? A GLN 39 NE2 
7  1 Y 1 A GLN 71 ? CG  ? A GLN 66 CG  
8  1 Y 1 A GLN 71 ? CD  ? A GLN 66 CD  
9  1 Y 1 A GLN 71 ? OE1 ? A GLN 66 OE1 
10 1 Y 1 A GLN 71 ? NE2 ? A GLN 66 NE2 
11 1 Y 1 A TYR 76 ? CG  ? A TYR 71 CG  
12 1 Y 1 A TYR 76 ? CD1 ? A TYR 71 CD1 
13 1 Y 1 A TYR 76 ? CD2 ? A TYR 71 CD2 
14 1 Y 1 A TYR 76 ? CE1 ? A TYR 71 CE1 
15 1 Y 1 A TYR 76 ? CE2 ? A TYR 71 CE2 
16 1 Y 1 A TYR 76 ? CZ  ? A TYR 71 CZ  
17 1 Y 1 A TYR 76 ? OH  ? A TYR 71 OH  
# 
loop_
_chem_comp_atom.comp_id 
_chem_comp_atom.atom_id 
_chem_comp_atom.type_symbol 
_chem_comp_atom.pdbx_aromatic_flag 
_chem_comp_atom.pdbx_stereo_config 
_chem_comp_atom.pdbx_ordinal 
2U0 C10  C  Y N 1   
2U0 C9   C  Y N 2   
2U0 CL1  CL N N 3   
2U0 C8   C  Y N 4   
2U0 C7   C  Y N 5   
2U0 C6   C  Y N 6   
2U0 C4   C  Y N 7   
2U0 C3   C  N R 8   
2U0 C5   C  N N 9   
2U0 C2   C  N S 10  
2U0 C1   C  Y N 11  
2U0 C25  C  Y N 12  
2U0 C24  C  Y N 13  
2U0 F1   F  N N 14  
2U0 C23  C  Y N 15  
2U0 CL2  CL N N 16  
2U0 C22  C  Y N 17  
2U0 C21  C  Y N 18  
2U0 N1   N  N N 19  
2U0 C11  C  N S 20  
2U0 C12  C  N N 21  
2U0 C27  C  N N 22  
2U0 C28  C  N N 23  
2U0 C13  C  N N 24  
2U0 S1   S  N N 25  
2U0 O2   O  N N 26  
2U0 O3   O  N N 27  
2U0 C14  C  N N 28  
2U0 C16  C  N N 29  
2U0 C29  C  N N 30  
2U0 C15  C  N N 31  
2U0 C17  C  N N 32  
2U0 O1   O  N N 33  
2U0 C18  C  N R 34  
2U0 C26  C  N N 35  
2U0 C19  C  N N 36  
2U0 C20  C  Y N 37  
2U0 S2   S  Y N 38  
2U0 N2   N  Y N 39  
2U0 C30  C  Y N 40  
2U0 C31  C  Y N 41  
2U0 C32  C  N N 42  
2U0 C33  C  N N 43  
2U0 O5   O  N N 44  
2U0 O4   O  N N 45  
2U0 H1   H  N N 46  
2U0 H2   H  N N 47  
2U0 H3   H  N N 48  
2U0 H4   H  N N 49  
2U0 H5   H  N N 50  
2U0 H6   H  N N 51  
2U0 H7   H  N N 52  
2U0 H8   H  N N 53  
2U0 H9   H  N N 54  
2U0 H10  H  N N 55  
2U0 H11  H  N N 56  
2U0 H12  H  N N 57  
2U0 H13  H  N N 58  
2U0 H14  H  N N 59  
2U0 H15  H  N N 60  
2U0 H16  H  N N 61  
2U0 H17  H  N N 62  
2U0 H18  H  N N 63  
2U0 H19  H  N N 64  
2U0 H20  H  N N 65  
2U0 H21  H  N N 66  
2U0 H22  H  N N 67  
2U0 H23  H  N N 68  
2U0 H24  H  N N 69  
2U0 H25  H  N N 70  
2U0 H26  H  N N 71  
2U0 H27  H  N N 72  
2U0 H28  H  N N 73  
2U0 H29  H  N N 74  
2U0 H30  H  N N 75  
2U0 H31  H  N N 76  
2U0 H32  H  N N 77  
2U0 H33  H  N N 78  
2U0 H34  H  N N 79  
2U0 H35  H  N N 80  
2U0 H36  H  N N 81  
2U0 H37  H  N N 82  
ALA N    N  N N 83  
ALA CA   C  N S 84  
ALA C    C  N N 85  
ALA O    O  N N 86  
ALA CB   C  N N 87  
ALA OXT  O  N N 88  
ALA H    H  N N 89  
ALA H2   H  N N 90  
ALA HA   H  N N 91  
ALA HB1  H  N N 92  
ALA HB2  H  N N 93  
ALA HB3  H  N N 94  
ALA HXT  H  N N 95  
ARG N    N  N N 96  
ARG CA   C  N S 97  
ARG C    C  N N 98  
ARG O    O  N N 99  
ARG CB   C  N N 100 
ARG CG   C  N N 101 
ARG CD   C  N N 102 
ARG NE   N  N N 103 
ARG CZ   C  N N 104 
ARG NH1  N  N N 105 
ARG NH2  N  N N 106 
ARG OXT  O  N N 107 
ARG H    H  N N 108 
ARG H2   H  N N 109 
ARG HA   H  N N 110 
ARG HB2  H  N N 111 
ARG HB3  H  N N 112 
ARG HG2  H  N N 113 
ARG HG3  H  N N 114 
ARG HD2  H  N N 115 
ARG HD3  H  N N 116 
ARG HE   H  N N 117 
ARG HH11 H  N N 118 
ARG HH12 H  N N 119 
ARG HH21 H  N N 120 
ARG HH22 H  N N 121 
ARG HXT  H  N N 122 
ASN N    N  N N 123 
ASN CA   C  N S 124 
ASN C    C  N N 125 
ASN O    O  N N 126 
ASN CB   C  N N 127 
ASN CG   C  N N 128 
ASN OD1  O  N N 129 
ASN ND2  N  N N 130 
ASN OXT  O  N N 131 
ASN H    H  N N 132 
ASN H2   H  N N 133 
ASN HA   H  N N 134 
ASN HB2  H  N N 135 
ASN HB3  H  N N 136 
ASN HD21 H  N N 137 
ASN HD22 H  N N 138 
ASN HXT  H  N N 139 
ASP N    N  N N 140 
ASP CA   C  N S 141 
ASP C    C  N N 142 
ASP O    O  N N 143 
ASP CB   C  N N 144 
ASP CG   C  N N 145 
ASP OD1  O  N N 146 
ASP OD2  O  N N 147 
ASP OXT  O  N N 148 
ASP H    H  N N 149 
ASP H2   H  N N 150 
ASP HA   H  N N 151 
ASP HB2  H  N N 152 
ASP HB3  H  N N 153 
ASP HD2  H  N N 154 
ASP HXT  H  N N 155 
CYS N    N  N N 156 
CYS CA   C  N R 157 
CYS C    C  N N 158 
CYS O    O  N N 159 
CYS CB   C  N N 160 
CYS SG   S  N N 161 
CYS OXT  O  N N 162 
CYS H    H  N N 163 
CYS H2   H  N N 164 
CYS HA   H  N N 165 
CYS HB2  H  N N 166 
CYS HB3  H  N N 167 
CYS HG   H  N N 168 
CYS HXT  H  N N 169 
GLN N    N  N N 170 
GLN CA   C  N S 171 
GLN C    C  N N 172 
GLN O    O  N N 173 
GLN CB   C  N N 174 
GLN CG   C  N N 175 
GLN CD   C  N N 176 
GLN OE1  O  N N 177 
GLN NE2  N  N N 178 
GLN OXT  O  N N 179 
GLN H    H  N N 180 
GLN H2   H  N N 181 
GLN HA   H  N N 182 
GLN HB2  H  N N 183 
GLN HB3  H  N N 184 
GLN HG2  H  N N 185 
GLN HG3  H  N N 186 
GLN HE21 H  N N 187 
GLN HE22 H  N N 188 
GLN HXT  H  N N 189 
GLU N    N  N N 190 
GLU CA   C  N S 191 
GLU C    C  N N 192 
GLU O    O  N N 193 
GLU CB   C  N N 194 
GLU CG   C  N N 195 
GLU CD   C  N N 196 
GLU OE1  O  N N 197 
GLU OE2  O  N N 198 
GLU OXT  O  N N 199 
GLU H    H  N N 200 
GLU H2   H  N N 201 
GLU HA   H  N N 202 
GLU HB2  H  N N 203 
GLU HB3  H  N N 204 
GLU HG2  H  N N 205 
GLU HG3  H  N N 206 
GLU HE2  H  N N 207 
GLU HXT  H  N N 208 
GLY N    N  N N 209 
GLY CA   C  N N 210 
GLY C    C  N N 211 
GLY O    O  N N 212 
GLY OXT  O  N N 213 
GLY H    H  N N 214 
GLY H2   H  N N 215 
GLY HA2  H  N N 216 
GLY HA3  H  N N 217 
GLY HXT  H  N N 218 
HIS N    N  N N 219 
HIS CA   C  N S 220 
HIS C    C  N N 221 
HIS O    O  N N 222 
HIS CB   C  N N 223 
HIS CG   C  Y N 224 
HIS ND1  N  Y N 225 
HIS CD2  C  Y N 226 
HIS CE1  C  Y N 227 
HIS NE2  N  Y N 228 
HIS OXT  O  N N 229 
HIS H    H  N N 230 
HIS H2   H  N N 231 
HIS HA   H  N N 232 
HIS HB2  H  N N 233 
HIS HB3  H  N N 234 
HIS HD1  H  N N 235 
HIS HD2  H  N N 236 
HIS HE1  H  N N 237 
HIS HE2  H  N N 238 
HIS HXT  H  N N 239 
HOH O    O  N N 240 
HOH H1   H  N N 241 
HOH H2   H  N N 242 
ILE N    N  N N 243 
ILE CA   C  N S 244 
ILE C    C  N N 245 
ILE O    O  N N 246 
ILE CB   C  N S 247 
ILE CG1  C  N N 248 
ILE CG2  C  N N 249 
ILE CD1  C  N N 250 
ILE OXT  O  N N 251 
ILE H    H  N N 252 
ILE H2   H  N N 253 
ILE HA   H  N N 254 
ILE HB   H  N N 255 
ILE HG12 H  N N 256 
ILE HG13 H  N N 257 
ILE HG21 H  N N 258 
ILE HG22 H  N N 259 
ILE HG23 H  N N 260 
ILE HD11 H  N N 261 
ILE HD12 H  N N 262 
ILE HD13 H  N N 263 
ILE HXT  H  N N 264 
LEU N    N  N N 265 
LEU CA   C  N S 266 
LEU C    C  N N 267 
LEU O    O  N N 268 
LEU CB   C  N N 269 
LEU CG   C  N N 270 
LEU CD1  C  N N 271 
LEU CD2  C  N N 272 
LEU OXT  O  N N 273 
LEU H    H  N N 274 
LEU H2   H  N N 275 
LEU HA   H  N N 276 
LEU HB2  H  N N 277 
LEU HB3  H  N N 278 
LEU HG   H  N N 279 
LEU HD11 H  N N 280 
LEU HD12 H  N N 281 
LEU HD13 H  N N 282 
LEU HD21 H  N N 283 
LEU HD22 H  N N 284 
LEU HD23 H  N N 285 
LEU HXT  H  N N 286 
LYS N    N  N N 287 
LYS CA   C  N S 288 
LYS C    C  N N 289 
LYS O    O  N N 290 
LYS CB   C  N N 291 
LYS CG   C  N N 292 
LYS CD   C  N N 293 
LYS CE   C  N N 294 
LYS NZ   N  N N 295 
LYS OXT  O  N N 296 
LYS H    H  N N 297 
LYS H2   H  N N 298 
LYS HA   H  N N 299 
LYS HB2  H  N N 300 
LYS HB3  H  N N 301 
LYS HG2  H  N N 302 
LYS HG3  H  N N 303 
LYS HD2  H  N N 304 
LYS HD3  H  N N 305 
LYS HE2  H  N N 306 
LYS HE3  H  N N 307 
LYS HZ1  H  N N 308 
LYS HZ2  H  N N 309 
LYS HZ3  H  N N 310 
LYS HXT  H  N N 311 
MET N    N  N N 312 
MET CA   C  N S 313 
MET C    C  N N 314 
MET O    O  N N 315 
MET CB   C  N N 316 
MET CG   C  N N 317 
MET SD   S  N N 318 
MET CE   C  N N 319 
MET OXT  O  N N 320 
MET H    H  N N 321 
MET H2   H  N N 322 
MET HA   H  N N 323 
MET HB2  H  N N 324 
MET HB3  H  N N 325 
MET HG2  H  N N 326 
MET HG3  H  N N 327 
MET HE1  H  N N 328 
MET HE2  H  N N 329 
MET HE3  H  N N 330 
MET HXT  H  N N 331 
PHE N    N  N N 332 
PHE CA   C  N S 333 
PHE C    C  N N 334 
PHE O    O  N N 335 
PHE CB   C  N N 336 
PHE CG   C  Y N 337 
PHE CD1  C  Y N 338 
PHE CD2  C  Y N 339 
PHE CE1  C  Y N 340 
PHE CE2  C  Y N 341 
PHE CZ   C  Y N 342 
PHE OXT  O  N N 343 
PHE H    H  N N 344 
PHE H2   H  N N 345 
PHE HA   H  N N 346 
PHE HB2  H  N N 347 
PHE HB3  H  N N 348 
PHE HD1  H  N N 349 
PHE HD2  H  N N 350 
PHE HE1  H  N N 351 
PHE HE2  H  N N 352 
PHE HZ   H  N N 353 
PHE HXT  H  N N 354 
PRO N    N  N N 355 
PRO CA   C  N S 356 
PRO C    C  N N 357 
PRO O    O  N N 358 
PRO CB   C  N N 359 
PRO CG   C  N N 360 
PRO CD   C  N N 361 
PRO OXT  O  N N 362 
PRO H    H  N N 363 
PRO HA   H  N N 364 
PRO HB2  H  N N 365 
PRO HB3  H  N N 366 
PRO HG2  H  N N 367 
PRO HG3  H  N N 368 
PRO HD2  H  N N 369 
PRO HD3  H  N N 370 
PRO HXT  H  N N 371 
SER N    N  N N 372 
SER CA   C  N S 373 
SER C    C  N N 374 
SER O    O  N N 375 
SER CB   C  N N 376 
SER OG   O  N N 377 
SER OXT  O  N N 378 
SER H    H  N N 379 
SER H2   H  N N 380 
SER HA   H  N N 381 
SER HB2  H  N N 382 
SER HB3  H  N N 383 
SER HG   H  N N 384 
SER HXT  H  N N 385 
SO4 S    S  N N 386 
SO4 O1   O  N N 387 
SO4 O2   O  N N 388 
SO4 O3   O  N N 389 
SO4 O4   O  N N 390 
THR N    N  N N 391 
THR CA   C  N S 392 
THR C    C  N N 393 
THR O    O  N N 394 
THR CB   C  N R 395 
THR OG1  O  N N 396 
THR CG2  C  N N 397 
THR OXT  O  N N 398 
THR H    H  N N 399 
THR H2   H  N N 400 
THR HA   H  N N 401 
THR HB   H  N N 402 
THR HG1  H  N N 403 
THR HG21 H  N N 404 
THR HG22 H  N N 405 
THR HG23 H  N N 406 
THR HXT  H  N N 407 
TYR N    N  N N 408 
TYR CA   C  N S 409 
TYR C    C  N N 410 
TYR O    O  N N 411 
TYR CB   C  N N 412 
TYR CG   C  Y N 413 
TYR CD1  C  Y N 414 
TYR CD2  C  Y N 415 
TYR CE1  C  Y N 416 
TYR CE2  C  Y N 417 
TYR CZ   C  Y N 418 
TYR OH   O  N N 419 
TYR OXT  O  N N 420 
TYR H    H  N N 421 
TYR H2   H  N N 422 
TYR HA   H  N N 423 
TYR HB2  H  N N 424 
TYR HB3  H  N N 425 
TYR HD1  H  N N 426 
TYR HD2  H  N N 427 
TYR HE1  H  N N 428 
TYR HE2  H  N N 429 
TYR HH   H  N N 430 
TYR HXT  H  N N 431 
VAL N    N  N N 432 
VAL CA   C  N S 433 
VAL C    C  N N 434 
VAL O    O  N N 435 
VAL CB   C  N N 436 
VAL CG1  C  N N 437 
VAL CG2  C  N N 438 
VAL OXT  O  N N 439 
VAL H    H  N N 440 
VAL H2   H  N N 441 
VAL HA   H  N N 442 
VAL HB   H  N N 443 
VAL HG11 H  N N 444 
VAL HG12 H  N N 445 
VAL HG13 H  N N 446 
VAL HG21 H  N N 447 
VAL HG22 H  N N 448 
VAL HG23 H  N N 449 
VAL HXT  H  N N 450 
# 
loop_
_chem_comp_bond.comp_id 
_chem_comp_bond.atom_id_1 
_chem_comp_bond.atom_id_2 
_chem_comp_bond.value_order 
_chem_comp_bond.pdbx_aromatic_flag 
_chem_comp_bond.pdbx_stereo_config 
_chem_comp_bond.pdbx_ordinal 
2U0 F1  C24  sing N N 1   
2U0 C28 C27  sing N N 2   
2U0 C28 C12  sing N N 3   
2U0 CL2 C23  sing N N 4   
2U0 C27 C12  sing N N 5   
2U0 C24 C23  doub Y N 6   
2U0 C24 C25  sing Y N 7   
2U0 C12 C11  sing N N 8   
2U0 C23 C22  sing Y N 9   
2U0 C25 C1   doub Y N 10  
2U0 C22 C21  doub Y N 11  
2U0 C11 N1   sing N N 12  
2U0 C11 C13  sing N N 13  
2U0 C1  C21  sing Y N 14  
2U0 C1  C2   sing N N 15  
2U0 O1  C17  doub N N 16  
2U0 N1  C17  sing N N 17  
2U0 N1  C2   sing N N 18  
2U0 C13 S1   sing N N 19  
2U0 C19 C20  sing N N 20  
2U0 C19 C18  sing N N 21  
2U0 C17 C18  sing N N 22  
2U0 C2  C3   sing N N 23  
2U0 C20 S2   sing Y N 24  
2U0 C20 N2   doub Y N 25  
2U0 C3  C4   sing N N 26  
2U0 C3  C5   sing N N 27  
2U0 C18 C5   sing N N 28  
2U0 C18 C26  sing N N 29  
2U0 S2  C31  sing Y N 30  
2U0 C10 C4   doub Y N 31  
2U0 C10 C9   sing Y N 32  
2U0 CL1 C9   sing N N 33  
2U0 N2  C30  sing Y N 34  
2U0 C15 C14  sing N N 35  
2U0 O3  S1   doub N N 36  
2U0 S1  C14  sing N N 37  
2U0 S1  O2   doub N N 38  
2U0 C4  C6   sing Y N 39  
2U0 C31 C30  doub Y N 40  
2U0 C31 C32  sing N N 41  
2U0 C9  C8   doub Y N 42  
2U0 O5  C33  doub N N 43  
2U0 C14 C16  sing N N 44  
2U0 C14 C29  sing N N 45  
2U0 C32 C33  sing N N 46  
2U0 C33 O4   sing N N 47  
2U0 C6  C7   doub Y N 48  
2U0 C8  C7   sing Y N 49  
2U0 C10 H1   sing N N 50  
2U0 C8  H2   sing N N 51  
2U0 C7  H3   sing N N 52  
2U0 C6  H4   sing N N 53  
2U0 C3  H5   sing N N 54  
2U0 C5  H6   sing N N 55  
2U0 C5  H7   sing N N 56  
2U0 C2  H8   sing N N 57  
2U0 C25 H9   sing N N 58  
2U0 C22 H10  sing N N 59  
2U0 C21 H11  sing N N 60  
2U0 C11 H12  sing N N 61  
2U0 C12 H13  sing N N 62  
2U0 C27 H14  sing N N 63  
2U0 C27 H15  sing N N 64  
2U0 C28 H16  sing N N 65  
2U0 C28 H17  sing N N 66  
2U0 C13 H18  sing N N 67  
2U0 C13 H19  sing N N 68  
2U0 C16 H20  sing N N 69  
2U0 C16 H21  sing N N 70  
2U0 C16 H22  sing N N 71  
2U0 C29 H23  sing N N 72  
2U0 C29 H24  sing N N 73  
2U0 C29 H25  sing N N 74  
2U0 C15 H26  sing N N 75  
2U0 C15 H27  sing N N 76  
2U0 C15 H28  sing N N 77  
2U0 C26 H29  sing N N 78  
2U0 C26 H30  sing N N 79  
2U0 C26 H31  sing N N 80  
2U0 C19 H32  sing N N 81  
2U0 C19 H33  sing N N 82  
2U0 C30 H34  sing N N 83  
2U0 C32 H35  sing N N 84  
2U0 C32 H36  sing N N 85  
2U0 O4  H37  sing N N 86  
ALA N   CA   sing N N 87  
ALA N   H    sing N N 88  
ALA N   H2   sing N N 89  
ALA CA  C    sing N N 90  
ALA CA  CB   sing N N 91  
ALA CA  HA   sing N N 92  
ALA C   O    doub N N 93  
ALA C   OXT  sing N N 94  
ALA CB  HB1  sing N N 95  
ALA CB  HB2  sing N N 96  
ALA CB  HB3  sing N N 97  
ALA OXT HXT  sing N N 98  
ARG N   CA   sing N N 99  
ARG N   H    sing N N 100 
ARG N   H2   sing N N 101 
ARG CA  C    sing N N 102 
ARG CA  CB   sing N N 103 
ARG CA  HA   sing N N 104 
ARG C   O    doub N N 105 
ARG C   OXT  sing N N 106 
ARG CB  CG   sing N N 107 
ARG CB  HB2  sing N N 108 
ARG CB  HB3  sing N N 109 
ARG CG  CD   sing N N 110 
ARG CG  HG2  sing N N 111 
ARG CG  HG3  sing N N 112 
ARG CD  NE   sing N N 113 
ARG CD  HD2  sing N N 114 
ARG CD  HD3  sing N N 115 
ARG NE  CZ   sing N N 116 
ARG NE  HE   sing N N 117 
ARG CZ  NH1  sing N N 118 
ARG CZ  NH2  doub N N 119 
ARG NH1 HH11 sing N N 120 
ARG NH1 HH12 sing N N 121 
ARG NH2 HH21 sing N N 122 
ARG NH2 HH22 sing N N 123 
ARG OXT HXT  sing N N 124 
ASN N   CA   sing N N 125 
ASN N   H    sing N N 126 
ASN N   H2   sing N N 127 
ASN CA  C    sing N N 128 
ASN CA  CB   sing N N 129 
ASN CA  HA   sing N N 130 
ASN C   O    doub N N 131 
ASN C   OXT  sing N N 132 
ASN CB  CG   sing N N 133 
ASN CB  HB2  sing N N 134 
ASN CB  HB3  sing N N 135 
ASN CG  OD1  doub N N 136 
ASN CG  ND2  sing N N 137 
ASN ND2 HD21 sing N N 138 
ASN ND2 HD22 sing N N 139 
ASN OXT HXT  sing N N 140 
ASP N   CA   sing N N 141 
ASP N   H    sing N N 142 
ASP N   H2   sing N N 143 
ASP CA  C    sing N N 144 
ASP CA  CB   sing N N 145 
ASP CA  HA   sing N N 146 
ASP C   O    doub N N 147 
ASP C   OXT  sing N N 148 
ASP CB  CG   sing N N 149 
ASP CB  HB2  sing N N 150 
ASP CB  HB3  sing N N 151 
ASP CG  OD1  doub N N 152 
ASP CG  OD2  sing N N 153 
ASP OD2 HD2  sing N N 154 
ASP OXT HXT  sing N N 155 
CYS N   CA   sing N N 156 
CYS N   H    sing N N 157 
CYS N   H2   sing N N 158 
CYS CA  C    sing N N 159 
CYS CA  CB   sing N N 160 
CYS CA  HA   sing N N 161 
CYS C   O    doub N N 162 
CYS C   OXT  sing N N 163 
CYS CB  SG   sing N N 164 
CYS CB  HB2  sing N N 165 
CYS CB  HB3  sing N N 166 
CYS SG  HG   sing N N 167 
CYS OXT HXT  sing N N 168 
GLN N   CA   sing N N 169 
GLN N   H    sing N N 170 
GLN N   H2   sing N N 171 
GLN CA  C    sing N N 172 
GLN CA  CB   sing N N 173 
GLN CA  HA   sing N N 174 
GLN C   O    doub N N 175 
GLN C   OXT  sing N N 176 
GLN CB  CG   sing N N 177 
GLN CB  HB2  sing N N 178 
GLN CB  HB3  sing N N 179 
GLN CG  CD   sing N N 180 
GLN CG  HG2  sing N N 181 
GLN CG  HG3  sing N N 182 
GLN CD  OE1  doub N N 183 
GLN CD  NE2  sing N N 184 
GLN NE2 HE21 sing N N 185 
GLN NE2 HE22 sing N N 186 
GLN OXT HXT  sing N N 187 
GLU N   CA   sing N N 188 
GLU N   H    sing N N 189 
GLU N   H2   sing N N 190 
GLU CA  C    sing N N 191 
GLU CA  CB   sing N N 192 
GLU CA  HA   sing N N 193 
GLU C   O    doub N N 194 
GLU C   OXT  sing N N 195 
GLU CB  CG   sing N N 196 
GLU CB  HB2  sing N N 197 
GLU CB  HB3  sing N N 198 
GLU CG  CD   sing N N 199 
GLU CG  HG2  sing N N 200 
GLU CG  HG3  sing N N 201 
GLU CD  OE1  doub N N 202 
GLU CD  OE2  sing N N 203 
GLU OE2 HE2  sing N N 204 
GLU OXT HXT  sing N N 205 
GLY N   CA   sing N N 206 
GLY N   H    sing N N 207 
GLY N   H2   sing N N 208 
GLY CA  C    sing N N 209 
GLY CA  HA2  sing N N 210 
GLY CA  HA3  sing N N 211 
GLY C   O    doub N N 212 
GLY C   OXT  sing N N 213 
GLY OXT HXT  sing N N 214 
HIS N   CA   sing N N 215 
HIS N   H    sing N N 216 
HIS N   H2   sing N N 217 
HIS CA  C    sing N N 218 
HIS CA  CB   sing N N 219 
HIS CA  HA   sing N N 220 
HIS C   O    doub N N 221 
HIS C   OXT  sing N N 222 
HIS CB  CG   sing N N 223 
HIS CB  HB2  sing N N 224 
HIS CB  HB3  sing N N 225 
HIS CG  ND1  sing Y N 226 
HIS CG  CD2  doub Y N 227 
HIS ND1 CE1  doub Y N 228 
HIS ND1 HD1  sing N N 229 
HIS CD2 NE2  sing Y N 230 
HIS CD2 HD2  sing N N 231 
HIS CE1 NE2  sing Y N 232 
HIS CE1 HE1  sing N N 233 
HIS NE2 HE2  sing N N 234 
HIS OXT HXT  sing N N 235 
HOH O   H1   sing N N 236 
HOH O   H2   sing N N 237 
ILE N   CA   sing N N 238 
ILE N   H    sing N N 239 
ILE N   H2   sing N N 240 
ILE CA  C    sing N N 241 
ILE CA  CB   sing N N 242 
ILE CA  HA   sing N N 243 
ILE C   O    doub N N 244 
ILE C   OXT  sing N N 245 
ILE CB  CG1  sing N N 246 
ILE CB  CG2  sing N N 247 
ILE CB  HB   sing N N 248 
ILE CG1 CD1  sing N N 249 
ILE CG1 HG12 sing N N 250 
ILE CG1 HG13 sing N N 251 
ILE CG2 HG21 sing N N 252 
ILE CG2 HG22 sing N N 253 
ILE CG2 HG23 sing N N 254 
ILE CD1 HD11 sing N N 255 
ILE CD1 HD12 sing N N 256 
ILE CD1 HD13 sing N N 257 
ILE OXT HXT  sing N N 258 
LEU N   CA   sing N N 259 
LEU N   H    sing N N 260 
LEU N   H2   sing N N 261 
LEU CA  C    sing N N 262 
LEU CA  CB   sing N N 263 
LEU CA  HA   sing N N 264 
LEU C   O    doub N N 265 
LEU C   OXT  sing N N 266 
LEU CB  CG   sing N N 267 
LEU CB  HB2  sing N N 268 
LEU CB  HB3  sing N N 269 
LEU CG  CD1  sing N N 270 
LEU CG  CD2  sing N N 271 
LEU CG  HG   sing N N 272 
LEU CD1 HD11 sing N N 273 
LEU CD1 HD12 sing N N 274 
LEU CD1 HD13 sing N N 275 
LEU CD2 HD21 sing N N 276 
LEU CD2 HD22 sing N N 277 
LEU CD2 HD23 sing N N 278 
LEU OXT HXT  sing N N 279 
LYS N   CA   sing N N 280 
LYS N   H    sing N N 281 
LYS N   H2   sing N N 282 
LYS CA  C    sing N N 283 
LYS CA  CB   sing N N 284 
LYS CA  HA   sing N N 285 
LYS C   O    doub N N 286 
LYS C   OXT  sing N N 287 
LYS CB  CG   sing N N 288 
LYS CB  HB2  sing N N 289 
LYS CB  HB3  sing N N 290 
LYS CG  CD   sing N N 291 
LYS CG  HG2  sing N N 292 
LYS CG  HG3  sing N N 293 
LYS CD  CE   sing N N 294 
LYS CD  HD2  sing N N 295 
LYS CD  HD3  sing N N 296 
LYS CE  NZ   sing N N 297 
LYS CE  HE2  sing N N 298 
LYS CE  HE3  sing N N 299 
LYS NZ  HZ1  sing N N 300 
LYS NZ  HZ2  sing N N 301 
LYS NZ  HZ3  sing N N 302 
LYS OXT HXT  sing N N 303 
MET N   CA   sing N N 304 
MET N   H    sing N N 305 
MET N   H2   sing N N 306 
MET CA  C    sing N N 307 
MET CA  CB   sing N N 308 
MET CA  HA   sing N N 309 
MET C   O    doub N N 310 
MET C   OXT  sing N N 311 
MET CB  CG   sing N N 312 
MET CB  HB2  sing N N 313 
MET CB  HB3  sing N N 314 
MET CG  SD   sing N N 315 
MET CG  HG2  sing N N 316 
MET CG  HG3  sing N N 317 
MET SD  CE   sing N N 318 
MET CE  HE1  sing N N 319 
MET CE  HE2  sing N N 320 
MET CE  HE3  sing N N 321 
MET OXT HXT  sing N N 322 
PHE N   CA   sing N N 323 
PHE N   H    sing N N 324 
PHE N   H2   sing N N 325 
PHE CA  C    sing N N 326 
PHE CA  CB   sing N N 327 
PHE CA  HA   sing N N 328 
PHE C   O    doub N N 329 
PHE C   OXT  sing N N 330 
PHE CB  CG   sing N N 331 
PHE CB  HB2  sing N N 332 
PHE CB  HB3  sing N N 333 
PHE CG  CD1  doub Y N 334 
PHE CG  CD2  sing Y N 335 
PHE CD1 CE1  sing Y N 336 
PHE CD1 HD1  sing N N 337 
PHE CD2 CE2  doub Y N 338 
PHE CD2 HD2  sing N N 339 
PHE CE1 CZ   doub Y N 340 
PHE CE1 HE1  sing N N 341 
PHE CE2 CZ   sing Y N 342 
PHE CE2 HE2  sing N N 343 
PHE CZ  HZ   sing N N 344 
PHE OXT HXT  sing N N 345 
PRO N   CA   sing N N 346 
PRO N   CD   sing N N 347 
PRO N   H    sing N N 348 
PRO CA  C    sing N N 349 
PRO CA  CB   sing N N 350 
PRO CA  HA   sing N N 351 
PRO C   O    doub N N 352 
PRO C   OXT  sing N N 353 
PRO CB  CG   sing N N 354 
PRO CB  HB2  sing N N 355 
PRO CB  HB3  sing N N 356 
PRO CG  CD   sing N N 357 
PRO CG  HG2  sing N N 358 
PRO CG  HG3  sing N N 359 
PRO CD  HD2  sing N N 360 
PRO CD  HD3  sing N N 361 
PRO OXT HXT  sing N N 362 
SER N   CA   sing N N 363 
SER N   H    sing N N 364 
SER N   H2   sing N N 365 
SER CA  C    sing N N 366 
SER CA  CB   sing N N 367 
SER CA  HA   sing N N 368 
SER C   O    doub N N 369 
SER C   OXT  sing N N 370 
SER CB  OG   sing N N 371 
SER CB  HB2  sing N N 372 
SER CB  HB3  sing N N 373 
SER OG  HG   sing N N 374 
SER OXT HXT  sing N N 375 
SO4 S   O1   doub N N 376 
SO4 S   O2   doub N N 377 
SO4 S   O3   sing N N 378 
SO4 S   O4   sing N N 379 
THR N   CA   sing N N 380 
THR N   H    sing N N 381 
THR N   H2   sing N N 382 
THR CA  C    sing N N 383 
THR CA  CB   sing N N 384 
THR CA  HA   sing N N 385 
THR C   O    doub N N 386 
THR C   OXT  sing N N 387 
THR CB  OG1  sing N N 388 
THR CB  CG2  sing N N 389 
THR CB  HB   sing N N 390 
THR OG1 HG1  sing N N 391 
THR CG2 HG21 sing N N 392 
THR CG2 HG22 sing N N 393 
THR CG2 HG23 sing N N 394 
THR OXT HXT  sing N N 395 
TYR N   CA   sing N N 396 
TYR N   H    sing N N 397 
TYR N   H2   sing N N 398 
TYR CA  C    sing N N 399 
TYR CA  CB   sing N N 400 
TYR CA  HA   sing N N 401 
TYR C   O    doub N N 402 
TYR C   OXT  sing N N 403 
TYR CB  CG   sing N N 404 
TYR CB  HB2  sing N N 405 
TYR CB  HB3  sing N N 406 
TYR CG  CD1  doub Y N 407 
TYR CG  CD2  sing Y N 408 
TYR CD1 CE1  sing Y N 409 
TYR CD1 HD1  sing N N 410 
TYR CD2 CE2  doub Y N 411 
TYR CD2 HD2  sing N N 412 
TYR CE1 CZ   doub Y N 413 
TYR CE1 HE1  sing N N 414 
TYR CE2 CZ   sing Y N 415 
TYR CE2 HE2  sing N N 416 
TYR CZ  OH   sing N N 417 
TYR OH  HH   sing N N 418 
TYR OXT HXT  sing N N 419 
VAL N   CA   sing N N 420 
VAL N   H    sing N N 421 
VAL N   H2   sing N N 422 
VAL CA  C    sing N N 423 
VAL CA  CB   sing N N 424 
VAL CA  HA   sing N N 425 
VAL C   O    doub N N 426 
VAL C   OXT  sing N N 427 
VAL CB  CG1  sing N N 428 
VAL CB  CG2  sing N N 429 
VAL CB  HB   sing N N 430 
VAL CG1 HG11 sing N N 431 
VAL CG1 HG12 sing N N 432 
VAL CG1 HG13 sing N N 433 
VAL CG2 HG21 sing N N 434 
VAL CG2 HG22 sing N N 435 
VAL CG2 HG23 sing N N 436 
VAL OXT HXT  sing N N 437 
# 
loop_
_pdbx_entity_nonpoly.entity_id 
_pdbx_entity_nonpoly.name 
_pdbx_entity_nonpoly.comp_id 
2 
;(2-{[(3R,5R,6S)-1-[(1S)-2-(tert-butylsulfonyl)-1-cyclopropylethyl]-6-(4-chloro-3-fluorophenyl)-5-(3-chlorophenyl)-3-methyl-2-oxopiperidin-3-yl]methyl}-1,3-thiazol-5-yl)acetic acid
;
2U0 
3 'SULFATE ION' SO4 
4 water HOH 
# 
_pdbx_initial_refinement_model.id               1 
_pdbx_initial_refinement_model.entity_id_list   ? 
_pdbx_initial_refinement_model.type             'experimental model' 
_pdbx_initial_refinement_model.source_name      PDB 
_pdbx_initial_refinement_model.accession_code   4ERF 
_pdbx_initial_refinement_model.details          'PDB Entry 4ERF' 
# 
